data_2V4J
#
_entry.id   2V4J
#
_cell.length_a   65.410
_cell.length_b   118.900
_cell.length_c   132.240
_cell.angle_alpha   90.00
_cell.angle_beta   104.13
_cell.angle_gamma   90.00
#
_symmetry.space_group_name_H-M   'P 1 21 1'
#
loop_
_entity.id
_entity.type
_entity.pdbx_description
1 polymer 'SULFITE REDUCTASE, DISSIMILATORY-TYPE SUBUNIT ALPHA'
2 polymer 'SULFITE REDUCTASE, DISSIMILATORY-TYPE SUBUNIT BETA'
3 polymer 'SULFITE REDUCTASE, DISSIMILATORY-TYPE SUBUNIT GAMMA'
4 non-polymer 'IRON/SULFUR CLUSTER'
5 non-polymer "3,3',3'',3'''-[(1R,2S,3S,4S,7S,8S,11S,12S,13S,16S,19S)-3,8,13,17-tetrakis(carboxylatomethyl)-8,13-dimethyl-1,2,3,4,7,8,11,12,13,16,19,20,22,24-tetradecahydroporphyrin-2,7,12,18-tetrayl]tetrapropanoate"
6 non-polymer SIROHEME
7 non-polymer 'SULFITE ION'
8 water water
#
loop_
_entity_poly.entity_id
_entity_poly.type
_entity_poly.pdbx_seq_one_letter_code
_entity_poly.pdbx_strand_id
1 'polypeptide(L)'
;MAKHATPKLDQLESGPWPSFVSDIKQEAAYRAANPKGLDYQVPVDCPEDLLGVLELSYDEGETHWKHGGIVGVFGYGGGV
IGRYCDQPEKFPGVAHFHTVRVAQPSGKYYSADYLRQLCDIWDLRGSGLTNMHGSTGDIVLLGTQTPQLEEIFFELTHNL
NTDLGGSGSNLRTPESCLGKSRCEFACYDSQAACYELTMEYQDELHRPAFPYKFKFKFDACPNGCVASIARSDFSVIGTW
KDDIKIDAEAVKAYVAGEFKPNAGAHSGRDWGKFDIEAEVVNRCPSKCMKWDGSKLSIDNKECVRCMHCINTMPRALHIG
DERGASILCGAKAPILDGAQMGSLLVPFVAAEEPFDEIKEVVEKIWDWWMEEGKNRERLGETMKRLSFQKLLEVTEIAPV
PQHVKEPRTNPYIFFKEEEVPGGWDRDITEYRKRHLR
;
A,D
2 'polypeptide(L)'
;MAFISSGYNPEKPMANRITDIGPRKFDEFFPPVIAKNFGSWLYHEILEPGVLMHVAESGDKVYTVRVGAARLMSITHIRE
MCDIADKYCGGHLRFTTRNNVEFMVADEASLKALKEDLASRKFDGGSLKFPIGGTGAGVSNIVHTQGWVHCHTPATDASG
PVKAIMDEVFEDFQSMRLPAPVRISLACCINMCGAVHCSDIGVVGIHRKPPMIDHEWTDQLCEIPLAVASCPTAAVRPTK
LEIGDKKVNTIAIKNERCMYCGNCYTMCPALPISDGEGDGVVIMVGGKVSNRISMPKFSKVVVAYIPNEPPRWPSLTKTI
KHIIEVYSANAYKYERLGEWAERIGWERFFSLTGLEFSHHLIDDFRDPAYYTWRQSTQFKF
;
B,E
3 'polypeptide(L)'
;MAEVTYKGKSFEVDEDGFLLRFDDWCPEWVEYVKESEGISDISPDHQKIIDFLQDYYKKNGIAPMVRILSKNTGFKLKEV
YELFPSGPGKGACKMAGLPKPTGCV
;
C,F
#
loop_
_chem_comp.id
_chem_comp.type
_chem_comp.name
_chem_comp.formula
SF4 non-polymer 'IRON/SULFUR CLUSTER' 'Fe4 S4'
SH0 non-polymer 3,3',3'',3'''-[(1R,2S,3S,4S,7S,8S,11S,12S,13S,16S,19S)-3,8,13,17-tetrakis(carboxylatomethyl)-8,13-dimethyl-1,2,3,4,7,8,11,12,13,16,19,20,22,24-tetradecahydroporphyrin-2,7,12,18-tetrayl]tetrapropanoate 'C42 H52 N4 O16'
SO3 non-polymer 'SULFITE ION' 'O3 S -2'
SRM non-polymer SIROHEME 'C42 H44 Fe N4 O16'
#
# COMPACT_ATOMS: atom_id res chain seq x y z
N ALA A 2 41.28 -18.05 -28.59
CA ALA A 2 42.35 -18.50 -27.71
C ALA A 2 41.84 -19.63 -26.81
N LYS A 3 42.75 -20.42 -26.27
CA LYS A 3 42.37 -21.51 -25.38
C LYS A 3 42.79 -21.18 -23.96
N HIS A 4 41.83 -21.19 -23.05
CA HIS A 4 42.09 -20.86 -21.65
C HIS A 4 41.76 -22.03 -20.75
N ALA A 5 42.25 -21.94 -19.52
CA ALA A 5 41.96 -22.94 -18.49
C ALA A 5 40.64 -22.53 -17.84
N THR A 6 39.77 -23.49 -17.58
CA THR A 6 38.48 -23.18 -16.99
C THR A 6 38.12 -24.14 -15.88
N PRO A 7 38.96 -24.20 -14.83
CA PRO A 7 38.78 -25.12 -13.69
C PRO A 7 37.45 -24.94 -12.96
N LYS A 8 36.95 -23.72 -12.91
CA LYS A 8 35.67 -23.48 -12.22
C LYS A 8 34.52 -23.94 -13.10
N LEU A 9 34.46 -23.44 -14.33
CA LEU A 9 33.41 -23.83 -15.25
C LEU A 9 33.35 -25.35 -15.47
N ASP A 10 34.52 -26.00 -15.46
CA ASP A 10 34.59 -27.46 -15.63
C ASP A 10 33.76 -28.21 -14.60
N GLN A 11 33.59 -27.63 -13.43
CA GLN A 11 32.80 -28.27 -12.37
C GLN A 11 31.31 -28.25 -12.69
N LEU A 12 30.93 -27.44 -13.67
CA LEU A 12 29.53 -27.34 -14.06
C LEU A 12 29.22 -28.33 -15.20
N GLU A 13 30.16 -29.23 -15.46
CA GLU A 13 29.96 -30.26 -16.48
C GLU A 13 29.45 -31.54 -15.82
N SER A 14 29.63 -31.63 -14.50
CA SER A 14 29.13 -32.77 -13.75
C SER A 14 27.67 -32.51 -13.36
N GLY A 15 27.01 -33.48 -12.73
CA GLY A 15 25.62 -33.32 -12.36
C GLY A 15 24.70 -33.75 -13.49
N PRO A 16 23.42 -33.98 -13.18
CA PRO A 16 22.46 -34.47 -14.18
C PRO A 16 21.96 -33.45 -15.19
N TRP A 17 21.61 -32.27 -14.72
CA TRP A 17 21.06 -31.21 -15.56
C TRP A 17 21.97 -30.88 -16.75
N PRO A 18 21.38 -30.79 -17.96
CA PRO A 18 22.13 -30.50 -19.19
C PRO A 18 23.06 -29.30 -18.98
N SER A 19 24.34 -29.50 -19.26
CA SER A 19 25.35 -28.46 -19.00
C SER A 19 25.63 -27.50 -20.14
N PHE A 20 25.45 -26.21 -19.87
CA PHE A 20 25.71 -25.16 -20.88
C PHE A 20 27.19 -25.13 -21.21
N VAL A 21 28.03 -25.46 -20.23
CA VAL A 21 29.48 -25.50 -20.43
C VAL A 21 29.84 -26.60 -21.45
N SER A 22 29.35 -27.81 -21.19
CA SER A 22 29.58 -28.95 -22.08
C SER A 22 29.09 -28.60 -23.48
N ASP A 23 27.96 -27.92 -23.57
CA ASP A 23 27.40 -27.57 -24.87
C ASP A 23 28.22 -26.52 -25.60
N ILE A 24 28.70 -25.53 -24.85
CA ILE A 24 29.53 -24.49 -25.45
C ILE A 24 30.84 -25.10 -25.95
N LYS A 25 31.37 -26.04 -25.18
CA LYS A 25 32.61 -26.74 -25.54
C LYS A 25 32.44 -27.52 -26.84
N GLN A 26 31.31 -28.21 -26.97
CA GLN A 26 31.03 -28.98 -28.18
C GLN A 26 30.90 -28.08 -29.41
N GLU A 27 30.32 -26.90 -29.25
CA GLU A 27 30.21 -25.97 -30.36
C GLU A 27 31.61 -25.45 -30.71
N ALA A 28 32.43 -25.26 -29.70
CA ALA A 28 33.80 -24.79 -29.90
C ALA A 28 34.57 -25.84 -30.70
N ALA A 29 34.41 -27.10 -30.29
CA ALA A 29 35.05 -28.23 -30.95
C ALA A 29 34.54 -28.40 -32.37
N TYR A 30 33.25 -28.18 -32.59
CA TYR A 30 32.69 -28.32 -33.92
C TYR A 30 33.29 -27.27 -34.87
N ARG A 31 33.39 -26.02 -34.41
CA ARG A 31 33.94 -24.95 -35.23
C ARG A 31 35.42 -25.19 -35.56
N ALA A 32 36.16 -25.69 -34.58
CA ALA A 32 37.59 -25.96 -34.75
C ALA A 32 37.78 -27.05 -35.80
N ALA A 33 36.88 -28.03 -35.82
CA ALA A 33 36.91 -29.12 -36.79
C ALA A 33 36.42 -28.66 -38.16
N ASN A 34 35.41 -27.79 -38.17
CA ASN A 34 34.87 -27.22 -39.41
C ASN A 34 34.68 -28.28 -40.49
N PRO A 35 34.00 -29.38 -40.16
CA PRO A 35 33.75 -30.49 -41.09
C PRO A 35 33.09 -30.05 -42.40
N LYS A 36 32.55 -28.84 -42.45
CA LYS A 36 31.90 -28.33 -43.66
C LYS A 36 32.80 -27.37 -44.45
N GLY A 37 34.00 -27.13 -43.95
CA GLY A 37 34.91 -26.20 -44.63
C GLY A 37 34.25 -24.83 -44.80
N LEU A 38 33.64 -24.34 -43.73
CA LEU A 38 32.99 -23.03 -43.77
C LEU A 38 34.02 -21.92 -43.62
N ASP A 39 33.78 -20.78 -44.25
CA ASP A 39 34.68 -19.64 -44.10
C ASP A 39 34.08 -18.73 -43.02
N TYR A 40 34.33 -19.12 -41.76
CA TYR A 40 33.79 -18.40 -40.61
C TYR A 40 33.95 -16.88 -40.66
N GLN A 41 32.83 -16.16 -40.61
CA GLN A 41 32.84 -14.70 -40.68
C GLN A 41 33.32 -14.03 -39.40
N VAL A 42 33.25 -14.76 -38.29
CA VAL A 42 33.75 -14.25 -37.01
C VAL A 42 34.75 -15.26 -36.49
N PRO A 43 35.62 -14.86 -35.54
CA PRO A 43 36.65 -15.76 -35.02
C PRO A 43 36.14 -17.17 -34.71
N VAL A 44 36.87 -18.17 -35.21
CA VAL A 44 36.50 -19.56 -35.01
C VAL A 44 36.44 -19.87 -33.52
N ASP A 45 37.37 -19.28 -32.77
CA ASP A 45 37.49 -19.50 -31.33
C ASP A 45 36.54 -18.63 -30.50
N CYS A 46 35.58 -17.98 -31.16
CA CYS A 46 34.63 -17.12 -30.48
C CYS A 46 34.02 -17.72 -29.20
N PRO A 47 33.52 -18.97 -29.27
CA PRO A 47 32.89 -19.65 -28.14
C PRO A 47 33.90 -19.99 -27.04
N GLU A 48 35.14 -20.23 -27.43
CA GLU A 48 36.17 -20.54 -26.46
C GLU A 48 36.52 -19.28 -25.70
N ASP A 49 36.53 -18.15 -26.40
CA ASP A 49 36.85 -16.88 -25.77
C ASP A 49 35.75 -16.47 -24.80
N LEU A 50 34.49 -16.83 -25.15
CA LEU A 50 33.36 -16.55 -24.26
C LEU A 50 33.59 -17.31 -22.95
N LEU A 51 34.00 -18.58 -23.06
CA LEU A 51 34.27 -19.40 -21.88
C LEU A 51 35.44 -18.82 -21.10
N GLY A 52 36.38 -18.21 -21.81
CA GLY A 52 37.53 -17.59 -21.18
C GLY A 52 37.11 -16.39 -20.34
N VAL A 53 36.23 -15.57 -20.90
CA VAL A 53 35.72 -14.39 -20.18
C VAL A 53 34.88 -14.81 -18.99
N LEU A 54 34.02 -15.82 -19.19
CA LEU A 54 33.14 -16.30 -18.13
C LEU A 54 33.93 -16.83 -16.94
N GLU A 55 35.02 -17.55 -17.22
CA GLU A 55 35.87 -18.07 -16.15
C GLU A 55 36.45 -16.89 -15.36
N LEU A 56 36.88 -15.85 -16.07
CA LEU A 56 37.44 -14.67 -15.42
C LEU A 56 36.40 -14.03 -14.50
N SER A 57 35.20 -13.85 -15.02
CA SER A 57 34.11 -13.27 -14.23
C SER A 57 33.85 -14.13 -12.99
N TYR A 58 33.89 -15.45 -13.14
CA TYR A 58 33.71 -16.36 -12.01
C TYR A 58 34.83 -16.16 -10.98
N ASP A 59 36.04 -15.92 -11.47
CA ASP A 59 37.19 -15.70 -10.61
C ASP A 59 37.05 -14.41 -9.81
N GLU A 60 36.74 -13.32 -10.51
CA GLU A 60 36.62 -12.02 -9.87
C GLU A 60 35.24 -11.70 -9.32
N GLY A 61 34.22 -12.45 -9.73
CA GLY A 61 32.85 -12.22 -9.28
C GLY A 61 32.28 -10.90 -9.81
N GLU A 62 32.65 -10.54 -11.04
CA GLU A 62 32.19 -9.30 -11.65
C GLU A 62 32.08 -9.45 -13.16
N THR A 63 31.07 -8.82 -13.76
CA THR A 63 30.89 -8.88 -15.21
C THR A 63 32.06 -8.26 -15.97
N HIS A 64 32.32 -8.74 -17.18
CA HIS A 64 33.38 -8.17 -17.99
C HIS A 64 32.89 -7.63 -19.31
N TRP A 65 31.66 -7.11 -19.30
CA TRP A 65 31.10 -6.48 -20.49
C TRP A 65 31.03 -5.00 -20.24
N LYS A 66 31.49 -4.22 -21.21
CA LYS A 66 31.46 -2.76 -21.08
C LYS A 66 30.01 -2.32 -21.05
N HIS A 67 29.78 -1.10 -20.57
CA HIS A 67 28.44 -0.56 -20.44
C HIS A 67 27.78 -0.29 -21.79
N GLY A 68 26.54 -0.77 -21.92
CA GLY A 68 25.69 -0.56 -23.08
C GLY A 68 26.22 -0.99 -24.44
N GLY A 69 25.87 -0.21 -25.45
CA GLY A 69 26.26 -0.47 -26.83
C GLY A 69 25.13 -0.11 -27.77
N ILE A 70 25.45 0.59 -28.83
CA ILE A 70 24.44 1.02 -29.79
C ILE A 70 24.76 0.56 -31.22
N VAL A 71 24.27 -0.62 -31.59
CA VAL A 71 24.43 -1.13 -32.95
C VAL A 71 23.04 -1.45 -33.47
N GLY A 72 22.91 -1.63 -34.78
CA GLY A 72 21.62 -1.92 -35.36
C GLY A 72 21.65 -2.19 -36.85
N VAL A 73 20.47 -2.18 -37.46
CA VAL A 73 20.28 -2.46 -38.88
C VAL A 73 19.50 -1.29 -39.49
N PHE A 74 19.93 -0.80 -40.65
CA PHE A 74 19.27 0.33 -41.29
C PHE A 74 17.75 0.14 -41.40
N GLY A 75 17.00 1.22 -41.18
CA GLY A 75 15.55 1.19 -41.26
C GLY A 75 14.88 0.88 -39.94
N TYR A 76 15.62 0.28 -39.01
CA TYR A 76 15.09 -0.08 -37.70
C TYR A 76 15.77 0.72 -36.60
N GLY A 77 15.09 0.87 -35.47
CA GLY A 77 15.63 1.59 -34.33
C GLY A 77 16.07 0.66 -33.21
N GLY A 78 15.71 -0.62 -33.31
CA GLY A 78 16.05 -1.60 -32.31
C GLY A 78 16.11 -2.99 -32.91
N GLY A 79 16.32 -4.00 -32.08
CA GLY A 79 16.38 -5.39 -32.53
C GLY A 79 17.73 -6.04 -32.30
N VAL A 80 18.76 -5.22 -32.12
CA VAL A 80 20.12 -5.73 -31.87
C VAL A 80 20.68 -5.15 -30.59
N ILE A 81 21.15 -6.04 -29.71
CA ILE A 81 21.75 -5.64 -28.43
C ILE A 81 23.28 -5.71 -28.53
N GLY A 82 23.91 -4.59 -28.84
CA GLY A 82 25.36 -4.54 -28.94
C GLY A 82 26.02 -4.78 -27.60
N ARG A 83 27.20 -5.37 -27.62
CA ARG A 83 27.96 -5.63 -26.40
C ARG A 83 29.45 -5.79 -26.70
N TYR A 84 30.30 -5.22 -25.85
CA TYR A 84 31.74 -5.26 -26.07
C TYR A 84 32.47 -5.72 -24.81
N CYS A 85 33.40 -6.65 -24.96
CA CYS A 85 34.17 -7.16 -23.83
C CYS A 85 35.04 -6.04 -23.26
N ASP A 86 35.19 -6.00 -21.95
CA ASP A 86 36.02 -4.96 -21.34
C ASP A 86 37.52 -5.25 -21.34
N GLN A 87 37.90 -6.40 -21.92
CA GLN A 87 39.29 -6.82 -22.06
C GLN A 87 39.43 -7.52 -23.40
N PRO A 88 39.18 -6.79 -24.49
CA PRO A 88 39.17 -7.17 -25.91
C PRO A 88 40.47 -7.79 -26.42
N GLU A 89 41.59 -7.46 -25.81
CA GLU A 89 42.86 -8.02 -26.26
C GLU A 89 43.03 -9.40 -25.65
N LYS A 90 42.57 -9.55 -24.41
CA LYS A 90 42.66 -10.83 -23.73
C LYS A 90 41.70 -11.85 -24.35
N PHE A 91 40.54 -11.37 -24.80
CA PHE A 91 39.52 -12.24 -25.40
C PHE A 91 38.95 -11.62 -26.69
N PRO A 92 39.78 -11.53 -27.75
CA PRO A 92 39.46 -10.96 -29.06
C PRO A 92 38.27 -11.63 -29.76
N GLY A 93 38.02 -12.89 -29.44
CA GLY A 93 36.91 -13.62 -30.03
C GLY A 93 35.57 -13.01 -29.67
N VAL A 94 35.51 -12.36 -28.51
CA VAL A 94 34.30 -11.70 -28.05
C VAL A 94 34.48 -10.17 -27.86
N ALA A 95 35.39 -9.58 -28.61
CA ALA A 95 35.60 -8.12 -28.53
C ALA A 95 34.26 -7.48 -28.90
N HIS A 96 33.60 -8.05 -29.91
CA HIS A 96 32.24 -7.66 -30.32
C HIS A 96 31.42 -8.91 -30.05
N PHE A 97 30.36 -8.80 -29.26
CA PHE A 97 29.54 -9.96 -28.93
C PHE A 97 28.06 -9.59 -28.93
N HIS A 98 27.62 -9.00 -30.02
CA HIS A 98 26.24 -8.55 -30.16
C HIS A 98 25.21 -9.68 -30.19
N THR A 99 24.02 -9.37 -29.71
CA THR A 99 22.94 -10.32 -29.69
C THR A 99 21.91 -9.87 -30.69
N VAL A 100 21.39 -10.79 -31.49
CA VAL A 100 20.36 -10.46 -32.46
C VAL A 100 19.04 -11.12 -32.04
N ARG A 101 18.00 -10.31 -31.89
CA ARG A 101 16.69 -10.82 -31.50
C ARG A 101 15.89 -11.10 -32.77
N VAL A 102 15.46 -12.37 -32.91
CA VAL A 102 14.71 -12.81 -34.09
C VAL A 102 13.27 -13.18 -33.74
N ALA A 103 12.33 -12.65 -34.52
CA ALA A 103 10.90 -12.90 -34.30
C ALA A 103 10.55 -14.38 -34.41
N GLN A 104 9.89 -14.89 -33.38
CA GLN A 104 9.52 -16.30 -33.29
C GLN A 104 8.03 -16.51 -33.56
N PRO A 105 7.64 -17.74 -33.90
CA PRO A 105 6.21 -17.98 -34.10
C PRO A 105 5.51 -18.08 -32.75
N SER A 106 4.28 -17.58 -32.66
CA SER A 106 3.52 -17.59 -31.40
C SER A 106 3.33 -19.00 -30.86
N GLY A 107 3.80 -19.25 -29.64
CA GLY A 107 3.69 -20.58 -29.07
C GLY A 107 4.91 -21.43 -29.41
N LYS A 108 5.79 -20.88 -30.24
CA LYS A 108 7.07 -21.53 -30.57
C LYS A 108 7.01 -22.96 -31.15
N TYR A 109 6.13 -23.20 -32.11
CA TYR A 109 6.07 -24.50 -32.80
C TYR A 109 6.99 -24.36 -34.01
N TYR A 110 7.97 -25.25 -34.13
CA TYR A 110 8.94 -25.20 -35.22
C TYR A 110 8.98 -26.47 -36.05
N SER A 111 9.66 -26.38 -37.18
CA SER A 111 9.92 -27.55 -38.01
C SER A 111 11.43 -27.67 -37.99
N ALA A 112 11.92 -28.90 -38.09
CA ALA A 112 13.36 -29.17 -38.10
C ALA A 112 14.02 -28.46 -39.27
N ASP A 113 13.31 -28.35 -40.39
CA ASP A 113 13.87 -27.70 -41.57
C ASP A 113 14.08 -26.20 -41.36
N TYR A 114 13.06 -25.55 -40.78
CA TYR A 114 13.16 -24.12 -40.50
C TYR A 114 14.35 -23.85 -39.57
N LEU A 115 14.45 -24.62 -38.50
CA LEU A 115 15.54 -24.41 -37.55
C LEU A 115 16.92 -24.63 -38.16
N ARG A 116 17.04 -25.62 -39.03
CA ARG A 116 18.31 -25.92 -39.70
C ARG A 116 18.79 -24.78 -40.56
N GLN A 117 17.88 -24.18 -41.31
CA GLN A 117 18.19 -23.01 -42.13
C GLN A 117 18.68 -21.86 -41.25
N LEU A 118 18.01 -21.66 -40.12
CA LEU A 118 18.41 -20.61 -39.19
C LEU A 118 19.83 -20.87 -38.69
N CYS A 119 20.09 -22.11 -38.27
CA CYS A 119 21.41 -22.50 -37.78
C CYS A 119 22.50 -22.30 -38.83
N ASP A 120 22.16 -22.60 -40.09
CA ASP A 120 23.11 -22.45 -41.18
C ASP A 120 23.54 -21.00 -41.30
N ILE A 121 22.57 -20.10 -41.16
CA ILE A 121 22.86 -18.67 -41.23
C ILE A 121 23.81 -18.27 -40.10
N TRP A 122 23.46 -18.65 -38.87
CA TRP A 122 24.23 -18.30 -37.68
C TRP A 122 25.59 -18.96 -37.61
N ASP A 123 25.71 -20.15 -38.20
CA ASP A 123 26.96 -20.90 -38.22
C ASP A 123 28.09 -20.06 -38.87
N LEU A 124 27.79 -19.53 -40.04
CA LEU A 124 28.76 -18.78 -40.82
C LEU A 124 29.03 -17.35 -40.31
N ARG A 125 27.99 -16.66 -39.87
CA ARG A 125 28.14 -15.26 -39.44
C ARG A 125 28.03 -15.00 -37.95
N GLY A 126 27.82 -16.05 -37.17
CA GLY A 126 27.70 -15.91 -35.72
C GLY A 126 28.69 -16.75 -34.94
N SER A 127 28.46 -16.84 -33.63
CA SER A 127 29.32 -17.60 -32.74
C SER A 127 28.91 -19.08 -32.66
N GLY A 128 27.70 -19.37 -33.13
CA GLY A 128 27.15 -20.71 -33.05
C GLY A 128 26.35 -20.91 -31.76
N LEU A 129 26.27 -19.86 -30.96
CA LEU A 129 25.54 -19.93 -29.68
C LEU A 129 24.22 -19.15 -29.72
N THR A 130 23.24 -19.61 -28.96
CA THR A 130 21.93 -18.97 -28.96
C THR A 130 21.28 -18.94 -27.58
N ASN A 131 20.04 -18.46 -27.57
CA ASN A 131 19.17 -18.48 -26.40
C ASN A 131 17.81 -18.88 -26.96
N MET A 132 17.31 -20.03 -26.52
CA MET A 132 16.01 -20.48 -26.97
C MET A 132 15.12 -20.69 -25.75
N HIS A 133 14.38 -19.65 -25.35
CA HIS A 133 14.36 -18.35 -26.03
C HIS A 133 14.57 -17.22 -25.01
N GLY A 134 14.54 -15.97 -25.47
CA GLY A 134 14.62 -14.82 -24.57
C GLY A 134 13.34 -14.80 -23.72
N SER A 135 13.39 -14.18 -22.55
CA SER A 135 12.22 -14.12 -21.67
C SER A 135 11.00 -13.45 -22.30
N THR A 136 11.24 -12.59 -23.28
CA THR A 136 10.15 -11.94 -23.99
C THR A 136 9.57 -12.81 -25.12
N GLY A 137 10.30 -13.85 -25.52
CA GLY A 137 9.86 -14.77 -26.55
C GLY A 137 10.75 -14.86 -27.78
N ASP A 138 11.61 -13.87 -27.96
CA ASP A 138 12.49 -13.84 -29.13
C ASP A 138 13.49 -14.98 -29.23
N ILE A 139 13.82 -15.35 -30.46
CA ILE A 139 14.88 -16.30 -30.71
C ILE A 139 16.08 -15.41 -30.50
N VAL A 140 17.10 -15.89 -29.80
CA VAL A 140 18.28 -15.06 -29.56
C VAL A 140 19.53 -15.65 -30.19
N LEU A 141 20.16 -14.90 -31.08
CA LEU A 141 21.43 -15.30 -31.69
C LEU A 141 22.51 -14.58 -30.89
N LEU A 142 23.18 -15.35 -30.02
CA LEU A 142 24.17 -14.83 -29.08
C LEU A 142 25.62 -14.66 -29.55
N GLY A 143 25.98 -13.45 -29.99
CA GLY A 143 27.36 -13.16 -30.33
C GLY A 143 27.79 -13.09 -31.79
N THR A 144 28.07 -11.87 -32.24
CA THR A 144 28.56 -11.64 -33.59
C THR A 144 29.25 -10.28 -33.64
N GLN A 145 29.73 -9.90 -34.82
CA GLN A 145 30.40 -8.61 -34.99
C GLN A 145 29.55 -7.65 -35.79
N THR A 146 29.76 -6.34 -35.60
CA THR A 146 28.94 -5.35 -36.27
C THR A 146 28.87 -5.42 -37.78
N PRO A 147 29.98 -5.82 -38.43
CA PRO A 147 29.92 -5.91 -39.90
C PRO A 147 28.98 -7.01 -40.39
N GLN A 148 28.73 -8.00 -39.54
CA GLN A 148 27.86 -9.11 -39.90
C GLN A 148 26.37 -8.79 -39.76
N LEU A 149 26.06 -7.76 -38.97
CA LEU A 149 24.69 -7.35 -38.71
C LEU A 149 23.80 -7.22 -39.95
N GLU A 150 24.23 -6.40 -40.90
CA GLU A 150 23.46 -6.21 -42.13
C GLU A 150 23.41 -7.47 -42.97
N GLU A 151 24.46 -8.29 -42.88
CA GLU A 151 24.55 -9.54 -43.64
C GLU A 151 23.54 -10.57 -43.13
N ILE A 152 23.44 -10.66 -41.81
CA ILE A 152 22.50 -11.58 -41.18
C ILE A 152 21.06 -11.14 -41.47
N PHE A 153 20.81 -9.84 -41.31
CA PHE A 153 19.47 -9.33 -41.55
C PHE A 153 19.04 -9.67 -42.97
N PHE A 154 19.93 -9.43 -43.92
CA PHE A 154 19.63 -9.72 -45.33
C PHE A 154 19.25 -11.19 -45.52
N GLU A 155 20.04 -12.08 -44.92
CA GLU A 155 19.78 -13.51 -45.03
C GLU A 155 18.50 -13.93 -44.32
N LEU A 156 18.22 -13.28 -43.19
CA LEU A 156 17.04 -13.57 -42.40
C LEU A 156 15.77 -13.21 -43.20
N THR A 157 15.75 -12.00 -43.75
CA THR A 157 14.58 -11.51 -44.49
C THR A 157 14.42 -12.15 -45.86
N HIS A 158 15.54 -12.32 -46.57
CA HIS A 158 15.50 -12.89 -47.92
C HIS A 158 15.43 -14.41 -48.00
N ASN A 159 16.20 -15.09 -47.15
CA ASN A 159 16.25 -16.56 -47.13
C ASN A 159 15.29 -17.20 -46.12
N LEU A 160 15.38 -16.78 -44.86
CA LEU A 160 14.54 -17.34 -43.80
C LEU A 160 13.13 -16.75 -43.74
N ASN A 161 12.92 -15.65 -44.46
CA ASN A 161 11.63 -14.94 -44.46
C ASN A 161 11.21 -14.66 -43.01
N THR A 162 12.19 -14.24 -42.20
CA THR A 162 11.94 -13.93 -40.81
C THR A 162 12.50 -12.54 -40.43
N ASP A 163 11.74 -11.80 -39.62
CA ASP A 163 12.12 -10.45 -39.21
C ASP A 163 12.89 -10.45 -37.89
N LEU A 164 13.30 -9.26 -37.46
CA LEU A 164 13.97 -9.08 -36.17
C LEU A 164 12.87 -8.82 -35.14
N GLY A 165 13.20 -9.06 -33.87
CA GLY A 165 12.29 -8.79 -32.76
C GLY A 165 12.51 -7.37 -32.28
N GLY A 166 11.87 -6.97 -31.19
CA GLY A 166 12.00 -5.61 -30.69
C GLY A 166 12.94 -5.39 -29.51
N SER A 167 13.41 -4.15 -29.38
CA SER A 167 14.26 -3.70 -28.27
C SER A 167 14.14 -2.17 -28.18
N GLY A 168 14.39 -1.62 -26.99
CA GLY A 168 14.31 -0.17 -26.78
C GLY A 168 12.96 0.30 -26.27
N SER A 169 12.65 1.58 -26.50
CA SER A 169 11.39 2.18 -26.06
C SER A 169 10.34 2.01 -27.15
N ASN A 170 9.95 0.76 -27.36
CA ASN A 170 9.03 0.43 -28.42
C ASN A 170 8.12 -0.69 -27.97
N LEU A 171 7.37 -1.23 -28.93
CA LEU A 171 6.53 -2.38 -28.70
C LEU A 171 7.46 -3.58 -28.87
N ARG A 172 7.68 -4.31 -27.78
CA ARG A 172 8.53 -5.49 -27.83
C ARG A 172 7.80 -6.66 -28.46
N THR A 173 8.53 -7.74 -28.70
CA THR A 173 7.93 -8.96 -29.28
C THR A 173 6.82 -9.51 -28.40
N PRO A 174 5.60 -9.65 -28.96
CA PRO A 174 4.49 -10.21 -28.17
C PRO A 174 4.63 -11.73 -28.09
N GLU A 175 4.05 -12.34 -27.07
CA GLU A 175 4.05 -13.80 -26.97
C GLU A 175 2.74 -14.29 -26.37
N SER A 176 2.43 -15.56 -26.59
CA SER A 176 1.19 -16.13 -26.07
C SER A 176 1.45 -17.52 -25.48
N CYS A 177 0.43 -18.05 -24.80
CA CYS A 177 0.47 -19.41 -24.30
C CYS A 177 0.20 -20.26 -25.52
N LEU A 178 0.29 -21.58 -25.41
CA LEU A 178 0.03 -22.42 -26.58
C LEU A 178 -1.44 -22.42 -27.04
N GLY A 179 -2.32 -21.96 -26.15
CA GLY A 179 -3.73 -21.82 -26.45
C GLY A 179 -4.47 -23.00 -27.07
N LYS A 180 -5.27 -22.69 -28.09
CA LYS A 180 -6.11 -23.68 -28.76
C LYS A 180 -5.31 -24.80 -29.43
N SER A 181 -4.03 -24.55 -29.65
CA SER A 181 -3.18 -25.56 -30.28
C SER A 181 -3.12 -26.89 -29.52
N ARG A 182 -3.18 -26.86 -28.18
CA ARG A 182 -3.07 -28.10 -27.40
C ARG A 182 -3.51 -27.96 -25.95
N CYS A 183 -4.66 -27.36 -25.74
CA CYS A 183 -5.19 -27.17 -24.40
C CYS A 183 -6.72 -27.07 -24.45
N GLU A 184 -7.40 -27.81 -23.56
CA GLU A 184 -8.87 -27.80 -23.45
C GLU A 184 -9.40 -26.60 -22.70
N PHE A 185 -8.50 -25.80 -22.12
CA PHE A 185 -8.93 -24.65 -21.30
C PHE A 185 -9.01 -23.33 -22.06
N ALA A 186 -8.46 -23.32 -23.28
CA ALA A 186 -8.38 -22.12 -24.09
C ALA A 186 -9.71 -21.46 -24.42
N CYS A 187 -9.89 -20.22 -23.95
CA CYS A 187 -11.12 -19.46 -24.17
C CYS A 187 -11.11 -18.68 -25.48
N TYR A 188 -9.93 -18.46 -26.05
CA TYR A 188 -9.81 -17.75 -27.33
C TYR A 188 -8.48 -18.11 -28.00
N ASP A 189 -8.35 -17.79 -29.28
CA ASP A 189 -7.13 -18.09 -30.02
C ASP A 189 -5.99 -17.12 -29.63
N SER A 190 -5.31 -17.42 -28.53
CA SER A 190 -4.23 -16.56 -28.06
C SER A 190 -3.07 -16.43 -29.05
N GLN A 191 -2.78 -17.51 -29.75
CA GLN A 191 -1.69 -17.49 -30.74
C GLN A 191 -2.03 -16.57 -31.91
N ALA A 192 -3.28 -16.61 -32.36
CA ALA A 192 -3.71 -15.79 -33.50
C ALA A 192 -3.77 -14.31 -33.12
N ALA A 193 -4.24 -14.04 -31.91
CA ALA A 193 -4.29 -12.67 -31.42
C ALA A 193 -2.86 -12.13 -31.38
N CYS A 194 -1.96 -12.92 -30.82
CA CYS A 194 -0.55 -12.53 -30.71
C CYS A 194 0.07 -12.27 -32.08
N TYR A 195 -0.12 -13.17 -33.02
CA TYR A 195 0.42 -12.98 -34.36
C TYR A 195 -0.23 -11.78 -35.05
N GLU A 196 -1.55 -11.69 -34.93
CA GLU A 196 -2.29 -10.58 -35.55
C GLU A 196 -1.80 -9.21 -35.10
N LEU A 197 -1.70 -9.03 -33.77
CA LEU A 197 -1.24 -7.76 -33.23
C LEU A 197 0.24 -7.52 -33.52
N THR A 198 1.01 -8.60 -33.60
CA THR A 198 2.43 -8.49 -33.93
C THR A 198 2.56 -7.88 -35.32
N MET A 199 1.72 -8.33 -36.24
CA MET A 199 1.77 -7.87 -37.62
C MET A 199 1.17 -6.48 -37.73
N GLU A 200 0.12 -6.24 -36.97
CA GLU A 200 -0.55 -4.96 -36.99
C GLU A 200 0.38 -3.82 -36.61
N TYR A 201 1.23 -4.06 -35.60
CA TYR A 201 2.10 -3.01 -35.08
C TYR A 201 3.59 -3.17 -35.37
N GLN A 202 3.90 -3.60 -36.59
CA GLN A 202 5.27 -3.79 -37.01
C GLN A 202 6.08 -2.50 -36.92
N ASP A 203 5.46 -1.38 -37.28
CA ASP A 203 6.12 -0.09 -37.24
C ASP A 203 6.53 0.34 -35.82
N GLU A 204 5.61 0.15 -34.87
CA GLU A 204 5.84 0.52 -33.47
C GLU A 204 6.88 -0.38 -32.84
N LEU A 205 7.03 -1.59 -33.39
CA LEU A 205 7.98 -2.56 -32.86
C LEU A 205 9.40 -2.29 -33.35
N HIS A 206 9.53 -1.99 -34.64
CA HIS A 206 10.83 -1.75 -35.26
C HIS A 206 11.39 -0.35 -35.07
N ARG A 207 10.50 0.63 -34.94
CA ARG A 207 10.93 2.01 -34.78
C ARG A 207 10.39 2.66 -33.52
N PRO A 208 11.17 2.64 -32.43
CA PRO A 208 10.80 3.16 -31.11
C PRO A 208 10.21 4.56 -31.17
N ALA A 209 8.95 4.69 -30.75
CA ALA A 209 8.27 5.98 -30.75
C ALA A 209 7.61 6.23 -29.41
N PHE A 210 7.87 5.33 -28.46
CA PHE A 210 7.25 5.41 -27.13
C PHE A 210 8.12 6.09 -26.08
N PRO A 211 7.51 6.47 -24.93
CA PRO A 211 8.25 7.06 -23.80
C PRO A 211 9.14 6.02 -23.17
N TYR A 212 8.76 4.76 -23.35
CA TYR A 212 9.49 3.65 -22.76
C TYR A 212 9.04 2.39 -23.48
N LYS A 213 9.48 1.24 -22.99
CA LYS A 213 9.10 -0.04 -23.58
C LYS A 213 7.63 -0.35 -23.28
N PHE A 214 7.05 -1.21 -24.10
CA PHE A 214 5.65 -1.64 -23.96
C PHE A 214 5.54 -3.09 -24.46
N LYS A 215 4.89 -3.95 -23.68
CA LYS A 215 4.76 -5.37 -24.04
C LYS A 215 3.32 -5.85 -24.08
N PHE A 216 3.05 -6.83 -24.96
CA PHE A 216 1.75 -7.49 -25.06
C PHE A 216 2.02 -8.95 -24.73
N LYS A 217 1.13 -9.58 -23.97
CA LYS A 217 1.20 -11.02 -23.73
C LYS A 217 -0.22 -11.57 -23.71
N PHE A 218 -0.41 -12.75 -24.29
CA PHE A 218 -1.74 -13.35 -24.41
C PHE A 218 -1.88 -14.72 -23.74
N ASP A 219 -2.72 -14.79 -22.72
CA ASP A 219 -3.03 -16.03 -22.02
C ASP A 219 -4.46 -16.42 -22.39
N ALA A 220 -4.66 -17.66 -22.82
CA ALA A 220 -6.00 -18.12 -23.21
C ALA A 220 -6.94 -18.45 -22.07
N CYS A 221 -6.44 -18.46 -20.84
CA CYS A 221 -7.26 -18.68 -19.64
C CYS A 221 -6.54 -18.07 -18.44
N PRO A 222 -7.20 -18.04 -17.27
CA PRO A 222 -6.62 -17.44 -16.06
C PRO A 222 -5.39 -18.15 -15.49
N ASN A 223 -5.11 -19.35 -15.98
CA ASN A 223 -3.95 -20.10 -15.50
C ASN A 223 -2.63 -19.34 -15.75
N GLY A 224 -2.62 -18.52 -16.79
CA GLY A 224 -1.52 -17.64 -17.14
C GLY A 224 -0.21 -18.29 -17.51
N CYS A 225 -0.24 -19.14 -18.54
CA CYS A 225 0.95 -19.84 -19.01
C CYS A 225 2.07 -18.98 -19.65
N VAL A 226 1.75 -17.75 -20.09
CA VAL A 226 2.77 -16.80 -20.57
C VAL A 226 3.01 -15.75 -19.50
N ALA A 227 2.27 -15.81 -18.39
CA ALA A 227 2.40 -14.85 -17.31
C ALA A 227 2.17 -13.41 -17.76
N SER A 228 1.14 -13.20 -18.58
CA SER A 228 0.83 -11.87 -19.08
C SER A 228 0.50 -10.87 -17.96
N ILE A 229 -0.11 -11.35 -16.88
CA ILE A 229 -0.49 -10.47 -15.78
C ILE A 229 0.72 -9.90 -15.02
N ALA A 230 1.87 -10.54 -15.19
CA ALA A 230 3.08 -10.11 -14.49
C ALA A 230 4.16 -9.54 -15.39
N ARG A 231 4.13 -9.90 -16.67
CA ARG A 231 5.18 -9.56 -17.59
C ARG A 231 4.81 -8.84 -18.89
N SER A 232 3.64 -8.20 -18.91
CA SER A 232 3.24 -7.40 -20.06
C SER A 232 2.48 -6.17 -19.59
N ASP A 233 2.68 -5.05 -20.27
CA ASP A 233 2.00 -3.79 -19.92
C ASP A 233 0.53 -3.92 -20.30
N PHE A 234 0.27 -4.77 -21.28
CA PHE A 234 -1.08 -4.97 -21.80
C PHE A 234 -1.33 -6.47 -21.85
N SER A 235 -2.04 -6.96 -20.86
CA SER A 235 -2.31 -8.39 -20.69
C SER A 235 -3.73 -8.78 -21.13
N VAL A 236 -3.83 -9.82 -21.96
CA VAL A 236 -5.13 -10.28 -22.43
C VAL A 236 -5.36 -11.70 -21.94
N ILE A 237 -6.23 -11.86 -20.95
CA ILE A 237 -6.48 -13.14 -20.32
C ILE A 237 -7.87 -13.69 -20.60
N GLY A 238 -7.91 -14.87 -21.23
CA GLY A 238 -9.16 -15.51 -21.61
C GLY A 238 -10.11 -15.89 -20.51
N THR A 239 -11.40 -15.88 -20.84
CA THR A 239 -12.42 -16.22 -19.86
C THR A 239 -13.77 -16.52 -20.52
N TRP A 240 -14.77 -16.81 -19.70
CA TRP A 240 -16.12 -17.11 -20.19
C TRP A 240 -17.11 -16.35 -19.33
N LYS A 241 -18.29 -16.08 -19.89
CA LYS A 241 -19.31 -15.29 -19.20
C LYS A 241 -20.45 -16.15 -18.64
N ASP A 242 -20.67 -17.33 -19.22
CA ASP A 242 -21.75 -18.22 -18.81
C ASP A 242 -21.33 -19.27 -17.78
N ASP A 243 -22.05 -20.39 -17.76
CA ASP A 243 -21.81 -21.46 -16.79
C ASP A 243 -20.72 -22.44 -17.16
N ILE A 244 -20.11 -23.01 -16.13
CA ILE A 244 -19.09 -24.06 -16.31
C ILE A 244 -19.87 -25.31 -16.72
N LYS A 245 -19.35 -26.05 -17.69
CA LYS A 245 -20.01 -27.27 -18.15
C LYS A 245 -19.66 -28.43 -17.23
N ILE A 246 -20.70 -29.14 -16.78
CA ILE A 246 -20.55 -30.26 -15.85
C ILE A 246 -20.99 -31.59 -16.44
N ASP A 247 -20.05 -32.54 -16.55
CA ASP A 247 -20.36 -33.87 -17.06
C ASP A 247 -20.63 -34.76 -15.85
N ALA A 248 -21.91 -35.00 -15.58
CA ALA A 248 -22.34 -35.78 -14.42
C ALA A 248 -21.68 -37.14 -14.30
N GLU A 249 -21.65 -37.88 -15.40
CA GLU A 249 -21.03 -39.20 -15.36
C GLU A 249 -19.54 -39.07 -15.10
N ALA A 250 -18.93 -38.07 -15.71
CA ALA A 250 -17.50 -37.81 -15.54
C ALA A 250 -17.15 -37.53 -14.08
N VAL A 251 -17.98 -36.75 -13.39
CA VAL A 251 -17.69 -36.45 -11.98
C VAL A 251 -17.79 -37.70 -11.10
N LYS A 252 -18.76 -38.55 -11.42
CA LYS A 252 -18.94 -39.79 -10.68
C LYS A 252 -17.67 -40.62 -10.87
N ALA A 253 -17.14 -40.59 -12.08
CA ALA A 253 -15.92 -41.34 -12.41
C ALA A 253 -14.71 -40.83 -11.63
N TYR A 254 -14.69 -39.53 -11.30
CA TYR A 254 -13.62 -38.94 -10.51
C TYR A 254 -13.83 -39.43 -9.08
N VAL A 255 -15.07 -39.32 -8.62
CA VAL A 255 -15.41 -39.74 -7.27
C VAL A 255 -15.14 -41.24 -7.09
N ALA A 256 -15.39 -42.01 -8.13
CA ALA A 256 -15.18 -43.45 -8.10
C ALA A 256 -13.70 -43.80 -8.14
N GLY A 257 -12.87 -42.85 -8.53
CA GLY A 257 -11.43 -43.09 -8.62
C GLY A 257 -10.97 -43.59 -9.97
N GLU A 258 -11.87 -43.57 -10.95
CA GLU A 258 -11.53 -44.00 -12.30
C GLU A 258 -10.68 -42.93 -12.99
N PHE A 259 -11.04 -41.67 -12.77
CA PHE A 259 -10.32 -40.53 -13.34
C PHE A 259 -9.39 -39.95 -12.29
N LYS A 260 -8.17 -39.61 -12.71
CA LYS A 260 -7.18 -39.07 -11.80
C LYS A 260 -7.34 -37.56 -11.56
N PRO A 261 -7.30 -37.14 -10.29
CA PRO A 261 -7.41 -35.74 -9.87
C PRO A 261 -6.27 -34.90 -10.48
N ASN A 262 -6.62 -33.78 -11.09
CA ASN A 262 -5.64 -32.89 -11.70
C ASN A 262 -4.84 -33.64 -12.77
N ALA A 263 -5.51 -34.57 -13.45
CA ALA A 263 -4.89 -35.36 -14.52
C ALA A 263 -3.64 -36.13 -14.07
N GLY A 264 -3.51 -36.35 -12.77
CA GLY A 264 -2.37 -37.10 -12.25
C GLY A 264 -1.18 -36.24 -11.93
N ALA A 265 -1.40 -34.93 -11.77
CA ALA A 265 -0.33 -33.98 -11.47
C ALA A 265 0.36 -34.25 -10.14
N HIS A 266 -0.29 -35.01 -9.26
CA HIS A 266 0.26 -35.29 -7.93
C HIS A 266 0.54 -36.78 -7.72
N SER A 267 0.87 -37.48 -8.81
CA SER A 267 1.11 -38.92 -8.74
C SER A 267 2.36 -39.34 -7.99
N GLY A 268 3.25 -38.41 -7.70
CA GLY A 268 4.49 -38.72 -7.01
C GLY A 268 4.37 -38.93 -5.51
N ARG A 269 3.19 -38.67 -4.97
CA ARG A 269 2.96 -38.83 -3.54
C ARG A 269 1.58 -39.43 -3.25
N ASP A 270 1.45 -40.03 -2.08
CA ASP A 270 0.18 -40.63 -1.68
C ASP A 270 -0.66 -39.58 -0.98
N TRP A 271 -1.65 -39.05 -1.69
CA TRP A 271 -2.53 -38.02 -1.13
C TRP A 271 -3.83 -38.64 -0.66
N GLY A 272 -3.91 -39.96 -0.72
CA GLY A 272 -5.12 -40.68 -0.34
C GLY A 272 -6.07 -40.74 -1.53
N LYS A 273 -7.31 -41.12 -1.26
CA LYS A 273 -8.32 -41.20 -2.32
C LYS A 273 -8.92 -39.82 -2.58
N PHE A 274 -9.38 -39.61 -3.81
CA PHE A 274 -9.97 -38.33 -4.19
C PHE A 274 -11.18 -38.02 -3.31
N ASP A 275 -11.14 -36.84 -2.69
CA ASP A 275 -12.24 -36.35 -1.86
C ASP A 275 -12.79 -35.08 -2.50
N ILE A 276 -13.76 -35.23 -3.38
CA ILE A 276 -14.34 -34.09 -4.10
C ILE A 276 -14.76 -32.93 -3.20
N GLU A 277 -15.27 -33.26 -2.02
CA GLU A 277 -15.73 -32.23 -1.11
C GLU A 277 -14.58 -31.43 -0.52
N ALA A 278 -13.54 -32.14 -0.09
CA ALA A 278 -12.40 -31.50 0.53
C ALA A 278 -11.43 -30.88 -0.47
N GLU A 279 -11.28 -31.53 -1.62
CA GLU A 279 -10.35 -31.09 -2.63
C GLU A 279 -10.86 -30.03 -3.58
N VAL A 280 -12.16 -30.01 -3.85
CA VAL A 280 -12.70 -28.99 -4.73
C VAL A 280 -13.78 -28.11 -4.12
N VAL A 281 -14.85 -28.70 -3.62
CA VAL A 281 -15.93 -27.91 -3.01
C VAL A 281 -15.42 -26.96 -1.93
N ASN A 282 -14.65 -27.49 -0.98
CA ASN A 282 -14.12 -26.67 0.11
C ASN A 282 -12.93 -25.79 -0.26
N ARG A 283 -12.35 -26.02 -1.44
CA ARG A 283 -11.23 -25.20 -1.89
C ARG A 283 -11.68 -24.04 -2.77
N CYS A 284 -12.93 -24.09 -3.24
CA CYS A 284 -13.46 -23.00 -4.07
C CYS A 284 -13.39 -21.69 -3.29
N PRO A 285 -12.70 -20.68 -3.84
CA PRO A 285 -12.57 -19.41 -3.12
C PRO A 285 -13.91 -18.70 -2.90
N SER A 286 -14.83 -18.86 -3.86
CA SER A 286 -16.14 -18.22 -3.78
C SER A 286 -17.11 -19.03 -2.92
N LYS A 287 -16.74 -20.28 -2.60
CA LYS A 287 -17.62 -21.18 -1.86
C LYS A 287 -18.97 -21.24 -2.58
N CYS A 288 -18.95 -21.36 -3.90
CA CYS A 288 -20.18 -21.35 -4.70
C CYS A 288 -20.57 -22.75 -5.22
N MET A 289 -19.84 -23.76 -4.75
CA MET A 289 -20.10 -25.13 -5.18
C MET A 289 -20.85 -25.97 -4.15
N LYS A 290 -21.50 -27.02 -4.63
CA LYS A 290 -22.25 -27.91 -3.75
C LYS A 290 -22.09 -29.36 -4.20
N TRP A 291 -21.90 -30.24 -3.23
CA TRP A 291 -21.83 -31.68 -3.49
C TRP A 291 -22.78 -32.39 -2.53
N ASP A 292 -23.89 -32.89 -3.07
CA ASP A 292 -24.93 -33.56 -2.25
C ASP A 292 -24.77 -35.06 -2.06
N GLY A 293 -23.59 -35.59 -2.39
CA GLY A 293 -23.33 -37.01 -2.25
C GLY A 293 -23.44 -37.75 -3.57
N SER A 294 -24.10 -37.12 -4.54
CA SER A 294 -24.27 -37.74 -5.86
C SER A 294 -24.08 -36.76 -7.01
N LYS A 295 -24.44 -35.50 -6.79
CA LYS A 295 -24.32 -34.50 -7.84
C LYS A 295 -23.62 -33.23 -7.37
N LEU A 296 -22.81 -32.66 -8.26
CA LEU A 296 -22.08 -31.44 -7.96
C LEU A 296 -22.74 -30.28 -8.72
N SER A 297 -23.03 -29.19 -8.02
CA SER A 297 -23.64 -28.02 -8.65
C SER A 297 -22.78 -26.77 -8.42
N ILE A 298 -22.98 -25.76 -9.27
CA ILE A 298 -22.21 -24.53 -9.18
C ILE A 298 -23.09 -23.29 -9.31
N ASP A 299 -22.99 -22.39 -8.34
CA ASP A 299 -23.71 -21.11 -8.40
C ASP A 299 -22.81 -20.21 -9.25
N ASN A 300 -22.94 -20.32 -10.57
CA ASN A 300 -22.08 -19.60 -11.49
C ASN A 300 -21.97 -18.08 -11.32
N LYS A 301 -23.04 -17.44 -10.88
CA LYS A 301 -23.04 -15.99 -10.69
C LYS A 301 -22.05 -15.56 -9.61
N GLU A 302 -21.64 -16.50 -8.77
CA GLU A 302 -20.70 -16.22 -7.69
C GLU A 302 -19.33 -16.84 -7.95
N CYS A 303 -19.20 -17.51 -9.09
CA CYS A 303 -17.94 -18.11 -9.48
C CYS A 303 -17.00 -16.99 -9.99
N VAL A 304 -15.76 -17.00 -9.53
CA VAL A 304 -14.77 -16.00 -9.96
C VAL A 304 -13.88 -16.57 -11.06
N ARG A 305 -14.28 -17.74 -11.57
CA ARG A 305 -13.58 -18.42 -12.66
C ARG A 305 -12.09 -18.59 -12.39
N CYS A 306 -11.75 -19.00 -11.17
CA CYS A 306 -10.36 -19.18 -10.79
C CYS A 306 -9.67 -20.35 -11.50
N MET A 307 -10.47 -21.25 -12.06
CA MET A 307 -9.99 -22.46 -12.75
C MET A 307 -9.73 -23.68 -11.86
N HIS A 308 -9.77 -23.51 -10.55
CA HIS A 308 -9.46 -24.64 -9.66
C HIS A 308 -10.28 -25.91 -9.89
N CYS A 309 -11.60 -25.79 -9.90
CA CYS A 309 -12.42 -26.97 -10.11
C CYS A 309 -12.11 -27.61 -11.45
N ILE A 310 -11.97 -26.78 -12.49
CA ILE A 310 -11.63 -27.25 -13.83
C ILE A 310 -10.24 -27.91 -13.91
N ASN A 311 -9.26 -27.30 -13.27
CA ASN A 311 -7.90 -27.86 -13.27
C ASN A 311 -7.89 -29.21 -12.56
N THR A 312 -8.76 -29.34 -11.56
CA THR A 312 -8.84 -30.56 -10.77
C THR A 312 -9.61 -31.70 -11.44
N MET A 313 -10.65 -31.36 -12.20
CA MET A 313 -11.48 -32.36 -12.88
C MET A 313 -11.70 -31.95 -14.32
N PRO A 314 -10.62 -31.88 -15.11
CA PRO A 314 -10.62 -31.45 -16.52
C PRO A 314 -11.48 -32.30 -17.44
N ARG A 315 -11.76 -33.52 -17.02
CA ARG A 315 -12.58 -34.44 -17.81
C ARG A 315 -14.06 -34.20 -17.54
N ALA A 316 -14.38 -33.76 -16.33
CA ALA A 316 -15.75 -33.52 -15.90
C ALA A 316 -16.22 -32.08 -16.06
N LEU A 317 -15.32 -31.13 -15.79
CA LEU A 317 -15.67 -29.70 -15.84
C LEU A 317 -14.98 -28.94 -16.97
N HIS A 318 -15.77 -28.15 -17.70
CA HIS A 318 -15.25 -27.36 -18.81
C HIS A 318 -15.63 -25.90 -18.78
N ILE A 319 -14.82 -25.08 -19.45
CA ILE A 319 -15.07 -23.63 -19.53
C ILE A 319 -16.41 -23.44 -20.23
N GLY A 320 -17.00 -22.26 -20.07
CA GLY A 320 -18.27 -21.91 -20.68
C GLY A 320 -18.20 -21.75 -22.18
N ASP A 321 -19.35 -21.46 -22.79
CA ASP A 321 -19.45 -21.29 -24.24
C ASP A 321 -19.39 -19.83 -24.65
N GLU A 322 -19.69 -18.92 -23.72
CA GLU A 322 -19.64 -17.49 -24.01
C GLU A 322 -18.25 -17.04 -23.63
N ARG A 323 -17.32 -17.15 -24.58
CA ARG A 323 -15.92 -16.85 -24.35
C ARG A 323 -15.46 -15.49 -24.82
N GLY A 324 -14.37 -15.02 -24.21
CA GLY A 324 -13.78 -13.73 -24.54
C GLY A 324 -12.52 -13.57 -23.73
N ALA A 325 -12.27 -12.36 -23.23
CA ALA A 325 -11.10 -12.13 -22.42
C ALA A 325 -11.21 -10.85 -21.60
N SER A 326 -10.34 -10.75 -20.61
CA SER A 326 -10.22 -9.53 -19.81
C SER A 326 -8.95 -8.82 -20.27
N ILE A 327 -8.92 -7.50 -20.15
CA ILE A 327 -7.73 -6.71 -20.47
C ILE A 327 -7.24 -6.06 -19.18
N LEU A 328 -5.99 -6.34 -18.81
CA LEU A 328 -5.39 -5.79 -17.60
C LEU A 328 -4.15 -4.97 -18.01
N CYS A 329 -3.92 -3.87 -17.32
CA CYS A 329 -2.85 -2.95 -17.72
C CYS A 329 -1.87 -2.53 -16.64
N GLY A 330 -0.64 -2.26 -17.06
CA GLY A 330 0.37 -1.70 -16.18
C GLY A 330 1.37 -2.57 -15.46
N ALA A 331 1.40 -3.87 -15.74
CA ALA A 331 2.41 -4.72 -15.11
C ALA A 331 3.80 -4.21 -15.47
N LYS A 332 4.75 -4.37 -14.56
CA LYS A 332 6.13 -3.94 -14.82
C LYS A 332 7.03 -4.37 -13.65
N ALA A 333 8.33 -4.44 -13.89
CA ALA A 333 9.29 -4.79 -12.85
C ALA A 333 9.42 -3.58 -11.88
N PRO A 334 10.17 -3.73 -10.78
CA PRO A 334 10.28 -2.69 -9.75
C PRO A 334 10.61 -1.27 -10.19
N ILE A 335 11.73 -1.10 -10.88
CA ILE A 335 12.16 0.23 -11.32
C ILE A 335 11.02 0.91 -12.08
N LEU A 336 10.62 2.10 -11.66
CA LEU A 336 11.24 2.83 -10.57
C LEU A 336 10.42 2.74 -9.28
N ASP A 337 9.11 2.89 -9.41
CA ASP A 337 8.20 3.00 -8.27
C ASP A 337 7.64 1.76 -7.60
N GLY A 338 8.17 0.60 -7.93
CA GLY A 338 7.68 -0.63 -7.32
C GLY A 338 7.08 -1.54 -8.37
N ALA A 339 7.14 -2.84 -8.11
CA ALA A 339 6.62 -3.82 -9.05
C ALA A 339 5.11 -3.71 -9.15
N GLN A 340 4.60 -3.91 -10.36
CA GLN A 340 3.15 -3.90 -10.58
C GLN A 340 2.75 -5.12 -11.42
N MET A 341 1.53 -5.59 -11.20
CA MET A 341 0.93 -6.62 -12.03
C MET A 341 -0.20 -5.87 -12.74
N GLY A 342 -0.77 -6.48 -13.77
CA GLY A 342 -1.83 -5.85 -14.53
C GLY A 342 -3.08 -5.62 -13.70
N SER A 343 -3.65 -4.43 -13.82
CA SER A 343 -4.87 -4.06 -13.12
C SER A 343 -6.02 -4.16 -14.11
N LEU A 344 -7.10 -4.80 -13.70
CA LEU A 344 -8.23 -5.01 -14.59
C LEU A 344 -8.78 -3.72 -15.19
N LEU A 345 -8.79 -3.64 -16.52
CA LEU A 345 -9.33 -2.49 -17.24
C LEU A 345 -10.66 -2.85 -17.90
N VAL A 346 -10.65 -3.90 -18.70
CA VAL A 346 -11.89 -4.37 -19.30
C VAL A 346 -12.21 -5.80 -18.90
N PRO A 347 -13.28 -5.97 -18.10
CA PRO A 347 -13.69 -7.29 -17.58
C PRO A 347 -13.94 -8.33 -18.65
N PHE A 348 -14.61 -7.92 -19.71
CA PHE A 348 -14.92 -8.88 -20.77
C PHE A 348 -14.95 -8.19 -22.13
N VAL A 349 -14.15 -8.70 -23.06
CA VAL A 349 -14.07 -8.16 -24.39
C VAL A 349 -14.10 -9.33 -25.35
N ALA A 350 -14.69 -9.12 -26.52
CA ALA A 350 -14.72 -10.14 -27.56
C ALA A 350 -13.28 -10.41 -27.96
N ALA A 351 -12.95 -11.67 -28.18
CA ALA A 351 -11.59 -12.05 -28.55
C ALA A 351 -11.53 -13.00 -29.75
N GLU A 352 -12.08 -12.55 -30.88
CA GLU A 352 -12.05 -13.34 -32.11
C GLU A 352 -11.42 -12.51 -33.22
N GLU A 353 -10.75 -13.18 -34.15
CA GLU A 353 -10.11 -12.52 -35.26
C GLU A 353 -11.09 -11.65 -36.03
N PRO A 354 -10.61 -10.50 -36.57
CA PRO A 354 -9.23 -10.01 -36.52
C PRO A 354 -8.91 -9.20 -35.26
N PHE A 355 -9.63 -9.48 -34.17
CA PHE A 355 -9.42 -8.84 -32.88
C PHE A 355 -9.44 -7.32 -32.86
N ASP A 356 -10.40 -6.71 -33.56
CA ASP A 356 -10.47 -5.25 -33.62
C ASP A 356 -10.80 -4.59 -32.29
N GLU A 357 -11.63 -5.22 -31.48
CA GLU A 357 -11.99 -4.66 -30.19
C GLU A 357 -10.75 -4.49 -29.28
N ILE A 358 -9.86 -5.46 -29.33
CA ILE A 358 -8.63 -5.40 -28.54
C ILE A 358 -7.72 -4.29 -29.07
N LYS A 359 -7.52 -4.27 -30.39
CA LYS A 359 -6.70 -3.25 -31.01
C LYS A 359 -7.18 -1.85 -30.64
N GLU A 360 -8.49 -1.65 -30.61
CA GLU A 360 -9.06 -0.33 -30.28
C GLU A 360 -8.63 0.16 -28.90
N VAL A 361 -8.55 -0.76 -27.95
CA VAL A 361 -8.14 -0.41 -26.60
C VAL A 361 -6.67 0.00 -26.58
N VAL A 362 -5.85 -0.85 -27.18
CA VAL A 362 -4.42 -0.62 -27.29
C VAL A 362 -4.16 0.77 -27.84
N GLU A 363 -4.80 1.07 -28.97
CA GLU A 363 -4.62 2.37 -29.61
C GLU A 363 -5.09 3.58 -28.81
N LYS A 364 -6.16 3.41 -28.05
CA LYS A 364 -6.61 4.52 -27.20
C LYS A 364 -5.62 4.72 -26.05
N ILE A 365 -5.00 3.63 -25.60
CA ILE A 365 -4.02 3.73 -24.53
C ILE A 365 -2.75 4.42 -25.03
N TRP A 366 -2.26 4.00 -26.20
CA TRP A 366 -1.06 4.58 -26.79
C TRP A 366 -1.24 6.06 -27.08
N ASP A 367 -2.40 6.43 -27.60
CA ASP A 367 -2.67 7.84 -27.91
C ASP A 367 -2.41 8.70 -26.68
N TRP A 368 -2.86 8.22 -25.53
CA TRP A 368 -2.71 8.94 -24.28
C TRP A 368 -1.27 8.88 -23.73
N TRP A 369 -0.79 7.66 -23.49
CA TRP A 369 0.52 7.45 -22.91
C TRP A 369 1.68 8.00 -23.74
N MET A 370 1.57 7.91 -25.06
CA MET A 370 2.61 8.41 -25.94
C MET A 370 2.82 9.91 -25.77
N GLU A 371 1.74 10.62 -25.47
CA GLU A 371 1.77 12.06 -25.31
C GLU A 371 1.93 12.51 -23.86
N GLU A 372 1.29 11.82 -22.93
CA GLU A 372 1.31 12.22 -21.52
C GLU A 372 2.33 11.50 -20.66
N GLY A 373 2.76 10.31 -21.07
CA GLY A 373 3.72 9.55 -20.31
C GLY A 373 5.04 10.28 -20.21
N LYS A 374 5.70 10.18 -19.06
CA LYS A 374 6.99 10.84 -18.90
C LYS A 374 8.08 10.01 -19.56
N ASN A 375 9.23 10.63 -19.79
CA ASN A 375 10.35 9.91 -20.39
C ASN A 375 10.67 8.72 -19.49
N ARG A 376 10.82 7.55 -20.11
CA ARG A 376 11.15 6.33 -19.37
C ARG A 376 10.12 5.97 -18.30
N GLU A 377 8.86 6.30 -18.55
CA GLU A 377 7.79 5.97 -17.63
C GLU A 377 6.93 4.85 -18.21
N ARG A 378 6.88 3.72 -17.51
CA ARG A 378 6.04 2.58 -17.94
C ARG A 378 4.58 2.99 -17.75
N LEU A 379 3.70 2.39 -18.55
CA LEU A 379 2.27 2.65 -18.45
C LEU A 379 1.76 2.53 -17.01
N GLY A 380 2.22 1.51 -16.31
CA GLY A 380 1.80 1.29 -14.94
C GLY A 380 2.07 2.48 -14.03
N GLU A 381 3.19 3.15 -14.27
CA GLU A 381 3.59 4.32 -13.50
C GLU A 381 2.82 5.58 -13.91
N THR A 382 2.45 5.65 -15.18
CA THR A 382 1.63 6.75 -15.68
C THR A 382 0.26 6.63 -15.02
N MET A 383 -0.21 5.38 -14.85
CA MET A 383 -1.49 5.13 -14.20
C MET A 383 -1.46 5.62 -12.76
N LYS A 384 -0.35 5.34 -12.07
CA LYS A 384 -0.19 5.75 -10.68
C LYS A 384 -0.15 7.27 -10.59
N ARG A 385 0.58 7.91 -11.50
CA ARG A 385 0.74 9.35 -11.45
C ARG A 385 -0.48 10.14 -11.89
N LEU A 386 -1.09 9.75 -12.98
CA LEU A 386 -2.19 10.46 -13.54
C LEU A 386 -3.54 9.89 -13.12
N SER A 387 -3.53 8.72 -12.50
CA SER A 387 -4.70 8.03 -11.95
C SER A 387 -5.42 7.04 -12.84
N PHE A 388 -5.99 6.01 -12.20
CA PHE A 388 -6.74 4.99 -12.92
C PHE A 388 -7.96 5.65 -13.58
N GLN A 389 -8.46 6.72 -12.96
CA GLN A 389 -9.61 7.44 -13.53
C GLN A 389 -9.29 8.00 -14.91
N LYS A 390 -8.07 8.51 -15.07
CA LYS A 390 -7.65 9.08 -16.35
C LYS A 390 -7.56 8.02 -17.42
N LEU A 391 -7.06 6.85 -17.05
CA LEU A 391 -6.95 5.74 -17.99
C LEU A 391 -8.34 5.34 -18.48
N LEU A 392 -9.29 5.29 -17.55
CA LEU A 392 -10.67 4.93 -17.90
C LEU A 392 -11.24 5.98 -18.85
N GLU A 393 -10.96 7.24 -18.56
CA GLU A 393 -11.47 8.32 -19.38
C GLU A 393 -10.93 8.27 -20.81
N VAL A 394 -9.62 8.09 -20.97
CA VAL A 394 -9.04 8.05 -22.31
C VAL A 394 -9.43 6.80 -23.10
N THR A 395 -9.78 5.72 -22.40
CA THR A 395 -10.21 4.49 -23.08
C THR A 395 -11.73 4.48 -23.21
N GLU A 396 -12.38 5.51 -22.68
CA GLU A 396 -13.83 5.62 -22.76
C GLU A 396 -14.53 4.43 -22.13
N ILE A 397 -14.10 4.08 -20.92
CA ILE A 397 -14.69 2.99 -20.17
C ILE A 397 -15.28 3.56 -18.90
N ALA A 398 -16.55 3.25 -18.65
CA ALA A 398 -17.21 3.76 -17.44
C ALA A 398 -16.73 2.97 -16.24
N PRO A 399 -16.59 3.64 -15.09
CA PRO A 399 -16.14 3.05 -13.83
C PRO A 399 -17.09 1.93 -13.40
N VAL A 400 -16.51 0.83 -12.93
CA VAL A 400 -17.28 -0.35 -12.55
C VAL A 400 -16.66 -0.96 -11.30
N PRO A 401 -17.47 -1.56 -10.42
CA PRO A 401 -16.90 -2.09 -9.17
C PRO A 401 -15.76 -3.08 -9.37
N GLN A 402 -15.71 -3.79 -10.50
CA GLN A 402 -14.62 -4.74 -10.71
C GLN A 402 -13.27 -4.10 -11.04
N HIS A 403 -13.26 -2.79 -11.21
CA HIS A 403 -12.05 -2.05 -11.51
C HIS A 403 -11.23 -1.91 -10.23
N VAL A 404 -11.83 -2.37 -9.14
CA VAL A 404 -11.21 -2.19 -7.85
C VAL A 404 -11.27 -3.48 -7.03
N LYS A 405 -10.25 -3.71 -6.20
CA LYS A 405 -10.27 -4.84 -5.30
C LYS A 405 -11.02 -4.35 -4.05
N GLU A 406 -10.87 -3.07 -3.75
CA GLU A 406 -11.56 -2.45 -2.63
C GLU A 406 -11.68 -0.94 -2.88
N PRO A 407 -12.73 -0.31 -2.35
CA PRO A 407 -12.83 1.14 -2.57
C PRO A 407 -11.74 1.82 -1.78
N ARG A 408 -11.52 3.10 -2.06
CA ARG A 408 -10.49 3.88 -1.38
C ARG A 408 -10.77 3.97 0.12
N THR A 409 -9.71 4.14 0.89
CA THR A 409 -9.81 4.30 2.34
C THR A 409 -9.76 5.79 2.68
N ASN A 410 -8.92 6.52 1.95
CA ASN A 410 -8.78 7.96 2.18
C ASN A 410 -9.93 8.76 1.58
N PRO A 411 -10.24 9.92 2.19
CA PRO A 411 -11.33 10.81 1.74
C PRO A 411 -10.84 11.95 0.86
N TYR A 412 -9.63 11.83 0.33
CA TYR A 412 -9.05 12.88 -0.51
C TYR A 412 -9.61 12.83 -1.92
N ILE A 413 -10.94 12.97 -2.00
CA ILE A 413 -11.68 12.85 -3.25
C ILE A 413 -11.73 14.08 -4.15
N PHE A 414 -11.33 13.91 -5.40
CA PHE A 414 -11.40 14.98 -6.39
C PHE A 414 -12.78 14.96 -7.06
N PHE A 415 -13.38 16.13 -7.25
CA PHE A 415 -14.67 16.25 -7.90
C PHE A 415 -14.52 17.09 -9.15
N LYS A 416 -15.36 16.84 -10.14
CA LYS A 416 -15.31 17.62 -11.37
C LYS A 416 -16.10 18.91 -11.15
N GLU A 417 -15.45 20.05 -11.36
CA GLU A 417 -16.07 21.36 -11.14
C GLU A 417 -17.49 21.49 -11.68
N GLU A 418 -17.71 20.98 -12.90
CA GLU A 418 -19.01 21.07 -13.56
C GLU A 418 -20.08 20.29 -12.83
N GLU A 419 -19.68 19.50 -11.84
CA GLU A 419 -20.65 18.71 -11.08
C GLU A 419 -21.03 19.35 -9.76
N VAL A 420 -20.20 20.27 -9.27
CA VAL A 420 -20.50 20.96 -8.02
C VAL A 420 -21.21 22.29 -8.27
N PRO A 421 -22.42 22.44 -7.71
CA PRO A 421 -23.25 23.65 -7.86
C PRO A 421 -22.45 24.92 -7.57
N GLY A 422 -22.40 25.81 -8.54
CA GLY A 422 -21.72 27.09 -8.38
C GLY A 422 -20.27 27.12 -8.79
N GLY A 423 -19.71 25.96 -9.10
CA GLY A 423 -18.32 25.88 -9.51
C GLY A 423 -17.37 26.23 -8.38
N TRP A 424 -16.12 26.57 -8.74
CA TRP A 424 -15.09 26.87 -7.76
C TRP A 424 -14.74 28.35 -7.59
N ASP A 425 -15.32 29.21 -8.41
CA ASP A 425 -15.05 30.65 -8.32
C ASP A 425 -16.00 31.31 -7.32
N ARG A 426 -15.53 31.51 -6.09
CA ARG A 426 -16.35 32.15 -5.06
C ARG A 426 -15.75 33.46 -4.59
N ASP A 427 -16.61 34.36 -4.12
CA ASP A 427 -16.18 35.68 -3.67
C ASP A 427 -16.11 35.75 -2.14
N ILE A 428 -14.92 36.00 -1.61
CA ILE A 428 -14.70 36.07 -0.17
C ILE A 428 -15.48 37.18 0.53
N THR A 429 -15.68 38.31 -0.15
CA THR A 429 -16.39 39.43 0.45
C THR A 429 -17.86 39.10 0.66
N GLU A 430 -18.38 38.21 -0.17
CA GLU A 430 -19.75 37.75 -0.05
C GLU A 430 -19.83 36.87 1.19
N TYR A 431 -18.89 35.92 1.28
CA TYR A 431 -18.79 34.99 2.40
C TYR A 431 -18.57 35.76 3.70
N ARG A 432 -17.70 36.76 3.63
CA ARG A 432 -17.35 37.57 4.78
C ARG A 432 -18.55 38.32 5.36
N LYS A 433 -19.63 38.41 4.57
CA LYS A 433 -20.84 39.10 5.01
C LYS A 433 -21.59 38.31 6.09
N ARG A 434 -21.56 36.99 6.02
CA ARG A 434 -22.24 36.17 7.02
C ARG A 434 -21.28 35.55 8.04
N HIS A 435 -19.99 35.62 7.75
CA HIS A 435 -18.98 35.07 8.65
C HIS A 435 -17.85 36.07 8.88
N LEU A 436 -18.05 36.95 9.86
CA LEU A 436 -17.08 37.99 10.18
C LEU A 436 -15.75 37.42 10.66
N ARG A 437 -14.67 38.13 10.34
CA ARG A 437 -13.34 37.73 10.76
C ARG A 437 -13.26 37.82 12.29
N ALA B 2 38.08 -13.89 -44.83
CA ALA B 2 37.65 -13.87 -46.23
C ALA B 2 36.15 -13.58 -46.35
N PHE B 3 35.85 -12.29 -46.36
CA PHE B 3 34.48 -11.81 -46.43
C PHE B 3 33.59 -12.54 -47.45
N ILE B 4 32.35 -12.80 -47.03
CA ILE B 4 31.36 -13.45 -47.88
C ILE B 4 30.05 -12.66 -47.80
N SER B 5 29.73 -11.93 -48.85
CA SER B 5 28.51 -11.13 -48.87
C SER B 5 27.31 -12.05 -48.99
N SER B 6 26.17 -11.58 -48.50
CA SER B 6 24.93 -12.35 -48.56
C SER B 6 24.09 -11.82 -49.71
N GLY B 7 24.63 -10.84 -50.42
CA GLY B 7 23.94 -10.20 -51.52
C GLY B 7 23.65 -8.77 -51.13
N TYR B 8 23.92 -8.46 -49.86
CA TYR B 8 23.68 -7.12 -49.34
C TYR B 8 24.66 -6.12 -49.95
N ASN B 9 24.14 -5.01 -50.45
CA ASN B 9 24.98 -4.00 -51.06
C ASN B 9 25.20 -2.77 -50.17
N PRO B 10 26.36 -2.73 -49.49
CA PRO B 10 26.69 -1.61 -48.60
C PRO B 10 26.64 -0.27 -49.31
N GLU B 11 26.86 -0.28 -50.63
CA GLU B 11 26.83 0.94 -51.42
C GLU B 11 25.40 1.43 -51.57
N LYS B 12 24.46 0.49 -51.62
CA LYS B 12 23.04 0.80 -51.74
C LYS B 12 22.30 0.09 -50.60
N PRO B 13 22.56 0.52 -49.35
CA PRO B 13 21.99 -0.06 -48.13
C PRO B 13 20.48 -0.23 -48.19
N MET B 14 19.79 0.78 -48.71
CA MET B 14 18.33 0.73 -48.78
C MET B 14 17.79 0.02 -50.01
N ALA B 15 18.69 -0.55 -50.80
CA ALA B 15 18.28 -1.28 -52.00
C ALA B 15 17.96 -2.73 -51.65
N ASN B 16 16.77 -3.18 -52.05
CA ASN B 16 16.33 -4.55 -51.80
C ASN B 16 16.14 -4.83 -50.31
N ARG B 17 15.97 -3.76 -49.52
CA ARG B 17 15.74 -3.87 -48.09
C ARG B 17 14.33 -4.37 -47.78
N ILE B 18 14.24 -5.53 -47.12
CA ILE B 18 12.94 -6.08 -46.74
C ILE B 18 12.70 -5.76 -45.27
N THR B 19 11.55 -5.16 -44.95
CA THR B 19 11.22 -4.81 -43.57
C THR B 19 9.76 -5.08 -43.21
N ASP B 20 9.47 -5.10 -41.92
CA ASP B 20 8.11 -5.28 -41.40
C ASP B 20 7.41 -6.58 -41.81
N ILE B 21 8.16 -7.67 -41.91
CA ILE B 21 7.60 -8.96 -42.28
C ILE B 21 7.20 -9.80 -41.06
N GLY B 22 7.70 -9.44 -39.88
CA GLY B 22 7.38 -10.15 -38.65
C GLY B 22 7.90 -11.57 -38.63
N PRO B 23 7.36 -12.39 -37.72
CA PRO B 23 7.81 -13.79 -37.65
C PRO B 23 6.99 -14.66 -38.60
N ARG B 24 7.32 -15.94 -38.65
CA ARG B 24 6.56 -16.90 -39.44
C ARG B 24 5.23 -17.05 -38.72
N LYS B 25 4.13 -17.13 -39.48
CA LYS B 25 2.81 -17.31 -38.88
C LYS B 25 2.81 -18.48 -37.92
N PHE B 26 2.20 -18.27 -36.75
CA PHE B 26 2.15 -19.24 -35.67
C PHE B 26 1.82 -20.70 -36.02
N ASP B 27 0.86 -20.90 -36.92
CA ASP B 27 0.42 -22.25 -37.29
C ASP B 27 1.22 -22.92 -38.40
N GLU B 28 2.18 -22.19 -38.96
CA GLU B 28 2.99 -22.72 -40.05
C GLU B 28 3.64 -24.08 -39.83
N PHE B 29 4.18 -24.31 -38.63
CA PHE B 29 4.89 -25.57 -38.36
C PHE B 29 4.19 -26.52 -37.40
N PHE B 30 2.86 -26.42 -37.35
CA PHE B 30 2.07 -27.30 -36.48
C PHE B 30 2.21 -28.77 -36.92
N PRO B 31 2.21 -29.69 -35.95
CA PRO B 31 2.23 -31.09 -36.37
C PRO B 31 0.84 -31.35 -36.94
N PRO B 32 0.71 -32.31 -37.88
CA PRO B 32 -0.61 -32.57 -38.47
C PRO B 32 -1.74 -32.79 -37.46
N VAL B 33 -1.48 -33.57 -36.41
CA VAL B 33 -2.52 -33.84 -35.42
C VAL B 33 -2.94 -32.56 -34.70
N ILE B 34 -1.98 -31.66 -34.49
CA ILE B 34 -2.26 -30.38 -33.84
C ILE B 34 -3.17 -29.52 -34.71
N ALA B 35 -2.74 -29.30 -35.95
CA ALA B 35 -3.49 -28.50 -36.92
C ALA B 35 -4.92 -29.00 -37.12
N LYS B 36 -5.08 -30.32 -37.22
CA LYS B 36 -6.40 -30.89 -37.43
C LYS B 36 -7.32 -30.72 -36.23
N ASN B 37 -6.76 -30.90 -35.04
CA ASN B 37 -7.55 -30.82 -33.83
C ASN B 37 -7.50 -29.49 -33.08
N PHE B 38 -6.94 -28.48 -33.74
CA PHE B 38 -6.83 -27.14 -33.20
C PHE B 38 -8.15 -26.65 -32.62
N GLY B 39 -8.14 -26.32 -31.32
CA GLY B 39 -9.30 -25.82 -30.61
C GLY B 39 -10.41 -26.81 -30.34
N SER B 40 -10.13 -28.10 -30.48
CA SER B 40 -11.15 -29.11 -30.26
C SER B 40 -10.75 -30.17 -29.23
N TRP B 41 -9.92 -29.77 -28.28
CA TRP B 41 -9.45 -30.68 -27.23
C TRP B 41 -10.52 -30.82 -26.15
N LEU B 42 -10.62 -32.03 -25.59
CA LEU B 42 -11.61 -32.33 -24.55
C LEU B 42 -10.98 -32.44 -23.17
N TYR B 43 -9.87 -33.15 -23.07
CA TYR B 43 -9.18 -33.34 -21.78
C TYR B 43 -7.74 -33.80 -22.02
N HIS B 44 -6.97 -33.91 -20.95
CA HIS B 44 -5.59 -34.34 -21.06
C HIS B 44 -5.25 -35.19 -19.85
N GLU B 45 -4.14 -35.90 -19.94
CA GLU B 45 -3.67 -36.70 -18.81
C GLU B 45 -2.16 -36.55 -18.71
N ILE B 46 -1.64 -36.65 -17.50
CA ILE B 46 -0.19 -36.62 -17.32
C ILE B 46 0.14 -38.08 -17.10
N LEU B 47 0.59 -38.75 -18.17
CA LEU B 47 0.89 -40.18 -18.11
C LEU B 47 1.98 -40.46 -17.09
N GLU B 48 2.96 -39.56 -17.03
CA GLU B 48 4.06 -39.69 -16.09
C GLU B 48 4.85 -38.39 -16.14
N PRO B 49 5.84 -38.24 -15.25
CA PRO B 49 6.62 -37.00 -15.29
C PRO B 49 7.25 -36.77 -16.67
N GLY B 50 6.88 -35.66 -17.30
CA GLY B 50 7.41 -35.29 -18.62
C GLY B 50 6.57 -35.77 -19.79
N VAL B 51 5.52 -36.52 -19.51
CA VAL B 51 4.68 -37.07 -20.56
C VAL B 51 3.22 -36.70 -20.40
N LEU B 52 2.64 -36.14 -21.46
CA LEU B 52 1.24 -35.75 -21.45
C LEU B 52 0.49 -36.39 -22.61
N MET B 53 -0.82 -36.47 -22.48
CA MET B 53 -1.67 -36.95 -23.55
C MET B 53 -2.89 -36.04 -23.65
N HIS B 54 -3.19 -35.58 -24.85
CA HIS B 54 -4.36 -34.75 -25.11
C HIS B 54 -5.34 -35.48 -26.01
N VAL B 55 -6.61 -35.49 -25.63
CA VAL B 55 -7.63 -36.18 -26.39
C VAL B 55 -8.58 -35.17 -27.02
N ALA B 56 -8.69 -35.23 -28.33
CA ALA B 56 -9.54 -34.32 -29.09
C ALA B 56 -10.95 -34.88 -29.31
N GLU B 57 -11.89 -34.00 -29.65
CA GLU B 57 -13.27 -34.40 -29.92
C GLU B 57 -13.37 -35.46 -31.00
N SER B 58 -12.40 -35.47 -31.90
CA SER B 58 -12.37 -36.45 -32.99
C SER B 58 -11.96 -37.82 -32.49
N GLY B 59 -11.35 -37.86 -31.31
CA GLY B 59 -10.86 -39.10 -30.73
C GLY B 59 -9.36 -39.18 -30.94
N ASP B 60 -8.85 -38.32 -31.81
CA ASP B 60 -7.42 -38.23 -32.08
C ASP B 60 -6.66 -37.96 -30.79
N LYS B 61 -5.44 -38.47 -30.71
CA LYS B 61 -4.60 -38.27 -29.54
C LYS B 61 -3.24 -37.74 -29.91
N VAL B 62 -2.67 -36.93 -29.01
CA VAL B 62 -1.32 -36.42 -29.21
C VAL B 62 -0.58 -36.65 -27.90
N TYR B 63 0.65 -37.15 -28.01
CA TYR B 63 1.46 -37.42 -26.83
C TYR B 63 2.61 -36.43 -26.81
N THR B 64 2.83 -35.82 -25.65
CA THR B 64 3.89 -34.84 -25.51
C THR B 64 4.97 -35.29 -24.53
N VAL B 65 6.22 -35.16 -24.96
CA VAL B 65 7.38 -35.49 -24.12
C VAL B 65 8.13 -34.18 -23.87
N ARG B 66 8.12 -33.73 -22.62
CA ARG B 66 8.77 -32.48 -22.24
C ARG B 66 10.16 -32.80 -21.71
N VAL B 67 11.13 -32.05 -22.20
CA VAL B 67 12.52 -32.29 -21.85
C VAL B 67 13.22 -31.00 -21.39
N GLY B 68 14.05 -31.13 -20.35
CA GLY B 68 14.80 -30.01 -19.81
C GLY B 68 15.80 -29.49 -20.83
N ALA B 69 16.21 -28.23 -20.66
CA ALA B 69 17.18 -27.60 -21.56
C ALA B 69 17.86 -26.43 -20.85
N ALA B 70 19.11 -26.15 -21.21
CA ALA B 70 19.88 -25.07 -20.61
C ALA B 70 19.54 -23.66 -21.13
N ARG B 71 18.61 -23.56 -22.05
CA ARG B 71 18.22 -22.28 -22.62
C ARG B 71 19.29 -21.68 -23.49
N LEU B 72 20.43 -21.46 -22.91
CA LEU B 72 21.60 -20.99 -23.66
C LEU B 72 22.12 -22.28 -24.34
N MET B 73 22.09 -22.34 -25.66
CA MET B 73 22.47 -23.57 -26.36
C MET B 73 23.14 -23.34 -27.70
N SER B 74 23.89 -24.34 -28.14
CA SER B 74 24.60 -24.26 -29.41
C SER B 74 23.71 -24.68 -30.57
N ILE B 75 24.13 -24.34 -31.78
CA ILE B 75 23.39 -24.75 -32.98
C ILE B 75 23.61 -26.25 -33.17
N THR B 76 24.66 -26.76 -32.55
CA THR B 76 24.99 -28.18 -32.59
C THR B 76 23.91 -28.96 -31.85
N HIS B 77 23.53 -28.43 -30.69
CA HIS B 77 22.49 -29.03 -29.86
C HIS B 77 21.13 -28.88 -30.56
N ILE B 78 20.88 -27.71 -31.16
CA ILE B 78 19.63 -27.49 -31.86
C ILE B 78 19.51 -28.51 -32.99
N ARG B 79 20.61 -28.71 -33.71
CA ARG B 79 20.64 -29.67 -34.81
C ARG B 79 20.37 -31.09 -34.33
N GLU B 80 20.91 -31.46 -33.17
CA GLU B 80 20.65 -32.77 -32.63
C GLU B 80 19.15 -32.96 -32.34
N MET B 81 18.51 -31.92 -31.81
CA MET B 81 17.09 -31.99 -31.52
C MET B 81 16.30 -32.09 -32.83
N CYS B 82 16.83 -31.44 -33.87
CA CYS B 82 16.20 -31.47 -35.18
C CYS B 82 16.27 -32.90 -35.74
N ASP B 83 17.37 -33.58 -35.46
CA ASP B 83 17.55 -34.97 -35.88
C ASP B 83 16.50 -35.83 -35.18
N ILE B 84 16.41 -35.68 -33.86
CA ILE B 84 15.44 -36.41 -33.06
C ILE B 84 14.01 -36.14 -33.54
N ALA B 85 13.74 -34.89 -33.87
CA ALA B 85 12.42 -34.49 -34.34
C ALA B 85 12.09 -35.16 -35.68
N ASP B 86 13.09 -35.25 -36.55
CA ASP B 86 12.94 -35.89 -37.87
C ASP B 86 12.70 -37.38 -37.72
N LYS B 87 13.37 -37.99 -36.76
CA LYS B 87 13.26 -39.42 -36.52
C LYS B 87 11.89 -39.86 -36.00
N TYR B 88 11.37 -39.18 -34.98
CA TYR B 88 10.10 -39.60 -34.37
C TYR B 88 8.89 -38.71 -34.56
N CYS B 89 9.11 -37.41 -34.78
CA CYS B 89 8.00 -36.45 -34.80
C CYS B 89 7.66 -35.79 -36.12
N GLY B 90 8.08 -36.39 -37.23
CA GLY B 90 7.79 -35.83 -38.53
C GLY B 90 8.49 -34.50 -38.74
N GLY B 91 9.53 -34.26 -37.96
CA GLY B 91 10.32 -33.03 -38.07
C GLY B 91 9.80 -31.87 -37.24
N HIS B 92 8.79 -32.13 -36.41
CA HIS B 92 8.18 -31.09 -35.57
C HIS B 92 8.66 -31.11 -34.11
N LEU B 93 8.74 -29.92 -33.52
CA LEU B 93 9.07 -29.74 -32.10
C LEU B 93 8.57 -28.40 -31.57
N ARG B 94 8.67 -28.21 -30.25
CA ARG B 94 8.15 -27.01 -29.58
C ARG B 94 9.05 -26.61 -28.40
N PHE B 95 9.03 -25.32 -28.07
CA PHE B 95 9.70 -24.80 -26.87
C PHE B 95 8.61 -24.23 -25.97
N THR B 96 8.72 -24.43 -24.66
CA THR B 96 7.72 -23.95 -23.72
C THR B 96 8.01 -22.52 -23.25
N THR B 97 7.11 -22.00 -22.42
CA THR B 97 7.30 -20.66 -21.88
C THR B 97 8.35 -20.66 -20.76
N ARG B 98 8.82 -21.84 -20.35
CA ARG B 98 9.88 -21.95 -19.34
C ARG B 98 11.12 -22.55 -20.00
N ASN B 99 11.19 -22.44 -21.32
CA ASN B 99 12.32 -22.91 -22.12
C ASN B 99 12.67 -24.39 -22.03
N ASN B 100 11.65 -25.21 -21.88
CA ASN B 100 11.83 -26.64 -21.93
C ASN B 100 11.47 -26.96 -23.37
N VAL B 101 11.80 -28.17 -23.84
CA VAL B 101 11.50 -28.55 -25.21
C VAL B 101 10.46 -29.67 -25.18
N GLU B 102 9.49 -29.61 -26.10
CA GLU B 102 8.46 -30.64 -26.19
C GLU B 102 8.47 -31.32 -27.56
N PHE B 103 8.45 -32.65 -27.54
CA PHE B 103 8.43 -33.48 -28.74
C PHE B 103 7.08 -34.20 -28.74
N MET B 104 6.33 -34.09 -29.83
CA MET B 104 5.01 -34.71 -29.89
C MET B 104 4.86 -35.81 -30.94
N VAL B 105 4.13 -36.86 -30.58
CA VAL B 105 3.84 -37.99 -31.47
C VAL B 105 2.34 -38.31 -31.42
N ALA B 106 1.86 -39.05 -32.41
CA ALA B 106 0.45 -39.39 -32.50
C ALA B 106 0.11 -40.85 -32.16
N ASP B 107 1.10 -41.60 -31.67
CA ASP B 107 0.89 -43.00 -31.30
C ASP B 107 1.79 -43.45 -30.17
N GLU B 108 1.36 -44.48 -29.44
CA GLU B 108 2.10 -44.99 -28.28
C GLU B 108 3.45 -45.63 -28.56
N ALA B 109 3.60 -46.25 -29.72
CA ALA B 109 4.86 -46.93 -30.03
C ALA B 109 5.95 -45.90 -30.30
N SER B 110 5.60 -44.86 -31.02
CA SER B 110 6.54 -43.79 -31.30
C SER B 110 6.95 -43.13 -29.98
N LEU B 111 5.97 -42.99 -29.09
CA LEU B 111 6.18 -42.38 -27.78
C LEU B 111 7.22 -43.17 -26.98
N LYS B 112 7.11 -44.49 -27.01
CA LYS B 112 8.03 -45.34 -26.27
C LYS B 112 9.46 -45.26 -26.81
N ALA B 113 9.60 -45.19 -28.12
CA ALA B 113 10.92 -45.11 -28.75
C ALA B 113 11.54 -43.73 -28.56
N LEU B 114 10.70 -42.70 -28.65
CA LEU B 114 11.13 -41.32 -28.45
C LEU B 114 11.75 -41.15 -27.06
N LYS B 115 11.02 -41.56 -26.03
CA LYS B 115 11.47 -41.45 -24.65
C LYS B 115 12.77 -42.20 -24.35
N GLU B 116 12.84 -43.46 -24.77
CA GLU B 116 14.04 -44.25 -24.51
C GLU B 116 15.28 -43.62 -25.14
N ASP B 117 15.10 -43.07 -26.34
CA ASP B 117 16.19 -42.41 -27.05
C ASP B 117 16.65 -41.17 -26.27
N LEU B 118 15.71 -40.25 -26.03
CA LEU B 118 15.98 -39.02 -25.28
C LEU B 118 16.68 -39.27 -23.96
N ALA B 119 16.19 -40.26 -23.21
CA ALA B 119 16.74 -40.58 -21.89
C ALA B 119 18.16 -41.14 -21.90
N SER B 120 18.60 -41.62 -23.06
CA SER B 120 19.91 -42.22 -23.18
C SER B 120 21.02 -41.25 -23.54
N ARG B 121 20.66 -40.11 -24.14
CA ARG B 121 21.67 -39.16 -24.57
C ARG B 121 22.32 -38.35 -23.45
N LYS B 122 23.63 -38.21 -23.53
CA LYS B 122 24.39 -37.49 -22.54
C LYS B 122 25.49 -36.69 -23.21
N PHE B 123 25.95 -35.64 -22.52
CA PHE B 123 27.07 -34.84 -22.99
C PHE B 123 28.33 -35.62 -22.56
N ASP B 124 29.46 -35.37 -23.21
CA ASP B 124 30.71 -36.06 -22.88
C ASP B 124 31.04 -35.96 -21.40
N GLY B 125 30.75 -34.80 -20.80
CA GLY B 125 31.01 -34.56 -19.40
C GLY B 125 30.11 -35.35 -18.46
N GLY B 126 29.09 -36.01 -19.01
CA GLY B 126 28.22 -36.85 -18.21
C GLY B 126 26.81 -36.36 -17.90
N SER B 127 26.51 -35.09 -18.19
CA SER B 127 25.18 -34.56 -17.90
C SER B 127 24.14 -35.01 -18.92
N LEU B 128 22.89 -35.16 -18.48
CA LEU B 128 21.82 -35.58 -19.37
C LEU B 128 21.49 -34.48 -20.40
N LYS B 129 21.45 -34.86 -21.67
CA LYS B 129 21.16 -33.89 -22.72
C LYS B 129 19.68 -33.51 -22.77
N PHE B 130 18.82 -34.50 -22.56
CA PHE B 130 17.39 -34.28 -22.64
C PHE B 130 16.63 -34.96 -21.51
N PRO B 131 16.87 -34.52 -20.27
CA PRO B 131 16.14 -35.14 -19.14
C PRO B 131 14.64 -34.89 -19.29
N ILE B 132 13.85 -35.93 -19.11
CA ILE B 132 12.41 -35.85 -19.26
C ILE B 132 11.76 -35.42 -17.95
N GLY B 133 10.78 -34.53 -18.04
CA GLY B 133 10.09 -34.06 -16.84
C GLY B 133 9.56 -32.64 -16.99
N GLY B 134 9.33 -31.98 -15.86
CA GLY B 134 8.84 -30.61 -15.83
C GLY B 134 7.33 -30.50 -15.82
N THR B 135 6.63 -31.57 -15.49
CA THR B 135 5.17 -31.57 -15.49
C THR B 135 4.58 -31.63 -14.09
N GLY B 136 3.31 -31.26 -13.99
CA GLY B 136 2.55 -31.32 -12.76
C GLY B 136 3.17 -30.69 -11.52
N ALA B 137 2.90 -31.30 -10.36
CA ALA B 137 3.37 -30.77 -9.09
C ALA B 137 4.82 -31.09 -8.75
N GLY B 138 5.74 -30.44 -9.46
CA GLY B 138 7.16 -30.59 -9.24
C GLY B 138 7.89 -29.27 -9.44
N VAL B 139 9.16 -29.35 -9.79
CA VAL B 139 9.98 -28.16 -10.05
C VAL B 139 10.41 -28.22 -11.51
N SER B 140 9.91 -27.31 -12.33
CA SER B 140 10.26 -27.29 -13.75
C SER B 140 11.51 -26.44 -14.00
N ASN B 141 11.72 -26.05 -15.26
CA ASN B 141 12.89 -25.26 -15.63
C ASN B 141 12.89 -23.92 -14.92
N ILE B 142 14.08 -23.31 -14.83
CA ILE B 142 14.24 -22.03 -14.18
C ILE B 142 14.25 -20.89 -15.18
N VAL B 143 13.29 -19.98 -15.07
CA VAL B 143 13.27 -18.83 -15.96
C VAL B 143 14.41 -17.93 -15.51
N HIS B 144 15.33 -17.63 -16.42
CA HIS B 144 16.52 -16.86 -16.08
C HIS B 144 17.00 -15.85 -17.12
N THR B 145 18.10 -15.20 -16.80
CA THR B 145 18.60 -14.09 -17.61
C THR B 145 20.01 -14.29 -18.19
N GLN B 146 20.69 -13.17 -18.50
CA GLN B 146 22.02 -13.20 -19.11
C GLN B 146 23.21 -13.39 -18.18
N GLY B 147 23.15 -12.80 -16.99
CA GLY B 147 24.26 -12.89 -16.06
C GLY B 147 25.58 -12.43 -16.68
N TRP B 148 26.67 -13.07 -16.30
CA TRP B 148 28.00 -12.71 -16.80
C TRP B 148 28.28 -13.17 -18.21
N VAL B 149 27.29 -13.79 -18.85
CA VAL B 149 27.46 -14.23 -20.23
C VAL B 149 27.25 -13.08 -21.23
N HIS B 150 26.50 -12.05 -20.85
CA HIS B 150 26.24 -10.98 -21.81
C HIS B 150 25.86 -9.60 -21.27
N CYS B 151 25.43 -9.52 -20.01
CA CYS B 151 25.00 -8.24 -19.46
C CYS B 151 26.04 -7.42 -18.69
N HIS B 152 25.86 -6.10 -18.71
CA HIS B 152 26.76 -5.19 -18.03
C HIS B 152 26.30 -4.76 -16.64
N THR B 153 25.03 -5.03 -16.31
CA THR B 153 24.52 -4.64 -14.99
C THR B 153 24.29 -5.77 -13.98
N PRO B 154 24.81 -6.99 -14.25
CA PRO B 154 24.46 -7.96 -13.21
C PRO B 154 25.26 -7.88 -11.92
N ALA B 155 24.75 -8.55 -10.89
CA ALA B 155 25.40 -8.63 -9.59
C ALA B 155 25.66 -10.11 -9.27
N THR B 156 25.43 -10.96 -10.25
CA THR B 156 25.61 -12.41 -10.14
C THR B 156 25.51 -13.01 -11.54
N ASP B 157 25.72 -14.33 -11.64
CA ASP B 157 25.61 -15.01 -12.93
C ASP B 157 24.22 -15.63 -13.04
N ALA B 158 23.86 -16.11 -14.23
CA ALA B 158 22.56 -16.75 -14.39
C ALA B 158 22.70 -18.24 -14.72
N SER B 159 23.36 -18.54 -15.84
CA SER B 159 23.54 -19.91 -16.30
C SER B 159 24.19 -20.82 -15.24
N GLY B 160 25.26 -20.34 -14.60
CA GLY B 160 25.94 -21.08 -13.56
C GLY B 160 25.04 -21.48 -12.42
N PRO B 161 24.47 -20.49 -11.71
CA PRO B 161 23.55 -20.75 -10.60
C PRO B 161 22.36 -21.63 -10.99
N VAL B 162 21.83 -21.42 -12.19
CA VAL B 162 20.69 -22.23 -12.64
C VAL B 162 21.09 -23.72 -12.75
N LYS B 163 22.25 -23.99 -13.35
CA LYS B 163 22.75 -25.36 -13.46
C LYS B 163 22.95 -25.94 -12.06
N ALA B 164 23.56 -25.15 -11.19
CA ALA B 164 23.83 -25.57 -9.81
C ALA B 164 22.53 -25.86 -9.06
N ILE B 165 21.48 -25.10 -9.35
CA ILE B 165 20.22 -25.31 -8.65
C ILE B 165 19.50 -26.54 -9.18
N MET B 166 19.41 -26.65 -10.50
CA MET B 166 18.73 -27.78 -11.10
C MET B 166 19.38 -29.11 -10.67
N ASP B 167 20.70 -29.11 -10.54
CA ASP B 167 21.38 -30.33 -10.10
C ASP B 167 20.91 -30.68 -8.70
N GLU B 168 20.75 -29.67 -7.85
CA GLU B 168 20.32 -29.88 -6.47
C GLU B 168 18.87 -30.28 -6.30
N VAL B 169 17.99 -29.82 -7.18
CA VAL B 169 16.56 -30.17 -7.05
C VAL B 169 16.12 -31.12 -8.15
N PHE B 170 17.08 -31.66 -8.89
CA PHE B 170 16.79 -32.55 -10.02
C PHE B 170 15.68 -33.56 -9.83
N GLU B 171 15.68 -34.28 -8.72
CA GLU B 171 14.67 -35.30 -8.47
C GLU B 171 13.28 -34.71 -8.62
N ASP B 172 13.14 -33.43 -8.29
CA ASP B 172 11.83 -32.79 -8.38
C ASP B 172 11.47 -32.35 -9.80
N PHE B 173 12.44 -32.42 -10.70
CA PHE B 173 12.17 -32.11 -12.08
C PHE B 173 11.59 -33.36 -12.73
N GLN B 174 11.98 -34.51 -12.18
CA GLN B 174 11.56 -35.81 -12.70
C GLN B 174 10.48 -36.52 -11.91
N SER B 175 9.89 -35.83 -10.94
CA SER B 175 8.81 -36.42 -10.18
C SER B 175 7.79 -35.35 -9.83
N MET B 176 6.62 -35.79 -9.38
CA MET B 176 5.54 -34.89 -9.00
C MET B 176 5.09 -35.19 -7.58
N ARG B 177 5.94 -34.87 -6.62
CA ARG B 177 5.69 -35.15 -5.21
C ARG B 177 5.35 -33.96 -4.31
N LEU B 178 5.30 -32.76 -4.87
CA LEU B 178 5.00 -31.57 -4.08
C LEU B 178 3.49 -31.31 -3.95
N PRO B 179 3.11 -30.42 -3.02
CA PRO B 179 1.70 -30.09 -2.85
C PRO B 179 1.18 -29.36 -4.10
N ALA B 180 2.07 -28.60 -4.72
CA ALA B 180 1.74 -27.86 -5.94
C ALA B 180 3.05 -27.54 -6.69
N PRO B 181 2.95 -27.15 -7.96
CA PRO B 181 4.18 -26.88 -8.68
C PRO B 181 4.94 -25.75 -8.02
N VAL B 182 6.26 -25.85 -8.06
CA VAL B 182 7.12 -24.81 -7.50
C VAL B 182 7.91 -24.22 -8.64
N ARG B 183 7.73 -22.92 -8.85
CA ARG B 183 8.42 -22.22 -9.91
C ARG B 183 9.62 -21.48 -9.36
N ILE B 184 10.77 -21.72 -9.95
CA ILE B 184 12.01 -21.06 -9.55
C ILE B 184 12.46 -20.19 -10.71
N SER B 185 12.72 -18.92 -10.42
CA SER B 185 13.19 -17.98 -11.43
C SER B 185 14.42 -17.25 -10.86
N LEU B 186 15.25 -16.73 -11.75
CA LEU B 186 16.46 -16.04 -11.33
C LEU B 186 16.72 -14.85 -12.23
N ALA B 187 17.20 -13.77 -11.64
CA ALA B 187 17.53 -12.56 -12.38
C ALA B 187 18.85 -12.05 -11.81
N CYS B 188 19.70 -11.47 -12.65
CA CYS B 188 21.02 -11.03 -12.19
C CYS B 188 21.03 -9.65 -11.55
N CYS B 189 19.94 -8.91 -11.68
CA CYS B 189 19.84 -7.61 -11.02
C CYS B 189 18.40 -7.25 -10.73
N ILE B 190 18.19 -6.18 -9.96
CA ILE B 190 16.85 -5.78 -9.58
C ILE B 190 15.92 -5.37 -10.73
N ASN B 191 16.45 -5.34 -11.95
CA ASN B 191 15.63 -5.09 -13.13
C ASN B 191 14.68 -6.26 -13.28
N MET B 192 15.02 -7.35 -12.60
CA MET B 192 14.19 -8.55 -12.54
C MET B 192 13.61 -8.97 -13.87
N CYS B 193 14.45 -8.96 -14.91
CA CYS B 193 14.03 -9.42 -16.24
C CYS B 193 13.56 -10.84 -15.94
N GLY B 194 12.46 -11.27 -16.56
CA GLY B 194 11.94 -12.60 -16.30
C GLY B 194 10.76 -12.66 -15.36
N ALA B 195 10.80 -13.59 -14.39
CA ALA B 195 9.66 -13.81 -13.51
C ALA B 195 9.93 -13.93 -12.02
N VAL B 196 11.13 -13.56 -11.58
CA VAL B 196 11.50 -13.67 -10.18
C VAL B 196 10.50 -13.04 -9.21
N HIS B 197 9.97 -11.88 -9.58
CA HIS B 197 9.05 -11.16 -8.71
C HIS B 197 7.67 -11.80 -8.59
N CYS B 198 7.42 -12.87 -9.35
CA CYS B 198 6.12 -13.53 -9.32
C CYS B 198 6.25 -15.04 -9.28
N SER B 199 7.33 -15.54 -8.68
CA SER B 199 7.60 -16.97 -8.61
C SER B 199 7.56 -17.49 -7.19
N ASP B 200 7.37 -18.80 -7.05
CA ASP B 200 7.34 -19.45 -5.74
C ASP B 200 8.68 -19.24 -5.06
N ILE B 201 9.75 -19.23 -5.84
CA ILE B 201 11.09 -19.00 -5.34
C ILE B 201 11.83 -18.17 -6.37
N GLY B 202 12.29 -17.00 -5.94
CA GLY B 202 13.01 -16.10 -6.82
C GLY B 202 14.39 -15.77 -6.27
N VAL B 203 15.38 -15.74 -7.15
CA VAL B 203 16.74 -15.41 -6.76
C VAL B 203 17.09 -14.19 -7.56
N VAL B 204 17.53 -13.13 -6.87
CA VAL B 204 17.89 -11.90 -7.54
C VAL B 204 19.24 -11.37 -7.07
N GLY B 205 20.10 -10.97 -8.02
CA GLY B 205 21.40 -10.42 -7.71
C GLY B 205 21.26 -9.03 -7.11
N ILE B 206 21.96 -8.79 -6.01
CA ILE B 206 21.91 -7.48 -5.35
C ILE B 206 23.31 -6.92 -5.08
N HIS B 207 23.37 -5.61 -4.97
CA HIS B 207 24.61 -4.91 -4.63
C HIS B 207 24.44 -4.43 -3.18
N ARG B 208 25.57 -4.20 -2.50
CA ARG B 208 25.52 -3.73 -1.11
C ARG B 208 26.40 -2.49 -0.89
N LYS B 209 26.80 -1.86 -1.98
CA LYS B 209 27.63 -0.66 -1.91
C LYS B 209 27.17 0.35 -2.93
N PRO B 210 27.23 1.64 -2.58
CA PRO B 210 26.83 2.66 -3.56
C PRO B 210 27.78 2.64 -4.75
N PRO B 211 27.34 3.19 -5.89
CA PRO B 211 28.18 3.24 -7.09
C PRO B 211 29.40 4.14 -6.91
N MET B 212 30.43 3.90 -7.71
CA MET B 212 31.62 4.74 -7.72
C MET B 212 31.30 5.82 -8.74
N ILE B 213 31.94 6.98 -8.62
CA ILE B 213 31.70 8.09 -9.54
C ILE B 213 32.94 8.46 -10.35
N ASP B 214 32.87 8.24 -11.67
CA ASP B 214 33.96 8.57 -12.58
C ASP B 214 33.84 10.06 -12.96
N HIS B 215 34.20 10.92 -12.03
CA HIS B 215 34.09 12.38 -12.21
C HIS B 215 34.61 12.96 -13.52
N GLU B 216 35.70 12.41 -14.04
CA GLU B 216 36.25 12.89 -15.30
C GLU B 216 35.29 12.68 -16.48
N TRP B 217 34.43 11.66 -16.37
CA TRP B 217 33.53 11.33 -17.46
C TRP B 217 32.05 11.58 -17.25
N THR B 218 31.67 11.94 -16.02
CA THR B 218 30.28 12.20 -15.68
C THR B 218 29.56 13.10 -16.68
N ASP B 219 30.06 14.32 -16.84
CA ASP B 219 29.46 15.30 -17.73
C ASP B 219 29.71 15.03 -19.21
N GLN B 220 30.63 14.11 -19.51
CA GLN B 220 30.96 13.78 -20.89
C GLN B 220 30.15 12.63 -21.45
N LEU B 221 30.05 11.56 -20.67
CA LEU B 221 29.37 10.35 -21.10
C LEU B 221 27.89 10.29 -20.73
N CYS B 222 27.49 11.06 -19.73
CA CYS B 222 26.11 10.99 -19.28
C CYS B 222 25.29 12.25 -19.41
N GLU B 223 23.98 12.06 -19.38
CA GLU B 223 23.02 13.15 -19.37
C GLU B 223 22.64 13.23 -17.89
N ILE B 224 23.38 14.05 -17.15
CA ILE B 224 23.19 14.19 -15.71
C ILE B 224 21.75 14.26 -15.20
N PRO B 225 20.89 15.02 -15.89
CA PRO B 225 19.51 15.06 -15.40
C PRO B 225 18.83 13.68 -15.45
N LEU B 226 19.19 12.85 -16.43
CA LEU B 226 18.61 11.50 -16.52
C LEU B 226 19.01 10.67 -15.30
N ALA B 227 20.28 10.76 -14.92
CA ALA B 227 20.79 10.01 -13.76
C ALA B 227 20.08 10.48 -12.48
N VAL B 228 19.83 11.77 -12.38
CA VAL B 228 19.15 12.33 -11.23
C VAL B 228 17.72 11.78 -11.13
N ALA B 229 17.04 11.70 -12.27
CA ALA B 229 15.68 11.21 -12.33
C ALA B 229 15.57 9.68 -12.25
N SER B 230 16.71 8.98 -12.28
CA SER B 230 16.71 7.52 -12.28
C SER B 230 16.79 6.90 -10.89
N CYS B 231 16.91 7.74 -9.86
CA CYS B 231 17.04 7.22 -8.49
C CYS B 231 15.71 7.17 -7.77
N PRO B 232 15.30 5.98 -7.33
CA PRO B 232 14.03 5.81 -6.62
C PRO B 232 14.02 6.49 -5.25
N THR B 233 15.20 6.76 -4.70
CA THR B 233 15.32 7.42 -3.40
C THR B 233 15.86 8.86 -3.44
N ALA B 234 16.01 9.42 -4.64
CA ALA B 234 16.47 10.80 -4.80
C ALA B 234 17.83 11.10 -4.12
N ALA B 235 18.68 10.07 -4.13
CA ALA B 235 20.03 10.14 -3.57
C ALA B 235 21.01 10.79 -4.54
N VAL B 236 20.63 10.86 -5.80
CA VAL B 236 21.49 11.39 -6.84
C VAL B 236 21.24 12.88 -7.06
N ARG B 237 22.31 13.66 -7.09
CA ARG B 237 22.19 15.09 -7.30
C ARG B 237 23.37 15.63 -8.09
N PRO B 238 23.12 16.68 -8.89
CA PRO B 238 24.23 17.27 -9.65
C PRO B 238 25.15 18.06 -8.74
N THR B 239 26.42 18.14 -9.10
CA THR B 239 27.40 18.87 -8.28
C THR B 239 28.58 19.34 -9.11
N LYS B 240 29.43 20.14 -8.49
CA LYS B 240 30.63 20.66 -9.15
C LYS B 240 31.85 20.27 -8.33
N LEU B 241 32.88 19.76 -9.00
CA LEU B 241 34.08 19.34 -8.31
C LEU B 241 35.32 19.81 -9.04
N GLU B 242 36.30 20.29 -8.27
CA GLU B 242 37.53 20.77 -8.86
C GLU B 242 38.53 19.63 -9.05
N ILE B 243 39.19 19.61 -10.20
CA ILE B 243 40.16 18.58 -10.52
C ILE B 243 41.31 19.15 -11.34
N GLY B 244 42.50 19.17 -10.75
CA GLY B 244 43.68 19.68 -11.42
C GLY B 244 43.49 21.05 -12.03
N ASP B 245 43.11 22.02 -11.21
CA ASP B 245 42.90 23.38 -11.67
C ASP B 245 41.70 23.43 -12.62
N LYS B 246 40.91 22.37 -12.61
CA LYS B 246 39.73 22.28 -13.46
C LYS B 246 38.46 21.88 -12.70
N LYS B 247 37.45 22.75 -12.77
CA LYS B 247 36.17 22.46 -12.12
C LYS B 247 35.31 21.73 -13.15
N VAL B 248 34.61 20.69 -12.71
CA VAL B 248 33.77 19.91 -13.61
C VAL B 248 32.36 19.73 -13.07
N ASN B 249 31.42 19.53 -13.98
CA ASN B 249 30.03 19.26 -13.61
C ASN B 249 29.99 17.76 -13.41
N THR B 250 29.63 17.34 -12.21
CA THR B 250 29.60 15.92 -11.91
C THR B 250 28.36 15.51 -11.10
N ILE B 251 28.46 14.39 -10.40
CA ILE B 251 27.34 13.87 -9.64
C ILE B 251 27.75 13.63 -8.19
N ALA B 252 26.79 13.81 -7.30
CA ALA B 252 26.98 13.51 -5.89
C ALA B 252 25.88 12.52 -5.49
N ILE B 253 26.26 11.54 -4.67
CA ILE B 253 25.33 10.52 -4.20
C ILE B 253 25.29 10.52 -2.68
N LYS B 254 24.10 10.62 -2.10
CA LYS B 254 23.95 10.59 -0.65
C LYS B 254 23.97 9.13 -0.23
N ASN B 255 25.13 8.64 0.17
CA ASN B 255 25.29 7.23 0.51
C ASN B 255 24.22 6.67 1.43
N GLU B 256 23.81 7.48 2.41
CA GLU B 256 22.80 7.07 3.37
C GLU B 256 21.41 6.93 2.75
N ARG B 257 21.23 7.46 1.55
CA ARG B 257 19.95 7.38 0.87
C ARG B 257 19.98 6.39 -0.30
N CYS B 258 21.16 5.86 -0.59
CA CYS B 258 21.36 4.89 -1.65
C CYS B 258 21.11 3.43 -1.18
N MET B 259 20.32 2.69 -1.94
CA MET B 259 20.07 1.28 -1.63
C MET B 259 20.58 0.38 -2.76
N TYR B 260 21.62 0.87 -3.44
CA TYR B 260 22.37 0.13 -4.44
C TYR B 260 21.56 -0.57 -5.53
N CYS B 261 20.44 0.01 -5.94
CA CYS B 261 19.62 -0.59 -6.99
C CYS B 261 20.37 -0.67 -8.32
N GLY B 262 21.35 0.21 -8.51
CA GLY B 262 22.17 0.25 -9.71
C GLY B 262 21.52 0.91 -10.92
N ASN B 263 20.36 1.52 -10.74
CA ASN B 263 19.66 2.13 -11.87
C ASN B 263 20.36 3.34 -12.45
N CYS B 264 21.09 4.07 -11.63
CA CYS B 264 21.82 5.23 -12.14
C CYS B 264 22.93 4.78 -13.10
N TYR B 265 23.50 3.59 -12.86
CA TYR B 265 24.53 3.02 -13.74
C TYR B 265 23.94 2.60 -15.09
N THR B 266 22.72 2.09 -15.05
CA THR B 266 22.02 1.70 -16.27
C THR B 266 21.96 2.93 -17.18
N MET B 267 21.69 4.08 -16.59
CA MET B 267 21.57 5.34 -17.33
C MET B 267 22.88 6.08 -17.59
N CYS B 268 23.87 5.90 -16.71
CA CYS B 268 25.12 6.63 -16.81
C CYS B 268 26.33 5.73 -16.59
N PRO B 269 27.11 5.48 -17.66
CA PRO B 269 28.30 4.61 -17.68
C PRO B 269 29.39 5.03 -16.68
N ALA B 270 29.31 6.27 -16.20
CA ALA B 270 30.28 6.80 -15.25
C ALA B 270 29.93 6.48 -13.80
N LEU B 271 28.93 5.62 -13.60
CA LEU B 271 28.50 5.26 -12.25
C LEU B 271 28.61 3.73 -11.98
N PRO B 272 29.72 3.11 -12.37
CA PRO B 272 29.89 1.66 -12.17
C PRO B 272 29.60 1.26 -10.74
N ILE B 273 28.98 0.09 -10.56
CA ILE B 273 28.57 -0.36 -9.22
C ILE B 273 29.00 -1.78 -8.83
N SER B 274 29.27 -2.65 -9.80
CA SER B 274 29.60 -4.04 -9.47
C SER B 274 30.74 -4.19 -8.45
N ASP B 275 30.64 -5.23 -7.63
CA ASP B 275 31.66 -5.51 -6.61
C ASP B 275 31.69 -7.00 -6.29
N GLY B 276 32.85 -7.62 -6.47
CA GLY B 276 33.02 -9.04 -6.21
C GLY B 276 32.58 -9.48 -4.83
N GLU B 277 33.07 -8.80 -3.79
CA GLU B 277 32.77 -9.16 -2.42
C GLU B 277 31.44 -8.61 -1.93
N GLY B 278 31.06 -7.44 -2.42
CA GLY B 278 29.83 -6.80 -2.03
C GLY B 278 28.61 -7.47 -2.64
N ASP B 279 28.74 -7.86 -3.90
CA ASP B 279 27.65 -8.50 -4.60
C ASP B 279 27.26 -9.86 -4.08
N GLY B 280 25.98 -10.16 -4.19
CA GLY B 280 25.41 -11.41 -3.74
C GLY B 280 24.04 -11.60 -4.34
N VAL B 281 23.22 -12.34 -3.63
CA VAL B 281 21.88 -12.66 -4.11
C VAL B 281 20.91 -12.62 -2.94
N VAL B 282 19.66 -12.27 -3.24
CA VAL B 282 18.60 -12.35 -2.24
C VAL B 282 17.69 -13.45 -2.70
N ILE B 283 16.88 -13.97 -1.79
CA ILE B 283 15.95 -15.02 -2.12
C ILE B 283 14.58 -14.51 -1.77
N MET B 284 13.67 -14.58 -2.72
CA MET B 284 12.29 -14.14 -2.52
C MET B 284 11.41 -15.36 -2.70
N VAL B 285 10.35 -15.47 -1.90
CA VAL B 285 9.44 -16.62 -2.02
C VAL B 285 7.98 -16.19 -1.97
N GLY B 286 7.09 -17.06 -2.42
CA GLY B 286 5.67 -16.82 -2.26
C GLY B 286 4.90 -16.11 -3.35
N GLY B 287 5.48 -15.97 -4.53
CA GLY B 287 4.76 -15.36 -5.63
C GLY B 287 4.03 -16.40 -6.47
N LYS B 288 3.13 -15.94 -7.33
CA LYS B 288 2.42 -16.82 -8.24
C LYS B 288 1.64 -16.00 -9.26
N VAL B 289 1.54 -16.49 -10.48
CA VAL B 289 0.83 -15.76 -11.53
C VAL B 289 -0.58 -16.24 -11.85
N SER B 290 -0.85 -17.51 -11.51
CA SER B 290 -2.16 -18.09 -11.77
C SER B 290 -3.23 -17.46 -10.89
N ASN B 291 -4.48 -17.52 -11.34
CA ASN B 291 -5.60 -17.00 -10.54
C ASN B 291 -6.28 -18.14 -9.79
N ARG B 292 -5.64 -19.32 -9.80
CA ARG B 292 -6.19 -20.52 -9.15
C ARG B 292 -6.27 -20.43 -7.64
N ILE B 293 -7.48 -20.51 -7.11
CA ILE B 293 -7.76 -20.37 -5.69
C ILE B 293 -7.54 -18.96 -5.13
N SER B 294 -6.32 -18.52 -5.09
CA SER B 294 -5.99 -17.17 -4.64
C SER B 294 -5.63 -16.29 -5.84
N MET B 295 -5.63 -14.97 -5.65
CA MET B 295 -5.22 -14.06 -6.70
C MET B 295 -3.71 -14.14 -6.86
N PRO B 296 -3.17 -13.67 -8.00
CA PRO B 296 -1.71 -13.69 -8.16
C PRO B 296 -1.02 -12.94 -7.04
N LYS B 297 0.22 -13.36 -6.74
CA LYS B 297 1.00 -12.77 -5.65
C LYS B 297 2.40 -12.40 -6.11
N PHE B 298 2.98 -11.41 -5.42
CA PHE B 298 4.35 -11.01 -5.66
C PHE B 298 5.16 -11.87 -4.68
N SER B 299 6.39 -12.20 -5.05
CA SER B 299 7.28 -12.91 -4.14
C SER B 299 7.83 -11.91 -3.11
N LYS B 300 8.13 -12.39 -1.92
CA LYS B 300 8.62 -11.54 -0.84
C LYS B 300 10.06 -11.91 -0.42
N VAL B 301 10.85 -10.89 -0.08
CA VAL B 301 12.23 -11.10 0.35
C VAL B 301 12.27 -11.83 1.70
N VAL B 302 12.91 -13.00 1.74
CA VAL B 302 13.04 -13.77 2.99
C VAL B 302 14.50 -13.99 3.39
N VAL B 303 15.40 -13.80 2.44
CA VAL B 303 16.83 -13.91 2.71
C VAL B 303 17.49 -12.66 2.11
N ALA B 304 17.97 -11.77 2.96
CA ALA B 304 18.56 -10.49 2.54
C ALA B 304 19.88 -10.61 1.79
N TYR B 305 20.65 -11.64 2.08
CA TYR B 305 21.93 -11.77 1.41
C TYR B 305 22.59 -13.14 1.47
N ILE B 306 22.96 -13.65 0.30
CA ILE B 306 23.71 -14.87 0.17
C ILE B 306 24.84 -14.51 -0.77
N PRO B 307 26.10 -14.75 -0.35
CA PRO B 307 27.21 -14.36 -1.22
C PRO B 307 27.32 -15.20 -2.48
N ASN B 308 27.95 -14.63 -3.51
CA ASN B 308 28.23 -15.37 -4.73
C ASN B 308 29.36 -16.35 -4.42
N GLU B 309 29.17 -17.62 -4.78
CA GLU B 309 30.21 -18.63 -4.55
C GLU B 309 30.41 -19.46 -5.82
N PRO B 310 30.90 -18.84 -6.89
CA PRO B 310 31.08 -19.65 -8.10
C PRO B 310 32.11 -20.78 -7.86
N PRO B 311 31.93 -21.92 -8.55
CA PRO B 311 30.91 -22.02 -9.59
C PRO B 311 29.64 -22.77 -9.19
N ARG B 312 29.58 -23.27 -7.96
CA ARG B 312 28.42 -24.05 -7.54
C ARG B 312 27.40 -23.36 -6.64
N TRP B 313 27.73 -22.20 -6.09
CA TRP B 313 26.82 -21.48 -5.22
C TRP B 313 26.18 -22.38 -4.16
N PRO B 314 27.00 -23.13 -3.41
CA PRO B 314 26.50 -24.05 -2.38
C PRO B 314 25.48 -23.45 -1.38
N SER B 315 25.78 -22.28 -0.81
CA SER B 315 24.85 -21.69 0.16
C SER B 315 23.48 -21.45 -0.49
N LEU B 316 23.49 -20.87 -1.68
CA LEU B 316 22.27 -20.62 -2.43
C LEU B 316 21.48 -21.90 -2.59
N THR B 317 22.07 -22.90 -3.24
CA THR B 317 21.40 -24.16 -3.47
C THR B 317 20.92 -24.89 -2.22
N LYS B 318 21.76 -24.93 -1.19
CA LYS B 318 21.38 -25.59 0.05
C LYS B 318 20.09 -24.96 0.61
N THR B 319 20.09 -23.63 0.67
CA THR B 319 18.97 -22.86 1.19
C THR B 319 17.68 -23.09 0.40
N ILE B 320 17.79 -23.08 -0.92
CA ILE B 320 16.63 -23.31 -1.77
C ILE B 320 16.04 -24.70 -1.54
N LYS B 321 16.90 -25.71 -1.44
CA LYS B 321 16.45 -27.09 -1.24
C LYS B 321 15.72 -27.24 0.09
N HIS B 322 16.25 -26.60 1.13
CA HIS B 322 15.64 -26.63 2.45
C HIS B 322 14.25 -25.98 2.44
N ILE B 323 14.12 -24.84 1.74
CA ILE B 323 12.83 -24.17 1.67
C ILE B 323 11.80 -25.07 1.01
N ILE B 324 12.18 -25.74 -0.07
CA ILE B 324 11.28 -26.65 -0.76
C ILE B 324 10.90 -27.81 0.14
N GLU B 325 11.87 -28.29 0.91
CA GLU B 325 11.64 -29.40 1.83
C GLU B 325 10.55 -29.06 2.85
N VAL B 326 10.69 -27.94 3.55
CA VAL B 326 9.70 -27.61 4.57
C VAL B 326 8.35 -27.22 4.00
N TYR B 327 8.36 -26.59 2.83
CA TYR B 327 7.10 -26.27 2.17
C TYR B 327 6.39 -27.60 1.84
N SER B 328 7.12 -28.52 1.23
CA SER B 328 6.57 -29.82 0.83
C SER B 328 6.04 -30.65 1.99
N ALA B 329 6.74 -30.58 3.12
CA ALA B 329 6.33 -31.33 4.31
C ALA B 329 5.13 -30.71 5.01
N ASN B 330 4.81 -29.46 4.70
CA ASN B 330 3.74 -28.77 5.43
C ASN B 330 2.50 -28.31 4.64
N ALA B 331 2.68 -27.91 3.39
CA ALA B 331 1.54 -27.40 2.63
C ALA B 331 0.45 -28.41 2.28
N TYR B 332 -0.77 -27.90 2.11
CA TYR B 332 -1.90 -28.73 1.71
C TYR B 332 -1.82 -29.00 0.22
N LYS B 333 -2.58 -29.98 -0.25
CA LYS B 333 -2.60 -30.31 -1.67
C LYS B 333 -3.11 -29.09 -2.42
N TYR B 334 -2.51 -28.81 -3.58
CA TYR B 334 -2.89 -27.66 -4.42
C TYR B 334 -2.43 -26.33 -3.86
N GLU B 335 -1.91 -26.34 -2.64
CA GLU B 335 -1.49 -25.12 -1.96
C GLU B 335 -0.13 -24.62 -2.42
N ARG B 336 -0.11 -23.48 -3.12
CA ARG B 336 1.12 -22.88 -3.58
C ARG B 336 1.93 -22.40 -2.37
N LEU B 337 3.25 -22.29 -2.54
CA LEU B 337 4.12 -21.87 -1.45
C LEU B 337 3.66 -20.55 -0.81
N GLY B 338 3.22 -19.59 -1.63
CA GLY B 338 2.77 -18.31 -1.13
C GLY B 338 1.50 -18.41 -0.32
N GLU B 339 0.59 -19.27 -0.75
CA GLU B 339 -0.67 -19.47 -0.05
C GLU B 339 -0.42 -20.10 1.32
N TRP B 340 0.52 -21.03 1.37
CA TRP B 340 0.89 -21.74 2.59
C TRP B 340 1.48 -20.77 3.60
N ALA B 341 2.50 -20.04 3.17
CA ALA B 341 3.17 -19.06 4.03
C ALA B 341 2.18 -18.03 4.59
N GLU B 342 1.24 -17.59 3.76
CA GLU B 342 0.26 -16.61 4.21
C GLU B 342 -0.75 -17.18 5.18
N ARG B 343 -1.22 -18.40 4.93
CA ARG B 343 -2.17 -19.07 5.80
C ARG B 343 -1.62 -19.30 7.21
N ILE B 344 -0.38 -19.77 7.29
CA ILE B 344 0.24 -20.06 8.59
C ILE B 344 0.79 -18.83 9.29
N GLY B 345 0.95 -17.74 8.53
CA GLY B 345 1.53 -16.52 9.06
C GLY B 345 3.02 -16.54 8.75
N TRP B 346 3.53 -15.43 8.25
CA TRP B 346 4.94 -15.37 7.91
C TRP B 346 5.88 -15.68 9.10
N GLU B 347 5.41 -15.44 10.33
CA GLU B 347 6.22 -15.73 11.52
C GLU B 347 6.40 -17.24 11.70
N ARG B 348 5.43 -18.01 11.25
CA ARG B 348 5.49 -19.47 11.34
C ARG B 348 6.33 -19.99 10.18
N PHE B 349 6.34 -19.25 9.07
CA PHE B 349 7.18 -19.63 7.94
C PHE B 349 8.63 -19.47 8.34
N PHE B 350 8.93 -18.41 9.09
CA PHE B 350 10.31 -18.17 9.53
C PHE B 350 10.74 -19.19 10.58
N SER B 351 9.87 -19.50 11.53
CA SER B 351 10.23 -20.46 12.56
C SER B 351 10.40 -21.90 12.02
N LEU B 352 9.49 -22.33 11.15
CA LEU B 352 9.57 -23.66 10.54
C LEU B 352 10.82 -23.83 9.65
N THR B 353 11.15 -22.79 8.88
CA THR B 353 12.29 -22.84 7.97
C THR B 353 13.59 -22.57 8.71
N GLY B 354 13.50 -21.91 9.86
CA GLY B 354 14.67 -21.55 10.65
C GLY B 354 15.45 -20.39 10.02
N LEU B 355 14.88 -19.78 8.99
CA LEU B 355 15.54 -18.66 8.31
C LEU B 355 15.63 -17.50 9.29
N GLU B 356 16.74 -16.77 9.28
CA GLU B 356 16.89 -15.64 10.19
C GLU B 356 16.06 -14.45 9.72
N PHE B 357 15.40 -13.79 10.65
CA PHE B 357 14.62 -12.60 10.30
C PHE B 357 15.44 -11.38 10.67
N SER B 358 15.94 -10.68 9.66
CA SER B 358 16.77 -9.52 9.89
C SER B 358 16.03 -8.21 9.59
N HIS B 359 16.63 -7.12 10.04
CA HIS B 359 16.03 -5.81 9.85
C HIS B 359 15.80 -5.49 8.37
N HIS B 360 16.59 -6.11 7.50
CA HIS B 360 16.47 -5.88 6.05
C HIS B 360 15.12 -6.25 5.48
N LEU B 361 14.48 -7.25 6.08
CA LEU B 361 13.22 -7.79 5.57
C LEU B 361 11.99 -6.93 5.77
N ILE B 362 12.11 -5.90 6.62
CA ILE B 362 10.99 -5.00 6.91
C ILE B 362 10.94 -3.91 5.86
N ASP B 363 9.83 -3.84 5.13
CA ASP B 363 9.69 -2.83 4.08
C ASP B 363 9.82 -1.42 4.64
N ASP B 364 10.63 -0.60 3.98
CA ASP B 364 10.81 0.80 4.39
C ASP B 364 10.70 1.75 3.18
N PHE B 365 10.15 1.25 2.09
CA PHE B 365 10.03 2.05 0.86
C PHE B 365 8.70 2.76 0.71
N ARG B 366 8.71 4.06 1.01
CA ARG B 366 7.53 4.92 0.86
C ARG B 366 6.29 4.59 1.69
N ASP B 367 5.17 5.22 1.36
CA ASP B 367 3.92 5.03 2.08
C ASP B 367 3.42 3.60 2.11
N PRO B 368 3.60 2.84 1.01
CA PRO B 368 3.12 1.46 1.02
C PRO B 368 3.76 0.57 2.08
N ALA B 369 4.97 0.93 2.54
CA ALA B 369 5.67 0.13 3.53
C ALA B 369 4.82 -0.13 4.78
N TYR B 370 4.09 0.89 5.20
CA TYR B 370 3.27 0.81 6.39
C TYR B 370 2.31 -0.37 6.36
N TYR B 371 1.72 -0.63 5.19
CA TYR B 371 0.73 -1.69 5.03
C TYR B 371 1.33 -3.10 5.12
N THR B 372 2.66 -3.21 5.16
CA THR B 372 3.29 -4.51 5.31
C THR B 372 3.56 -4.81 6.79
N TRP B 373 3.39 -3.80 7.64
CA TRP B 373 3.61 -3.97 9.06
C TRP B 373 2.40 -4.64 9.67
N ARG B 374 2.46 -4.96 10.96
CA ARG B 374 1.38 -5.67 11.63
C ARG B 374 0.43 -4.81 12.48
N GLN B 375 -0.71 -4.44 11.92
CA GLN B 375 -1.69 -3.63 12.65
C GLN B 375 -2.76 -4.53 13.27
N SER B 376 -2.32 -5.37 14.19
CA SER B 376 -3.20 -6.32 14.85
C SER B 376 -2.42 -7.01 15.95
N THR B 377 -3.14 -7.58 16.92
CA THR B 377 -2.51 -8.33 18.00
C THR B 377 -2.51 -9.82 17.64
N GLN B 378 -3.12 -10.14 16.49
CA GLN B 378 -3.17 -11.50 15.95
C GLN B 378 -1.78 -11.92 15.45
N PHE B 379 -1.09 -12.73 16.24
CA PHE B 379 0.23 -13.23 15.85
C PHE B 379 0.59 -14.43 16.72
N LYS B 380 1.41 -15.32 16.20
CA LYS B 380 1.82 -16.50 16.96
C LYS B 380 3.18 -16.23 17.56
N PHE B 381 3.41 -16.74 18.77
CA PHE B 381 4.69 -16.56 19.43
C PHE B 381 5.75 -17.47 18.80
N GLU C 3 41.71 8.63 -31.36
CA GLU C 3 41.12 7.35 -31.70
C GLU C 3 40.88 7.23 -33.20
N VAL C 4 40.12 8.16 -33.76
CA VAL C 4 39.81 8.18 -35.18
C VAL C 4 40.27 9.49 -35.80
N THR C 5 40.85 9.40 -37.00
CA THR C 5 41.35 10.59 -37.69
C THR C 5 40.57 10.86 -38.97
N TYR C 6 40.43 12.14 -39.31
CA TYR C 6 39.71 12.55 -40.51
C TYR C 6 40.17 13.95 -40.94
N LYS C 7 40.59 14.05 -42.19
CA LYS C 7 41.08 15.31 -42.76
C LYS C 7 42.00 16.08 -41.81
N GLY C 8 42.92 15.37 -41.16
CA GLY C 8 43.85 15.99 -40.24
C GLY C 8 43.29 16.18 -38.84
N LYS C 9 42.00 15.90 -38.68
CA LYS C 9 41.34 16.03 -37.39
C LYS C 9 41.36 14.71 -36.64
N SER C 10 41.66 14.78 -35.35
CA SER C 10 41.68 13.59 -34.51
C SER C 10 40.40 13.61 -33.66
N PHE C 11 39.70 12.48 -33.63
CA PHE C 11 38.45 12.40 -32.87
C PHE C 11 38.50 11.26 -31.85
N GLU C 12 38.20 11.58 -30.59
CA GLU C 12 38.14 10.57 -29.53
C GLU C 12 36.73 9.98 -29.55
N VAL C 13 36.64 8.68 -29.84
CA VAL C 13 35.35 8.01 -30.00
C VAL C 13 35.30 6.66 -29.26
N ASP C 14 34.10 6.10 -29.12
CA ASP C 14 33.93 4.80 -28.48
C ASP C 14 33.74 3.70 -29.54
N GLU C 15 33.59 2.45 -29.10
CA GLU C 15 33.41 1.33 -30.03
C GLU C 15 32.23 1.52 -30.96
N ASP C 16 31.24 2.29 -30.51
CA ASP C 16 30.02 2.54 -31.29
C ASP C 16 30.17 3.71 -32.27
N GLY C 17 31.29 4.41 -32.20
CA GLY C 17 31.54 5.53 -33.08
C GLY C 17 30.91 6.82 -32.59
N PHE C 18 30.68 6.90 -31.28
CA PHE C 18 30.11 8.10 -30.68
C PHE C 18 31.24 8.92 -30.07
N LEU C 19 31.12 10.24 -30.21
CA LEU C 19 32.09 11.17 -29.62
C LEU C 19 31.99 11.06 -28.09
N LEU C 20 33.14 11.05 -27.42
CA LEU C 20 33.16 10.99 -25.96
C LEU C 20 32.80 12.34 -25.38
N ARG C 21 33.03 13.40 -26.15
CA ARG C 21 32.77 14.75 -25.67
C ARG C 21 32.04 15.63 -26.68
N PHE C 22 30.91 16.19 -26.27
CA PHE C 22 30.12 17.08 -27.10
C PHE C 22 30.98 18.24 -27.61
N ASP C 23 31.87 18.72 -26.76
CA ASP C 23 32.76 19.84 -27.08
C ASP C 23 33.76 19.54 -28.21
N ASP C 24 34.08 18.27 -28.40
CA ASP C 24 35.00 17.84 -29.44
C ASP C 24 34.33 17.82 -30.81
N TRP C 25 33.05 18.16 -30.86
CA TRP C 25 32.28 18.15 -32.11
C TRP C 25 32.60 19.34 -33.01
N CYS C 26 32.60 19.08 -34.31
CA CYS C 26 32.79 20.13 -35.31
C CYS C 26 32.05 19.73 -36.58
N PRO C 27 31.77 20.69 -37.46
CA PRO C 27 31.03 20.37 -38.68
C PRO C 27 31.67 19.23 -39.49
N GLU C 28 32.97 19.06 -39.34
CA GLU C 28 33.69 18.01 -40.07
C GLU C 28 33.33 16.62 -39.57
N TRP C 29 32.96 16.52 -38.30
CA TRP C 29 32.57 15.23 -37.72
C TRP C 29 31.37 14.69 -38.49
N VAL C 30 30.47 15.59 -38.87
CA VAL C 30 29.27 15.21 -39.61
C VAL C 30 29.62 14.57 -40.95
N GLU C 31 30.60 15.15 -41.65
CA GLU C 31 31.03 14.65 -42.95
C GLU C 31 31.70 13.29 -42.84
N TYR C 32 32.48 13.11 -41.79
CA TYR C 32 33.20 11.86 -41.56
C TYR C 32 32.26 10.70 -41.22
N VAL C 33 31.22 10.99 -40.42
CA VAL C 33 30.28 9.97 -39.97
C VAL C 33 29.15 9.60 -40.94
N LYS C 34 28.65 10.56 -41.70
CA LYS C 34 27.49 10.35 -42.57
C LYS C 34 27.39 9.03 -43.33
N GLU C 35 28.43 8.67 -44.07
CA GLU C 35 28.39 7.46 -44.86
C GLU C 35 28.12 6.21 -44.03
N SER C 36 28.74 6.17 -42.85
CA SER C 36 28.55 5.04 -41.93
C SER C 36 27.09 5.00 -41.46
N GLU C 37 26.39 6.12 -41.57
CA GLU C 37 24.99 6.20 -41.15
C GLU C 37 24.00 6.22 -42.31
N GLY C 38 24.43 5.73 -43.47
CA GLY C 38 23.59 5.65 -44.66
C GLY C 38 23.21 6.98 -45.27
N ILE C 39 24.06 7.99 -45.08
CA ILE C 39 23.81 9.32 -45.64
C ILE C 39 24.97 9.78 -46.55
N SER C 40 24.63 10.23 -47.75
CA SER C 40 25.63 10.70 -48.70
C SER C 40 25.71 12.22 -48.69
N ASP C 41 24.57 12.88 -48.71
CA ASP C 41 24.52 14.35 -48.72
C ASP C 41 23.72 14.89 -47.53
N ILE C 42 24.32 15.84 -46.82
CA ILE C 42 23.67 16.48 -45.68
C ILE C 42 22.79 17.63 -46.15
N SER C 43 21.50 17.37 -46.28
CA SER C 43 20.55 18.40 -46.72
C SER C 43 20.23 19.38 -45.60
N PRO C 44 19.35 20.35 -45.87
CA PRO C 44 18.97 21.35 -44.86
C PRO C 44 18.05 20.73 -43.80
N ASP C 45 17.35 19.67 -44.19
CA ASP C 45 16.45 18.97 -43.27
C ASP C 45 17.31 18.18 -42.28
N HIS C 46 18.45 17.67 -42.76
CA HIS C 46 19.39 16.97 -41.88
C HIS C 46 19.91 17.97 -40.85
N GLN C 47 20.41 19.10 -41.36
CA GLN C 47 20.96 20.14 -40.52
C GLN C 47 19.97 20.67 -39.49
N LYS C 48 18.70 20.77 -39.89
CA LYS C 48 17.63 21.24 -39.00
C LYS C 48 17.52 20.32 -37.78
N ILE C 49 17.51 19.02 -38.04
CA ILE C 49 17.42 18.04 -36.98
C ILE C 49 18.67 18.09 -36.10
N ILE C 50 19.84 18.16 -36.72
CA ILE C 50 21.10 18.23 -35.99
C ILE C 50 21.14 19.47 -35.10
N ASP C 51 20.73 20.60 -35.68
CA ASP C 51 20.73 21.87 -34.95
C ASP C 51 19.81 21.79 -33.73
N PHE C 52 18.62 21.22 -33.93
CA PHE C 52 17.67 21.10 -32.83
C PHE C 52 18.24 20.30 -31.65
N LEU C 53 18.77 19.11 -31.95
CA LEU C 53 19.36 18.27 -30.92
C LEU C 53 20.41 19.06 -30.13
N GLN C 54 21.30 19.74 -30.86
CA GLN C 54 22.35 20.53 -30.23
C GLN C 54 21.80 21.65 -29.37
N ASP C 55 20.81 22.40 -29.88
CA ASP C 55 20.20 23.47 -29.10
C ASP C 55 19.58 22.91 -27.83
N TYR C 56 18.75 21.88 -27.99
CA TYR C 56 18.08 21.24 -26.86
C TYR C 56 19.08 20.74 -25.81
N TYR C 57 20.13 20.07 -26.25
CA TYR C 57 21.14 19.55 -25.34
C TYR C 57 21.87 20.67 -24.58
N LYS C 58 22.32 21.69 -25.31
CA LYS C 58 23.03 22.82 -24.68
C LYS C 58 22.15 23.49 -23.64
N LYS C 59 20.85 23.58 -23.94
CA LYS C 59 19.91 24.23 -23.04
C LYS C 59 19.40 23.36 -21.89
N ASN C 60 19.19 22.07 -22.15
CA ASN C 60 18.62 21.16 -21.16
C ASN C 60 19.51 20.10 -20.52
N GLY C 61 20.67 19.81 -21.10
CA GLY C 61 21.53 18.80 -20.53
C GLY C 61 21.06 17.38 -20.81
N ILE C 62 20.03 17.25 -21.64
CA ILE C 62 19.48 15.95 -22.02
C ILE C 62 19.10 15.96 -23.49
N ALA C 63 18.99 14.78 -24.07
CA ALA C 63 18.56 14.66 -25.46
C ALA C 63 17.04 14.79 -25.45
N PRO C 64 16.46 15.41 -26.49
CA PRO C 64 15.00 15.49 -26.37
C PRO C 64 14.31 14.16 -26.67
N MET C 65 13.12 13.97 -26.10
CA MET C 65 12.34 12.76 -26.38
C MET C 65 11.95 12.80 -27.85
N VAL C 66 11.74 11.64 -28.44
CA VAL C 66 11.38 11.53 -29.86
C VAL C 66 10.18 12.41 -30.24
N ARG C 67 9.17 12.43 -29.38
CA ARG C 67 7.97 13.21 -29.65
C ARG C 67 8.26 14.70 -29.64
N ILE C 68 9.28 15.09 -28.89
CA ILE C 68 9.68 16.49 -28.78
C ILE C 68 10.47 16.86 -30.02
N LEU C 69 11.30 15.94 -30.49
CA LEU C 69 12.08 16.19 -31.69
C LEU C 69 11.13 16.39 -32.86
N SER C 70 10.15 15.50 -32.97
CA SER C 70 9.16 15.57 -34.03
C SER C 70 8.33 16.85 -34.00
N LYS C 71 7.83 17.21 -32.81
CA LYS C 71 7.02 18.40 -32.65
C LYS C 71 7.75 19.70 -32.98
N ASN C 72 8.93 19.89 -32.41
CA ASN C 72 9.74 21.09 -32.64
C ASN C 72 10.27 21.13 -34.07
N THR C 73 10.65 19.97 -34.58
CA THR C 73 11.22 19.84 -35.91
C THR C 73 10.19 19.81 -37.04
N GLY C 74 8.99 19.36 -36.73
CA GLY C 74 7.93 19.25 -37.72
C GLY C 74 8.06 17.96 -38.52
N PHE C 75 9.13 17.23 -38.28
CA PHE C 75 9.39 15.98 -38.98
C PHE C 75 8.77 14.79 -38.24
N LYS C 76 7.80 14.14 -38.88
CA LYS C 76 7.20 12.96 -38.29
C LYS C 76 8.27 11.88 -38.23
N LEU C 77 8.05 10.85 -37.41
CA LEU C 77 9.03 9.76 -37.26
C LEU C 77 9.44 9.13 -38.59
N LYS C 78 8.47 8.91 -39.47
CA LYS C 78 8.77 8.34 -40.78
C LYS C 78 9.80 9.21 -41.50
N GLU C 79 9.55 10.52 -41.50
CA GLU C 79 10.45 11.48 -42.16
C GLU C 79 11.83 11.43 -41.53
N VAL C 80 11.88 11.36 -40.20
CA VAL C 80 13.15 11.29 -39.50
C VAL C 80 13.98 10.10 -39.97
N TYR C 81 13.32 8.95 -40.14
CA TYR C 81 14.02 7.73 -40.58
C TYR C 81 14.48 7.80 -42.04
N GLU C 82 13.79 8.60 -42.84
CA GLU C 82 14.16 8.80 -44.25
C GLU C 82 15.46 9.59 -44.32
N LEU C 83 15.61 10.56 -43.41
CA LEU C 83 16.81 11.37 -43.32
C LEU C 83 17.93 10.60 -42.64
N PHE C 84 17.60 9.97 -41.51
CA PHE C 84 18.57 9.19 -40.75
C PHE C 84 18.08 7.74 -40.64
N PRO C 85 18.54 6.87 -41.56
CA PRO C 85 18.19 5.46 -41.70
C PRO C 85 18.29 4.63 -40.42
N SER C 86 19.29 4.91 -39.59
CA SER C 86 19.49 4.18 -38.34
C SER C 86 18.69 4.76 -37.17
N GLY C 87 17.95 5.84 -37.45
CA GLY C 87 17.09 6.47 -36.47
C GLY C 87 17.65 7.72 -35.82
N PRO C 88 16.86 8.33 -34.93
CA PRO C 88 17.19 9.56 -34.19
C PRO C 88 18.28 9.34 -33.15
N GLY C 89 18.40 8.12 -32.65
CA GLY C 89 19.41 7.79 -31.65
C GLY C 89 20.76 7.50 -32.26
N LYS C 90 20.87 6.32 -32.87
CA LYS C 90 22.12 5.89 -33.48
C LYS C 90 22.57 6.82 -34.62
N GLY C 91 21.62 7.40 -35.33
CA GLY C 91 21.92 8.28 -36.44
C GLY C 91 22.12 9.75 -36.09
N ALA C 92 21.01 10.44 -35.85
CA ALA C 92 21.05 11.88 -35.55
C ALA C 92 21.83 12.27 -34.29
N CYS C 93 21.65 11.51 -33.21
CA CYS C 93 22.37 11.84 -31.98
C CYS C 93 23.89 11.67 -32.16
N LYS C 94 24.29 10.61 -32.85
CA LYS C 94 25.71 10.37 -33.10
C LYS C 94 26.31 11.50 -33.92
N MET C 95 25.65 11.81 -35.03
CA MET C 95 26.10 12.88 -35.92
C MET C 95 26.03 14.25 -35.28
N ALA C 96 25.13 14.43 -34.30
CA ALA C 96 24.99 15.71 -33.62
C ALA C 96 26.00 15.87 -32.48
N GLY C 97 26.63 14.77 -32.09
CA GLY C 97 27.62 14.78 -31.02
C GLY C 97 27.10 14.64 -29.60
N LEU C 98 25.84 14.24 -29.46
CA LEU C 98 25.24 14.06 -28.14
C LEU C 98 25.71 12.76 -27.49
N PRO C 99 25.52 12.63 -26.16
CA PRO C 99 25.98 11.38 -25.55
C PRO C 99 25.19 10.17 -26.08
N LYS C 100 25.85 9.02 -26.12
CA LYS C 100 25.21 7.80 -26.59
C LYS C 100 23.96 7.48 -25.77
N PRO C 101 22.88 7.04 -26.44
CA PRO C 101 21.65 6.70 -25.71
C PRO C 101 21.91 5.53 -24.75
N THR C 102 21.35 5.61 -23.56
CA THR C 102 21.55 4.56 -22.55
C THR C 102 20.24 3.95 -22.08
N GLY C 103 20.35 2.89 -21.28
CA GLY C 103 19.21 2.16 -20.77
C GLY C 103 19.05 0.87 -21.57
N CYS C 104 17.90 0.24 -21.46
CA CYS C 104 17.64 -0.99 -22.21
C CYS C 104 17.14 -0.68 -23.62
N VAL C 105 18.08 -0.46 -24.52
CA VAL C 105 17.83 -0.10 -25.92
C VAL C 105 17.43 -1.31 -26.78
N ALA D 2 -31.10 35.90 24.30
CA ALA D 2 -32.21 36.27 23.44
C ALA D 2 -33.05 35.04 23.09
N LYS D 3 -34.29 35.26 22.68
CA LYS D 3 -35.16 34.16 22.30
C LYS D 3 -35.39 34.18 20.80
N HIS D 4 -35.05 33.08 20.13
CA HIS D 4 -35.19 32.99 18.69
C HIS D 4 -36.15 31.89 18.28
N ALA D 5 -36.53 31.92 17.00
CA ALA D 5 -37.39 30.89 16.42
C ALA D 5 -36.48 29.75 16.00
N THR D 6 -36.88 28.51 16.27
CA THR D 6 -36.06 27.36 15.90
C THR D 6 -36.91 26.25 15.30
N PRO D 7 -37.62 26.55 14.20
CA PRO D 7 -38.51 25.59 13.53
C PRO D 7 -37.82 24.31 13.06
N LYS D 8 -36.54 24.42 12.68
CA LYS D 8 -35.80 23.25 12.22
C LYS D 8 -35.39 22.38 13.41
N LEU D 9 -34.72 22.99 14.37
CA LEU D 9 -34.30 22.26 15.56
C LEU D 9 -35.48 21.62 16.30
N ASP D 10 -36.64 22.28 16.28
CA ASP D 10 -37.83 21.78 16.95
C ASP D 10 -38.22 20.39 16.46
N GLN D 11 -37.92 20.10 15.20
CA GLN D 11 -38.25 18.80 14.61
C GLN D 11 -37.39 17.68 15.19
N LEU D 12 -36.30 18.06 15.85
CA LEU D 12 -35.41 17.09 16.46
C LEU D 12 -35.81 16.79 17.92
N GLU D 13 -37.00 17.26 18.29
CA GLU D 13 -37.53 17.00 19.63
C GLU D 13 -38.44 15.77 19.60
N SER D 14 -38.91 15.43 18.40
CA SER D 14 -39.74 14.24 18.22
C SER D 14 -38.84 13.00 18.09
N GLY D 15 -39.45 11.82 18.00
CA GLY D 15 -38.71 10.60 17.87
C GLY D 15 -38.30 10.03 19.22
N PRO D 16 -37.88 8.76 19.25
CA PRO D 16 -37.53 8.06 20.48
C PRO D 16 -36.21 8.45 21.13
N TRP D 17 -35.15 8.57 20.32
CA TRP D 17 -33.82 8.89 20.85
C TRP D 17 -33.80 10.19 21.66
N PRO D 18 -33.17 10.16 22.85
CA PRO D 18 -33.08 11.35 23.72
C PRO D 18 -32.61 12.55 22.92
N SER D 19 -33.40 13.63 22.96
CA SER D 19 -33.11 14.83 22.16
C SER D 19 -32.23 15.88 22.84
N PHE D 20 -31.13 16.22 22.16
CA PHE D 20 -30.20 17.24 22.66
C PHE D 20 -30.90 18.61 22.70
N VAL D 21 -31.81 18.82 21.75
CA VAL D 21 -32.57 20.06 21.68
C VAL D 21 -33.45 20.20 22.93
N SER D 22 -34.24 19.17 23.20
CA SER D 22 -35.12 19.16 24.37
C SER D 22 -34.31 19.38 25.64
N ASP D 23 -33.13 18.78 25.71
CA ASP D 23 -32.29 18.90 26.88
C ASP D 23 -31.70 20.30 27.02
N ILE D 24 -31.30 20.90 25.91
CA ILE D 24 -30.77 22.25 25.93
C ILE D 24 -31.86 23.22 26.36
N LYS D 25 -33.07 22.99 25.87
CA LYS D 25 -34.22 23.82 26.20
C LYS D 25 -34.51 23.77 27.70
N GLN D 26 -34.46 22.58 28.27
CA GLN D 26 -34.71 22.39 29.70
C GLN D 26 -33.66 23.10 30.56
N GLU D 27 -32.41 23.10 30.10
CA GLU D 27 -31.36 23.79 30.83
C GLU D 27 -31.59 25.29 30.72
N ALA D 28 -32.10 25.73 29.57
CA ALA D 28 -32.38 27.14 29.35
C ALA D 28 -33.48 27.56 30.32
N ALA D 29 -34.51 26.74 30.39
CA ALA D 29 -35.66 26.98 31.27
C ALA D 29 -35.23 26.96 32.73
N TYR D 30 -34.32 26.06 33.09
CA TYR D 30 -33.85 25.99 34.47
C TYR D 30 -33.11 27.27 34.88
N ARG D 31 -32.25 27.75 34.00
CA ARG D 31 -31.49 28.98 34.26
C ARG D 31 -32.40 30.20 34.38
N ALA D 32 -33.41 30.26 33.52
CA ALA D 32 -34.36 31.37 33.51
C ALA D 32 -35.14 31.39 34.84
N ALA D 33 -35.45 30.20 35.36
CA ALA D 33 -36.17 30.08 36.62
C ALA D 33 -35.24 30.36 37.81
N ASN D 34 -33.99 29.91 37.70
CA ASN D 34 -32.98 30.15 38.74
C ASN D 34 -33.51 29.88 40.14
N PRO D 35 -34.13 28.70 40.34
CA PRO D 35 -34.71 28.31 41.64
C PRO D 35 -33.73 28.41 42.81
N LYS D 36 -32.44 28.52 42.52
CA LYS D 36 -31.42 28.62 43.57
C LYS D 36 -30.95 30.06 43.80
N GLY D 37 -31.50 31.01 43.05
CA GLY D 37 -31.10 32.40 43.17
C GLY D 37 -29.60 32.55 42.97
N LEU D 38 -29.09 31.92 41.92
CA LEU D 38 -27.67 31.97 41.61
C LEU D 38 -27.35 33.28 40.88
N ASP D 39 -26.16 33.81 41.13
CA ASP D 39 -25.72 35.02 40.43
C ASP D 39 -24.89 34.56 39.22
N TYR D 40 -25.59 34.17 38.15
CA TYR D 40 -24.95 33.67 36.95
C TYR D 40 -23.79 34.50 36.44
N GLN D 41 -22.62 33.87 36.36
CA GLN D 41 -21.41 34.57 35.91
C GLN D 41 -21.37 34.82 34.41
N VAL D 42 -22.17 34.08 33.65
CA VAL D 42 -22.28 34.26 32.21
C VAL D 42 -23.76 34.46 31.89
N PRO D 43 -24.08 35.02 30.71
CA PRO D 43 -25.47 35.28 30.33
C PRO D 43 -26.41 34.12 30.64
N VAL D 44 -27.52 34.44 31.30
CA VAL D 44 -28.51 33.44 31.67
C VAL D 44 -29.04 32.75 30.42
N ASP D 45 -29.21 33.53 29.35
CA ASP D 45 -29.75 33.04 28.08
C ASP D 45 -28.69 32.36 27.19
N CYS D 46 -27.52 32.09 27.76
CA CYS D 46 -26.43 31.46 27.02
C CYS D 46 -26.85 30.25 26.16
N PRO D 47 -27.60 29.30 26.75
CA PRO D 47 -28.07 28.10 26.06
C PRO D 47 -29.09 28.40 24.97
N GLU D 48 -29.87 29.46 25.16
CA GLU D 48 -30.87 29.84 24.18
C GLU D 48 -30.16 30.44 22.98
N ASP D 49 -29.11 31.19 23.24
CA ASP D 49 -28.36 31.82 22.16
C ASP D 49 -27.63 30.76 21.34
N LEU D 50 -27.19 29.69 22.01
CA LEU D 50 -26.54 28.58 21.32
C LEU D 50 -27.53 27.99 20.32
N LEU D 51 -28.76 27.79 20.78
CA LEU D 51 -29.81 27.23 19.93
C LEU D 51 -30.10 28.20 18.78
N GLY D 52 -29.96 29.50 19.05
CA GLY D 52 -30.18 30.51 18.04
C GLY D 52 -29.15 30.42 16.93
N VAL D 53 -27.89 30.26 17.33
CA VAL D 53 -26.79 30.14 16.37
C VAL D 53 -26.92 28.84 15.57
N LEU D 54 -27.26 27.75 16.25
CA LEU D 54 -27.40 26.44 15.61
C LEU D 54 -28.48 26.46 14.54
N GLU D 55 -29.59 27.12 14.83
CA GLU D 55 -30.67 27.23 13.87
C GLU D 55 -30.18 27.99 12.64
N LEU D 56 -29.41 29.04 12.86
CA LEU D 56 -28.86 29.83 11.75
C LEU D 56 -27.97 28.94 10.87
N SER D 57 -27.08 28.20 11.51
CA SER D 57 -26.19 27.29 10.80
C SER D 57 -27.00 26.27 10.01
N TYR D 58 -28.09 25.78 10.59
CA TYR D 58 -28.97 24.83 9.88
C TYR D 58 -29.60 25.49 8.66
N ASP D 59 -29.92 26.77 8.79
CA ASP D 59 -30.52 27.53 7.70
C ASP D 59 -29.54 27.72 6.56
N GLU D 60 -28.34 28.19 6.88
CA GLU D 60 -27.33 28.46 5.87
C GLU D 60 -26.43 27.27 5.53
N GLY D 61 -26.45 26.24 6.36
CA GLY D 61 -25.62 25.06 6.14
C GLY D 61 -24.13 25.35 6.29
N GLU D 62 -23.79 26.24 7.21
CA GLU D 62 -22.40 26.62 7.44
C GLU D 62 -22.16 26.98 8.90
N THR D 63 -20.98 26.63 9.44
CA THR D 63 -20.65 26.94 10.82
C THR D 63 -20.62 28.44 11.08
N HIS D 64 -20.92 28.85 12.32
CA HIS D 64 -20.85 30.25 12.68
C HIS D 64 -19.90 30.54 13.81
N TRP D 65 -18.83 29.75 13.87
CA TRP D 65 -17.79 29.95 14.85
C TRP D 65 -16.58 30.49 14.12
N LYS D 66 -15.97 31.53 14.68
CA LYS D 66 -14.79 32.12 14.07
C LYS D 66 -13.67 31.10 14.16
N HIS D 67 -12.63 31.30 13.34
CA HIS D 67 -11.50 30.40 13.29
C HIS D 67 -10.68 30.39 14.58
N GLY D 68 -10.41 29.19 15.09
CA GLY D 68 -9.57 28.98 16.27
C GLY D 68 -9.93 29.71 17.55
N GLY D 69 -8.90 30.06 18.31
CA GLY D 69 -9.05 30.75 19.59
C GLY D 69 -7.97 30.28 20.54
N ILE D 70 -7.33 31.24 21.22
CA ILE D 70 -6.26 30.89 22.15
C ILE D 70 -6.51 31.42 23.56
N VAL D 71 -7.18 30.62 24.39
CA VAL D 71 -7.42 30.96 25.78
C VAL D 71 -6.83 29.85 26.63
N GLY D 72 -6.66 30.10 27.92
CA GLY D 72 -6.08 29.09 28.80
C GLY D 72 -6.03 29.49 30.26
N VAL D 73 -5.24 28.74 31.03
CA VAL D 73 -5.09 28.96 32.46
C VAL D 73 -3.59 29.03 32.77
N PHE D 74 -3.18 30.00 33.58
CA PHE D 74 -1.76 30.18 33.89
C PHE D 74 -1.11 28.89 34.38
N GLY D 75 0.14 28.66 33.96
CA GLY D 75 0.88 27.47 34.34
C GLY D 75 0.73 26.33 33.34
N TYR D 76 -0.34 26.38 32.54
CA TYR D 76 -0.62 25.34 31.56
C TYR D 76 -0.54 25.88 30.14
N GLY D 77 -0.28 25.00 29.18
CA GLY D 77 -0.19 25.37 27.78
C GLY D 77 -1.41 24.93 26.99
N GLY D 78 -2.24 24.09 27.59
CA GLY D 78 -3.46 23.62 26.96
C GLY D 78 -4.51 23.26 27.98
N GLY D 79 -5.62 22.69 27.52
CA GLY D 79 -6.71 22.30 28.41
C GLY D 79 -8.00 23.04 28.14
N VAL D 80 -7.92 24.18 27.48
CA VAL D 80 -9.10 24.97 27.16
C VAL D 80 -9.18 25.27 25.68
N ILE D 81 -10.34 25.00 25.10
CA ILE D 81 -10.58 25.24 23.69
C ILE D 81 -11.43 26.49 23.51
N GLY D 82 -10.78 27.63 23.29
CA GLY D 82 -11.50 28.88 23.09
C GLY D 82 -12.31 28.87 21.81
N ARG D 83 -13.42 29.61 21.81
CA ARG D 83 -14.27 29.72 20.62
C ARG D 83 -15.12 30.99 20.68
N TYR D 84 -15.26 31.65 19.53
CA TYR D 84 -16.03 32.90 19.47
C TYR D 84 -17.03 32.87 18.32
N CYS D 85 -18.26 33.27 18.60
CA CYS D 85 -19.29 33.30 17.59
C CYS D 85 -18.94 34.33 16.53
N ASP D 86 -19.25 34.05 15.27
CA ASP D 86 -18.94 35.00 14.20
C ASP D 86 -19.99 36.11 14.01
N GLN D 87 -21.00 36.08 14.86
CA GLN D 87 -22.05 37.10 14.87
C GLN D 87 -22.45 37.36 16.32
N PRO D 88 -21.47 37.81 17.14
CA PRO D 88 -21.51 38.11 18.58
C PRO D 88 -22.60 39.10 18.99
N GLU D 89 -23.00 39.97 18.08
CA GLU D 89 -24.03 40.96 18.37
C GLU D 89 -25.42 40.38 18.21
N LYS D 90 -25.55 39.38 17.34
CA LYS D 90 -26.81 38.67 17.13
C LYS D 90 -27.03 37.62 18.22
N PHE D 91 -25.94 37.04 18.70
CA PHE D 91 -26.00 36.00 19.74
C PHE D 91 -24.94 36.23 20.83
N PRO D 92 -25.09 37.31 21.61
CA PRO D 92 -24.20 37.74 22.69
C PRO D 92 -23.98 36.69 23.79
N GLY D 93 -24.96 35.81 23.97
CA GLY D 93 -24.87 34.76 24.97
C GLY D 93 -23.72 33.80 24.68
N VAL D 94 -23.37 33.67 23.41
CA VAL D 94 -22.28 32.80 22.98
C VAL D 94 -21.16 33.56 22.26
N ALA D 95 -21.00 34.85 22.58
CA ALA D 95 -19.92 35.63 21.99
C ALA D 95 -18.61 34.96 22.36
N HIS D 96 -18.54 34.48 23.60
CA HIS D 96 -17.43 33.68 24.11
C HIS D 96 -18.07 32.34 24.46
N PHE D 97 -17.57 31.24 23.88
CA PHE D 97 -18.16 29.92 24.13
C PHE D 97 -17.07 28.87 24.29
N HIS D 98 -16.13 29.14 25.17
CA HIS D 98 -15.01 28.24 25.41
C HIS D 98 -15.39 26.90 26.03
N THR D 99 -14.60 25.88 25.72
CA THR D 99 -14.81 24.54 26.23
C THR D 99 -13.69 24.23 27.18
N VAL D 100 -14.03 23.65 28.33
CA VAL D 100 -13.02 23.28 29.31
C VAL D 100 -12.94 21.76 29.41
N ARG D 101 -11.74 21.21 29.22
CA ARG D 101 -11.55 19.77 29.31
C ARG D 101 -11.10 19.42 30.73
N VAL D 102 -11.88 18.56 31.38
CA VAL D 102 -11.62 18.15 32.76
C VAL D 102 -11.22 16.68 32.85
N ALA D 103 -10.13 16.41 33.54
CA ALA D 103 -9.62 15.04 33.71
C ALA D 103 -10.63 14.14 34.39
N GLN D 104 -10.93 13.02 33.73
CA GLN D 104 -11.89 12.04 34.22
C GLN D 104 -11.21 10.83 34.82
N PRO D 105 -11.93 10.08 35.67
CA PRO D 105 -11.33 8.85 36.22
C PRO D 105 -11.31 7.76 35.14
N SER D 106 -10.26 6.96 35.12
CA SER D 106 -10.10 5.90 34.11
C SER D 106 -11.27 4.92 34.17
N GLY D 107 -12.00 4.77 33.06
CA GLY D 107 -13.14 3.88 33.03
C GLY D 107 -14.42 4.62 33.37
N LYS D 108 -14.27 5.88 33.76
CA LYS D 108 -15.41 6.74 34.04
C LYS D 108 -16.44 6.27 35.08
N TYR D 109 -15.96 5.78 36.23
CA TYR D 109 -16.83 5.38 37.33
C TYR D 109 -16.98 6.62 38.20
N TYR D 110 -18.21 7.07 38.42
CA TYR D 110 -18.45 8.26 39.23
C TYR D 110 -19.35 8.02 40.43
N SER D 111 -19.39 9.00 41.32
CA SER D 111 -20.29 8.98 42.45
C SER D 111 -21.23 10.16 42.19
N ALA D 112 -22.47 10.04 42.63
CA ALA D 112 -23.45 11.11 42.45
C ALA D 112 -22.99 12.39 43.14
N ASP D 113 -22.30 12.24 44.26
CA ASP D 113 -21.81 13.40 45.00
C ASP D 113 -20.75 14.17 44.24
N TYR D 114 -19.79 13.44 43.68
CA TYR D 114 -18.72 14.04 42.89
C TYR D 114 -19.32 14.82 41.72
N LEU D 115 -20.24 14.20 40.98
CA LEU D 115 -20.84 14.85 39.84
C LEU D 115 -21.62 16.10 40.22
N ARG D 116 -22.30 16.03 41.37
CA ARG D 116 -23.08 17.14 41.87
C ARG D 116 -22.21 18.37 42.08
N GLN D 117 -21.09 18.17 42.77
CA GLN D 117 -20.15 19.25 43.02
C GLN D 117 -19.65 19.86 41.70
N LEU D 118 -19.38 19.01 40.73
CA LEU D 118 -18.92 19.48 39.43
C LEU D 118 -19.97 20.36 38.78
N CYS D 119 -21.21 19.88 38.77
CA CYS D 119 -22.33 20.62 38.19
C CYS D 119 -22.51 21.97 38.87
N ASP D 120 -22.34 22.00 40.20
CA ASP D 120 -22.50 23.23 40.96
C ASP D 120 -21.52 24.27 40.47
N ILE D 121 -20.29 23.82 40.20
CA ILE D 121 -19.26 24.72 39.71
C ILE D 121 -19.65 25.29 38.35
N TRP D 122 -20.03 24.40 37.44
CA TRP D 122 -20.41 24.78 36.06
C TRP D 122 -21.69 25.60 35.98
N ASP D 123 -22.60 25.37 36.92
CA ASP D 123 -23.87 26.08 36.95
C ASP D 123 -23.66 27.59 37.04
N LEU D 124 -22.83 27.99 37.99
CA LEU D 124 -22.57 29.40 38.25
C LEU D 124 -21.65 30.09 37.25
N ARG D 125 -20.61 29.39 36.80
CA ARG D 125 -19.64 29.99 35.91
C ARG D 125 -19.67 29.50 34.46
N GLY D 126 -20.59 28.60 34.13
CA GLY D 126 -20.71 28.07 32.78
C GLY D 126 -22.08 28.23 32.17
N SER D 127 -22.30 27.56 31.04
CA SER D 127 -23.56 27.63 30.30
C SER D 127 -24.56 26.60 30.80
N GLY D 128 -24.08 25.64 31.58
CA GLY D 128 -24.89 24.55 32.09
C GLY D 128 -24.90 23.36 31.13
N LEU D 129 -24.15 23.48 30.02
CA LEU D 129 -24.09 22.41 29.02
C LEU D 129 -22.75 21.68 29.05
N THR D 130 -22.78 20.39 28.71
CA THR D 130 -21.57 19.59 28.72
C THR D 130 -21.47 18.59 27.58
N ASN D 131 -20.41 17.79 27.63
CA ASN D 131 -20.19 16.66 26.74
C ASN D 131 -19.69 15.57 27.68
N MET D 132 -20.45 14.49 27.79
CA MET D 132 -20.04 13.37 28.63
C MET D 132 -19.98 12.13 27.75
N HIS D 133 -18.82 11.84 27.17
CA HIS D 133 -17.60 12.62 27.34
C HIS D 133 -16.98 12.92 25.97
N GLY D 134 -15.85 13.63 25.97
CA GLY D 134 -15.14 13.90 24.73
C GLY D 134 -14.61 12.57 24.18
N SER D 135 -14.36 12.52 22.88
CA SER D 135 -13.87 11.27 22.26
C SER D 135 -12.54 10.76 22.85
N THR D 136 -11.78 11.67 23.44
CA THR D 136 -10.52 11.29 24.07
C THR D 136 -10.71 10.81 25.51
N GLY D 137 -11.87 11.09 26.09
CA GLY D 137 -12.18 10.67 27.44
C GLY D 137 -12.47 11.78 28.44
N ASP D 138 -12.09 13.01 28.09
CA ASP D 138 -12.28 14.16 28.98
C ASP D 138 -13.73 14.51 29.27
N ILE D 139 -13.96 15.03 30.47
CA ILE D 139 -15.26 15.58 30.82
C ILE D 139 -15.20 16.90 30.07
N VAL D 140 -16.27 17.29 29.39
CA VAL D 140 -16.28 18.53 28.65
C VAL D 140 -17.31 19.52 29.17
N LEU D 141 -16.84 20.69 29.60
CA LEU D 141 -17.73 21.76 30.06
C LEU D 141 -17.87 22.69 28.87
N LEU D 142 -19.02 22.61 28.22
CA LEU D 142 -19.30 23.34 26.97
C LEU D 142 -19.82 24.78 27.07
N GLY D 143 -18.94 25.77 26.99
CA GLY D 143 -19.35 27.16 26.92
C GLY D 143 -19.23 28.03 28.16
N THR D 144 -18.30 28.98 28.11
CA THR D 144 -18.10 29.95 29.18
C THR D 144 -17.33 31.14 28.63
N GLN D 145 -17.03 32.12 29.49
CA GLN D 145 -16.30 33.31 29.07
C GLN D 145 -14.89 33.30 29.65
N THR D 146 -13.96 33.99 28.99
CA THR D 146 -12.58 33.97 29.42
C THR D 146 -12.29 34.39 30.86
N PRO D 147 -13.07 35.37 31.37
CA PRO D 147 -12.83 35.79 32.76
C PRO D 147 -13.12 34.68 33.77
N GLN D 148 -13.99 33.74 33.39
CA GLN D 148 -14.37 32.63 34.26
C GLN D 148 -13.35 31.51 34.30
N LEU D 149 -12.51 31.42 33.27
CA LEU D 149 -11.49 30.37 33.15
C LEU D 149 -10.66 30.16 34.42
N GLU D 150 -10.02 31.20 34.91
CA GLU D 150 -9.19 31.07 36.10
C GLU D 150 -10.02 30.76 37.36
N GLU D 151 -11.27 31.22 37.35
CA GLU D 151 -12.20 31.00 38.47
C GLU D 151 -12.60 29.54 38.56
N ILE D 152 -12.91 28.95 37.40
CA ILE D 152 -13.28 27.55 37.32
C ILE D 152 -12.08 26.67 37.71
N PHE D 153 -10.92 26.98 37.17
CA PHE D 153 -9.73 26.20 37.47
C PHE D 153 -9.50 26.19 38.99
N PHE D 154 -9.59 27.35 39.61
CA PHE D 154 -9.39 27.46 41.05
C PHE D 154 -10.36 26.55 41.81
N GLU D 155 -11.62 26.59 41.42
CA GLU D 155 -12.64 25.78 42.06
C GLU D 155 -12.44 24.29 41.80
N LEU D 156 -11.99 23.97 40.59
CA LEU D 156 -11.74 22.58 40.20
C LEU D 156 -10.62 21.98 41.04
N THR D 157 -9.50 22.71 41.14
CA THR D 157 -8.34 22.22 41.88
C THR D 157 -8.50 22.27 43.40
N HIS D 158 -9.11 23.35 43.89
CA HIS D 158 -9.28 23.53 45.33
C HIS D 158 -10.49 22.83 45.95
N ASN D 159 -11.62 22.86 45.25
CA ASN D 159 -12.85 22.23 45.73
C ASN D 159 -13.04 20.80 45.22
N LEU D 160 -13.01 20.63 43.90
CA LEU D 160 -13.22 19.33 43.28
C LEU D 160 -11.99 18.41 43.28
N ASN D 161 -10.83 18.98 43.62
CA ASN D 161 -9.57 18.24 43.62
C ASN D 161 -9.39 17.52 42.28
N THR D 162 -9.73 18.22 41.20
CA THR D 162 -9.64 17.67 39.86
C THR D 162 -8.88 18.62 38.93
N ASP D 163 -8.04 18.04 38.07
CA ASP D 163 -7.22 18.80 37.12
C ASP D 163 -7.91 18.99 35.76
N LEU D 164 -7.23 19.72 34.88
CA LEU D 164 -7.72 19.91 33.52
C LEU D 164 -7.14 18.76 32.67
N GLY D 165 -7.77 18.49 31.53
CA GLY D 165 -7.30 17.48 30.60
C GLY D 165 -6.34 18.13 29.62
N GLY D 166 -5.89 17.38 28.61
CA GLY D 166 -4.94 17.91 27.64
C GLY D 166 -5.50 18.38 26.31
N SER D 167 -4.74 19.27 25.66
CA SER D 167 -5.05 19.81 24.32
C SER D 167 -3.76 20.36 23.72
N GLY D 168 -3.67 20.40 22.39
CA GLY D 168 -2.50 20.90 21.69
C GLY D 168 -1.50 19.82 21.33
N SER D 169 -0.23 20.20 21.15
CA SER D 169 0.84 19.29 20.79
C SER D 169 1.48 18.72 22.04
N ASN D 170 0.71 17.91 22.74
CA ASN D 170 1.13 17.36 24.02
C ASN D 170 0.60 15.96 24.17
N LEU D 171 0.77 15.44 25.38
CA LEU D 171 0.22 14.14 25.74
C LEU D 171 -1.22 14.42 26.14
N ARG D 172 -2.16 13.93 25.34
CA ARG D 172 -3.58 14.12 25.62
C ARG D 172 -4.02 13.21 26.75
N THR D 173 -5.26 13.41 27.20
CA THR D 173 -5.81 12.60 28.29
C THR D 173 -5.85 11.12 27.91
N PRO D 174 -5.17 10.27 28.69
CA PRO D 174 -5.22 8.84 28.40
C PRO D 174 -6.54 8.24 28.85
N GLU D 175 -6.94 7.13 28.24
CA GLU D 175 -8.17 6.45 28.65
C GLU D 175 -7.98 4.95 28.54
N SER D 176 -8.83 4.21 29.24
CA SER D 176 -8.74 2.76 29.22
C SER D 176 -10.13 2.14 29.13
N CYS D 177 -10.17 0.84 28.88
CA CYS D 177 -11.43 0.11 28.88
C CYS D 177 -11.74 -0.06 30.37
N LEU D 178 -12.90 -0.60 30.71
CA LEU D 178 -13.21 -0.78 32.14
C LEU D 178 -12.33 -1.84 32.84
N GLY D 179 -11.66 -2.67 32.04
CA GLY D 179 -10.73 -3.66 32.53
C GLY D 179 -11.18 -4.57 33.67
N LYS D 180 -10.29 -4.77 34.64
CA LYS D 180 -10.52 -5.67 35.78
C LYS D 180 -11.73 -5.29 36.61
N SER D 181 -12.17 -4.04 36.50
CA SER D 181 -13.31 -3.57 37.26
C SER D 181 -14.59 -4.37 37.01
N ARG D 182 -14.78 -4.83 35.78
CA ARG D 182 -16.00 -5.48 35.42
C ARG D 182 -16.00 -6.37 34.16
N CYS D 183 -14.94 -7.14 33.98
CA CYS D 183 -14.81 -7.96 32.79
C CYS D 183 -13.92 -9.15 33.10
N GLU D 184 -14.36 -10.34 32.71
CA GLU D 184 -13.57 -11.55 32.94
C GLU D 184 -12.47 -11.74 31.89
N PHE D 185 -12.41 -10.85 30.91
CA PHE D 185 -11.40 -10.95 29.83
C PHE D 185 -10.13 -10.17 30.12
N ALA D 186 -10.16 -9.29 31.10
CA ALA D 186 -9.03 -8.42 31.41
C ALA D 186 -7.72 -9.11 31.75
N CYS D 187 -6.70 -8.87 30.92
CA CYS D 187 -5.38 -9.48 31.09
C CYS D 187 -4.47 -8.68 32.01
N TYR D 188 -4.80 -7.42 32.23
CA TYR D 188 -4.02 -6.56 33.11
C TYR D 188 -4.88 -5.40 33.60
N ASP D 189 -4.40 -4.70 34.63
CA ASP D 189 -5.15 -3.56 35.18
C ASP D 189 -5.03 -2.34 34.26
N SER D 190 -5.86 -2.29 33.23
CA SER D 190 -5.82 -1.19 32.27
C SER D 190 -6.11 0.16 32.90
N GLN D 191 -7.03 0.18 33.87
CA GLN D 191 -7.37 1.43 34.55
C GLN D 191 -6.20 1.96 35.36
N ALA D 192 -5.50 1.07 36.06
CA ALA D 192 -4.37 1.48 36.87
C ALA D 192 -3.19 1.94 36.02
N ALA D 193 -2.97 1.25 34.89
CA ALA D 193 -1.90 1.63 33.97
C ALA D 193 -2.22 3.03 33.47
N CYS D 194 -3.47 3.24 33.06
CA CYS D 194 -3.90 4.53 32.55
C CYS D 194 -3.73 5.64 33.57
N TYR D 195 -4.20 5.41 34.79
CA TYR D 195 -4.05 6.42 35.84
C TYR D 195 -2.57 6.63 36.18
N GLU D 196 -1.83 5.55 36.31
CA GLU D 196 -0.42 5.64 36.64
C GLU D 196 0.37 6.49 35.64
N LEU D 197 0.20 6.20 34.35
CA LEU D 197 0.90 6.93 33.31
C LEU D 197 0.39 8.37 33.20
N THR D 198 -0.90 8.56 33.48
CA THR D 198 -1.48 9.90 33.46
C THR D 198 -0.78 10.76 34.52
N MET D 199 -0.52 10.18 35.68
CA MET D 199 0.12 10.92 36.77
C MET D 199 1.60 11.06 36.52
N GLU D 200 2.19 10.03 35.93
CA GLU D 200 3.61 10.04 35.64
C GLU D 200 3.98 11.18 34.70
N TYR D 201 3.13 11.43 33.70
CA TYR D 201 3.41 12.44 32.68
C TYR D 201 2.55 13.69 32.72
N GLN D 202 2.29 14.19 33.93
CA GLN D 202 1.47 15.37 34.11
C GLN D 202 2.06 16.59 33.39
N ASP D 203 3.38 16.70 33.45
CA ASP D 203 4.09 17.81 32.81
C ASP D 203 3.92 17.82 31.29
N GLU D 204 4.07 16.65 30.68
CA GLU D 204 3.94 16.50 29.22
C GLU D 204 2.51 16.72 28.76
N LEU D 205 1.57 16.51 29.67
CA LEU D 205 0.15 16.67 29.36
C LEU D 205 -0.29 18.13 29.43
N HIS D 206 0.16 18.83 30.48
CA HIS D 206 -0.23 20.22 30.70
C HIS D 206 0.58 21.23 29.93
N ARG D 207 1.83 20.91 29.64
CA ARG D 207 2.70 21.83 28.93
C ARG D 207 3.28 21.22 27.65
N PRO D 208 2.60 21.46 26.51
CA PRO D 208 2.99 20.94 25.19
C PRO D 208 4.47 21.10 24.89
N ALA D 209 5.15 19.98 24.71
CA ALA D 209 6.59 19.99 24.40
C ALA D 209 6.86 19.10 23.19
N PHE D 210 5.79 18.60 22.56
CA PHE D 210 5.91 17.67 21.43
C PHE D 210 5.78 18.33 20.06
N PRO D 211 6.19 17.60 19.00
CA PRO D 211 6.08 18.09 17.62
C PRO D 211 4.61 18.14 17.23
N TYR D 212 3.81 17.32 17.90
CA TYR D 212 2.38 17.25 17.62
C TYR D 212 1.74 16.55 18.79
N LYS D 213 0.46 16.24 18.65
CA LYS D 213 -0.26 15.55 19.71
C LYS D 213 0.20 14.09 19.84
N PHE D 214 -0.02 13.50 21.01
CA PHE D 214 0.33 12.11 21.29
C PHE D 214 -0.69 11.56 22.28
N LYS D 215 -1.23 10.37 22.00
CA LYS D 215 -2.23 9.75 22.85
C LYS D 215 -1.85 8.37 23.35
N PHE D 216 -2.33 8.03 24.55
CA PHE D 216 -2.16 6.70 25.15
C PHE D 216 -3.56 6.16 25.30
N LYS D 217 -3.76 4.89 24.99
CA LYS D 217 -5.04 4.22 25.26
C LYS D 217 -4.74 2.79 25.72
N PHE D 218 -5.49 2.32 26.71
CA PHE D 218 -5.25 1.01 27.29
C PHE D 218 -6.44 0.06 27.19
N ASP D 219 -6.24 -1.04 26.45
CA ASP D 219 -7.26 -2.08 26.30
C ASP D 219 -6.75 -3.31 27.06
N ALA D 220 -7.57 -3.87 27.94
CA ALA D 220 -7.15 -5.01 28.75
C ALA D 220 -7.17 -6.34 28.00
N CYS D 221 -7.70 -6.32 26.77
CA CYS D 221 -7.67 -7.48 25.90
C CYS D 221 -7.81 -7.05 24.44
N PRO D 222 -7.69 -8.01 23.49
CA PRO D 222 -7.73 -7.69 22.06
C PRO D 222 -9.07 -7.21 21.52
N ASN D 223 -10.12 -7.31 22.32
CA ASN D 223 -11.45 -6.88 21.87
C ASN D 223 -11.46 -5.36 21.60
N GLY D 224 -10.56 -4.65 22.26
CA GLY D 224 -10.36 -3.22 22.08
C GLY D 224 -11.51 -2.31 22.40
N CYS D 225 -11.98 -2.35 23.65
CA CYS D 225 -13.10 -1.53 24.08
C CYS D 225 -12.85 0.00 24.15
N VAL D 226 -11.57 0.42 24.20
CA VAL D 226 -11.24 1.86 24.10
C VAL D 226 -10.73 2.15 22.68
N ALA D 227 -10.61 1.12 21.85
CA ALA D 227 -10.11 1.29 20.48
C ALA D 227 -8.70 1.89 20.45
N SER D 228 -7.82 1.40 21.32
CA SER D 228 -6.46 1.91 21.37
C SER D 228 -5.69 1.70 20.04
N ILE D 229 -6.00 0.62 19.34
CA ILE D 229 -5.30 0.31 18.08
C ILE D 229 -5.65 1.30 16.96
N ALA D 230 -6.76 2.00 17.11
CA ALA D 230 -7.20 2.95 16.09
C ALA D 230 -7.13 4.41 16.52
N ARG D 231 -7.12 4.66 17.83
CA ARG D 231 -7.19 6.02 18.32
C ARG D 231 -6.15 6.48 19.34
N SER D 232 -4.99 5.81 19.35
CA SER D 232 -3.89 6.22 20.21
C SER D 232 -2.57 5.96 19.51
N ASP D 233 -1.62 6.86 19.69
CA ASP D 233 -0.31 6.74 19.08
C ASP D 233 0.45 5.61 19.77
N PHE D 234 0.08 5.35 21.02
CA PHE D 234 0.74 4.35 21.84
C PHE D 234 -0.34 3.49 22.46
N SER D 235 -0.57 2.33 21.84
CA SER D 235 -1.63 1.43 22.24
C SER D 235 -1.12 0.25 23.06
N VAL D 236 -1.75 0.00 24.22
CA VAL D 236 -1.34 -1.12 25.08
C VAL D 236 -2.48 -2.11 25.17
N ILE D 237 -2.35 -3.23 24.48
CA ILE D 237 -3.42 -4.24 24.41
C ILE D 237 -3.07 -5.53 25.14
N GLY D 238 -3.88 -5.86 26.15
CA GLY D 238 -3.67 -7.03 26.99
C GLY D 238 -3.72 -8.38 26.30
N THR D 239 -2.95 -9.32 26.84
CA THR D 239 -2.92 -10.65 26.27
C THR D 239 -2.32 -11.67 27.25
N TRP D 240 -2.22 -12.92 26.80
CA TRP D 240 -1.65 -13.98 27.62
C TRP D 240 -0.66 -14.77 26.77
N LYS D 241 0.29 -15.42 27.43
CA LYS D 241 1.35 -16.16 26.75
C LYS D 241 1.11 -17.68 26.74
N ASP D 242 0.36 -18.17 27.72
CA ASP D 242 0.11 -19.60 27.86
C ASP D 242 -1.18 -20.07 27.20
N ASP D 243 -1.73 -21.17 27.70
CA ASP D 243 -2.93 -21.79 27.13
C ASP D 243 -4.25 -21.18 27.59
N ILE D 244 -5.24 -21.29 26.73
CA ILE D 244 -6.59 -20.85 27.03
C ILE D 244 -7.15 -21.89 28.00
N LYS D 245 -7.84 -21.44 29.04
CA LYS D 245 -8.42 -22.36 30.01
C LYS D 245 -9.74 -22.91 29.48
N ILE D 246 -9.86 -24.24 29.49
CA ILE D 246 -11.05 -24.92 29.00
C ILE D 246 -11.80 -25.66 30.12
N ASP D 247 -13.05 -25.27 30.37
CA ASP D 247 -13.87 -25.94 31.36
C ASP D 247 -14.71 -26.96 30.61
N ALA D 248 -14.28 -28.22 30.68
CA ALA D 248 -14.93 -29.32 29.98
C ALA D 248 -16.42 -29.43 30.23
N GLU D 249 -16.83 -29.35 31.50
CA GLU D 249 -18.25 -29.45 31.82
C GLU D 249 -18.99 -28.23 31.25
N ALA D 250 -18.36 -27.06 31.35
CA ALA D 250 -18.94 -25.84 30.82
C ALA D 250 -19.19 -25.92 29.31
N VAL D 251 -18.25 -26.49 28.56
CA VAL D 251 -18.45 -26.61 27.12
C VAL D 251 -19.60 -27.56 26.77
N LYS D 252 -19.73 -28.63 27.55
CA LYS D 252 -20.81 -29.58 27.35
C LYS D 252 -22.12 -28.84 27.55
N ALA D 253 -22.15 -27.98 28.57
CA ALA D 253 -23.32 -27.16 28.88
C ALA D 253 -23.69 -26.21 27.74
N TYR D 254 -22.70 -25.74 26.99
CA TYR D 254 -22.95 -24.87 25.84
C TYR D 254 -23.53 -25.74 24.74
N VAL D 255 -22.89 -26.87 24.52
CA VAL D 255 -23.31 -27.82 23.50
C VAL D 255 -24.73 -28.33 23.80
N ALA D 256 -25.00 -28.54 25.09
CA ALA D 256 -26.31 -28.99 25.55
C ALA D 256 -27.38 -27.91 25.40
N GLY D 257 -26.95 -26.66 25.28
CA GLY D 257 -27.89 -25.55 25.14
C GLY D 257 -28.28 -24.92 26.48
N GLU D 258 -27.59 -25.32 27.54
CA GLU D 258 -27.84 -24.75 28.87
C GLU D 258 -27.27 -23.34 28.95
N PHE D 259 -26.07 -23.16 28.39
CA PHE D 259 -25.41 -21.85 28.36
C PHE D 259 -25.64 -21.18 27.01
N LYS D 260 -25.89 -19.87 27.05
CA LYS D 260 -26.15 -19.11 25.83
C LYS D 260 -24.87 -18.67 25.11
N PRO D 261 -24.82 -18.89 23.79
CA PRO D 261 -23.69 -18.52 22.92
C PRO D 261 -23.47 -17.01 22.95
N ASN D 262 -22.22 -16.59 23.17
CA ASN D 262 -21.88 -15.17 23.23
C ASN D 262 -22.70 -14.46 24.31
N ALA D 263 -22.97 -15.17 25.41
CA ALA D 263 -23.73 -14.60 26.52
C ALA D 263 -25.11 -14.06 26.12
N GLY D 264 -25.64 -14.55 25.00
CA GLY D 264 -26.94 -14.12 24.53
C GLY D 264 -26.92 -12.85 23.69
N ALA D 265 -25.76 -12.54 23.13
CA ALA D 265 -25.60 -11.35 22.31
C ALA D 265 -26.45 -11.37 21.03
N HIS D 266 -26.92 -12.54 20.64
CA HIS D 266 -27.71 -12.66 19.41
C HIS D 266 -29.14 -13.17 19.68
N SER D 267 -29.66 -12.86 20.87
CA SER D 267 -30.99 -13.31 21.26
C SER D 267 -32.15 -12.75 20.44
N GLY D 268 -31.90 -11.69 19.68
CA GLY D 268 -32.95 -11.03 18.90
C GLY D 268 -33.35 -11.73 17.61
N ARG D 269 -32.66 -12.81 17.28
CA ARG D 269 -32.94 -13.56 16.07
C ARG D 269 -32.76 -15.04 16.29
N ASP D 270 -33.43 -15.84 15.47
CA ASP D 270 -33.33 -17.28 15.56
C ASP D 270 -32.16 -17.77 14.71
N TRP D 271 -31.05 -18.10 15.37
CA TRP D 271 -29.86 -18.56 14.68
C TRP D 271 -29.78 -20.09 14.73
N GLY D 272 -30.82 -20.70 15.27
CA GLY D 272 -30.89 -22.15 15.41
C GLY D 272 -30.20 -22.55 16.69
N LYS D 273 -29.90 -23.84 16.81
CA LYS D 273 -29.22 -24.37 17.99
C LYS D 273 -27.72 -24.14 17.89
N PHE D 274 -27.06 -23.99 19.04
CA PHE D 274 -25.62 -23.77 19.07
C PHE D 274 -24.89 -24.92 18.40
N ASP D 275 -24.07 -24.58 17.42
CA ASP D 275 -23.27 -25.55 16.70
C ASP D 275 -21.80 -25.21 16.94
N ILE D 276 -21.23 -25.78 17.99
CA ILE D 276 -19.86 -25.50 18.37
C ILE D 276 -18.86 -25.64 17.22
N GLU D 277 -19.10 -26.61 16.35
CA GLU D 277 -18.20 -26.86 15.23
C GLU D 277 -18.27 -25.75 14.20
N ALA D 278 -19.49 -25.37 13.84
CA ALA D 278 -19.69 -24.34 12.82
C ALA D 278 -19.48 -22.93 13.35
N GLU D 279 -19.87 -22.69 14.59
CA GLU D 279 -19.80 -21.36 15.18
C GLU D 279 -18.45 -20.99 15.78
N VAL D 280 -17.70 -21.96 16.28
CA VAL D 280 -16.39 -21.66 16.84
C VAL D 280 -15.21 -22.37 16.20
N VAL D 281 -15.25 -23.69 16.14
CA VAL D 281 -14.16 -24.46 15.54
C VAL D 281 -13.84 -23.98 14.12
N ASN D 282 -14.88 -23.90 13.28
CA ASN D 282 -14.70 -23.50 11.89
C ASN D 282 -14.51 -21.98 11.69
N ARG D 283 -14.76 -21.20 12.73
CA ARG D 283 -14.58 -19.76 12.63
C ARG D 283 -13.21 -19.32 13.13
N CYS D 284 -12.50 -20.21 13.82
CA CYS D 284 -11.15 -19.90 14.33
C CYS D 284 -10.26 -19.54 13.14
N PRO D 285 -9.68 -18.33 13.16
CA PRO D 285 -8.84 -17.91 12.04
C PRO D 285 -7.59 -18.79 11.86
N SER D 286 -7.05 -19.28 12.97
CA SER D 286 -5.86 -20.12 12.95
C SER D 286 -6.19 -21.58 12.62
N LYS D 287 -7.47 -21.93 12.68
CA LYS D 287 -7.91 -23.32 12.49
C LYS D 287 -7.10 -24.22 13.42
N CYS D 288 -6.95 -23.80 14.68
CA CYS D 288 -6.15 -24.55 15.65
C CYS D 288 -7.01 -25.30 16.68
N MET D 289 -8.31 -25.32 16.46
CA MET D 289 -9.25 -25.97 17.38
C MET D 289 -9.76 -27.30 16.86
N LYS D 290 -10.21 -28.15 17.78
CA LYS D 290 -10.74 -29.45 17.43
C LYS D 290 -11.93 -29.83 18.30
N TRP D 291 -12.96 -30.38 17.67
CA TRP D 291 -14.13 -30.87 18.40
C TRP D 291 -14.41 -32.29 17.94
N ASP D 292 -14.15 -33.27 18.81
CA ASP D 292 -14.33 -34.69 18.49
C ASP D 292 -15.71 -35.27 18.79
N GLY D 293 -16.69 -34.42 19.05
CA GLY D 293 -18.03 -34.86 19.35
C GLY D 293 -18.33 -34.82 20.84
N SER D 294 -17.27 -34.78 21.65
CA SER D 294 -17.43 -34.75 23.11
C SER D 294 -16.48 -33.77 23.81
N LYS D 295 -15.30 -33.60 23.24
CA LYS D 295 -14.31 -32.70 23.85
C LYS D 295 -13.70 -31.72 22.84
N LEU D 296 -13.47 -30.50 23.29
CA LEU D 296 -12.88 -29.45 22.46
C LEU D 296 -11.44 -29.23 22.89
N SER D 297 -10.52 -29.25 21.92
CA SER D 297 -9.11 -29.01 22.21
C SER D 297 -8.56 -27.82 21.42
N ILE D 298 -7.44 -27.27 21.89
CA ILE D 298 -6.83 -26.11 21.25
C ILE D 298 -5.32 -26.25 21.13
N ASP D 299 -4.82 -26.09 19.91
CA ASP D 299 -3.40 -26.11 19.67
C ASP D 299 -2.93 -24.68 19.97
N ASN D 300 -2.70 -24.39 21.25
CA ASN D 300 -2.34 -23.04 21.69
C ASN D 300 -1.17 -22.36 20.99
N LYS D 301 -0.18 -23.14 20.55
CA LYS D 301 0.99 -22.57 19.87
C LYS D 301 0.62 -21.91 18.53
N GLU D 302 -0.55 -22.27 18.02
CA GLU D 302 -1.03 -21.72 16.74
C GLU D 302 -2.20 -20.76 16.94
N CYS D 303 -2.55 -20.53 18.20
CA CYS D 303 -3.65 -19.63 18.52
C CYS D 303 -3.12 -18.19 18.42
N VAL D 304 -3.87 -17.32 17.74
CA VAL D 304 -3.46 -15.92 17.58
C VAL D 304 -4.17 -15.06 18.61
N ARG D 305 -4.83 -15.71 19.57
CA ARG D 305 -5.53 -15.05 20.67
C ARG D 305 -6.51 -13.99 20.18
N CYS D 306 -7.28 -14.32 19.15
CA CYS D 306 -8.23 -13.37 18.57
C CYS D 306 -9.42 -13.07 19.48
N MET D 307 -9.66 -13.94 20.47
CA MET D 307 -10.76 -13.82 21.42
C MET D 307 -12.09 -14.45 20.97
N HIS D 308 -12.18 -14.86 19.70
CA HIS D 308 -13.45 -15.41 19.23
C HIS D 308 -14.05 -16.56 20.02
N CYS D 309 -13.24 -17.61 20.26
CA CYS D 309 -13.76 -18.73 21.01
C CYS D 309 -14.19 -18.28 22.42
N ILE D 310 -13.36 -17.43 23.04
CA ILE D 310 -13.65 -16.91 24.38
C ILE D 310 -14.90 -16.03 24.42
N ASN D 311 -15.04 -15.16 23.42
CA ASN D 311 -16.22 -14.29 23.35
C ASN D 311 -17.47 -15.12 23.19
N THR D 312 -17.35 -16.24 22.47
CA THR D 312 -18.48 -17.12 22.18
C THR D 312 -18.87 -18.03 23.35
N MET D 313 -17.89 -18.48 24.12
CA MET D 313 -18.15 -19.36 25.26
C MET D 313 -17.41 -18.87 26.50
N PRO D 314 -17.76 -17.67 26.97
CA PRO D 314 -17.11 -16.99 28.11
C PRO D 314 -17.18 -17.76 29.43
N ARG D 315 -18.12 -18.69 29.52
CA ARG D 315 -18.27 -19.50 30.73
C ARG D 315 -17.36 -20.71 30.68
N ALA D 316 -17.08 -21.20 29.48
CA ALA D 316 -16.25 -22.38 29.28
C ALA D 316 -14.79 -22.06 29.00
N LEU D 317 -14.53 -20.99 28.24
CA LEU D 317 -13.16 -20.65 27.87
C LEU D 317 -12.66 -19.35 28.49
N HIS D 318 -11.45 -19.40 29.04
CA HIS D 318 -10.86 -18.24 29.69
C HIS D 318 -9.44 -17.92 29.23
N ILE D 319 -9.06 -16.65 29.40
CA ILE D 319 -7.71 -16.20 29.06
C ILE D 319 -6.71 -16.98 29.91
N GLY D 320 -5.46 -17.00 29.46
CA GLY D 320 -4.39 -17.70 30.16
C GLY D 320 -4.00 -17.05 31.46
N ASP D 321 -3.04 -17.67 32.16
CA ASP D 321 -2.57 -17.17 33.44
C ASP D 321 -1.31 -16.33 33.30
N GLU D 322 -0.57 -16.52 32.21
CA GLU D 322 0.64 -15.76 31.95
C GLU D 322 0.21 -14.52 31.17
N ARG D 323 -0.18 -13.48 31.89
CA ARG D 323 -0.71 -12.26 31.29
C ARG D 323 0.29 -11.12 31.16
N GLY D 324 -0.01 -10.23 30.23
CA GLY D 324 0.80 -9.07 29.95
C GLY D 324 0.11 -8.23 28.90
N ALA D 325 0.89 -7.66 27.97
CA ALA D 325 0.29 -6.86 26.91
C ALA D 325 1.24 -6.68 25.74
N SER D 326 0.66 -6.25 24.62
CA SER D 326 1.43 -5.92 23.42
C SER D 326 1.41 -4.39 23.31
N ILE D 327 2.46 -3.82 22.75
CA ILE D 327 2.54 -2.38 22.52
C ILE D 327 2.55 -2.14 21.01
N LEU D 328 1.59 -1.36 20.53
CA LEU D 328 1.48 -1.03 19.11
C LEU D 328 1.59 0.48 18.94
N CYS D 329 2.24 0.94 17.88
CA CYS D 329 2.49 2.36 17.71
C CYS D 329 2.10 2.98 16.38
N GLY D 330 1.76 4.27 16.43
CA GLY D 330 1.49 5.05 15.23
C GLY D 330 0.10 5.25 14.69
N ALA D 331 -0.93 4.79 15.39
CA ALA D 331 -2.29 5.02 14.92
C ALA D 331 -2.54 6.52 14.80
N LYS D 332 -3.38 6.94 13.85
CA LYS D 332 -3.69 8.35 13.66
C LYS D 332 -4.75 8.51 12.57
N ALA D 333 -5.43 9.65 12.56
CA ALA D 333 -6.43 9.93 11.53
C ALA D 333 -5.71 10.24 10.19
N PRO D 334 -6.46 10.40 9.09
CA PRO D 334 -5.88 10.60 7.75
C PRO D 334 -4.78 11.67 7.61
N ILE D 335 -5.09 12.91 7.94
CA ILE D 335 -4.13 14.00 7.81
C ILE D 335 -2.82 13.63 8.51
N LEU D 336 -1.71 13.66 7.79
CA LEU D 336 -1.66 14.13 6.41
C LEU D 336 -1.56 12.96 5.41
N ASP D 337 -0.72 11.99 5.75
CA ASP D 337 -0.39 10.90 4.83
C ASP D 337 -1.26 9.66 4.75
N GLY D 338 -2.46 9.70 5.32
CA GLY D 338 -3.34 8.55 5.30
C GLY D 338 -3.54 7.99 6.71
N ALA D 339 -4.69 7.38 6.92
CA ALA D 339 -5.03 6.82 8.22
C ALA D 339 -4.11 5.66 8.58
N GLN D 340 -3.76 5.56 9.84
CA GLN D 340 -2.92 4.47 10.32
C GLN D 340 -3.52 3.86 11.58
N MET D 341 -3.27 2.57 11.79
CA MET D 341 -3.64 1.91 13.02
C MET D 341 -2.30 1.56 13.64
N GLY D 342 -2.31 1.16 14.90
CA GLY D 342 -1.08 0.81 15.61
C GLY D 342 -0.41 -0.40 15.01
N SER D 343 0.90 -0.31 14.82
CA SER D 343 1.68 -1.41 14.27
C SER D 343 2.40 -2.06 15.45
N LEU D 344 2.37 -3.39 15.51
CA LEU D 344 3.00 -4.10 16.62
C LEU D 344 4.47 -3.77 16.83
N LEU D 345 4.80 -3.27 18.02
CA LEU D 345 6.19 -2.97 18.37
C LEU D 345 6.73 -4.00 19.37
N VAL D 346 6.01 -4.19 20.47
CA VAL D 346 6.42 -5.21 21.43
C VAL D 346 5.33 -6.24 21.64
N PRO D 347 5.57 -7.48 21.18
CA PRO D 347 4.60 -8.57 21.25
C PRO D 347 4.11 -8.87 22.67
N PHE D 348 5.03 -8.90 23.63
CA PHE D 348 4.64 -9.20 25.00
C PHE D 348 5.49 -8.44 26.00
N VAL D 349 4.83 -7.68 26.86
CA VAL D 349 5.52 -6.90 27.88
C VAL D 349 4.77 -7.11 29.19
N ALA D 350 5.50 -7.09 30.30
CA ALA D 350 4.87 -7.22 31.62
C ALA D 350 3.97 -6.00 31.79
N ALA D 351 2.79 -6.21 32.37
CA ALA D 351 1.85 -5.12 32.57
C ALA D 351 1.30 -5.06 34.00
N GLU D 352 2.19 -4.91 34.97
CA GLU D 352 1.80 -4.82 36.37
C GLU D 352 2.36 -3.55 36.98
N GLU D 353 1.63 -2.97 37.93
CA GLU D 353 2.07 -1.75 38.60
C GLU D 353 3.46 -1.90 39.19
N PRO D 354 4.25 -0.81 39.21
CA PRO D 354 3.92 0.52 38.71
C PRO D 354 4.16 0.70 37.20
N PHE D 355 4.10 -0.40 36.45
CA PHE D 355 4.26 -0.39 34.99
C PHE D 355 5.52 0.26 34.45
N ASP D 356 6.67 -0.03 35.07
CA ASP D 356 7.92 0.56 34.62
C ASP D 356 8.36 0.13 33.22
N GLU D 357 8.11 -1.13 32.87
CA GLU D 357 8.49 -1.65 31.56
C GLU D 357 7.81 -0.86 30.44
N ILE D 358 6.54 -0.54 30.62
CA ILE D 358 5.79 0.22 29.64
C ILE D 358 6.33 1.65 29.56
N LYS D 359 6.51 2.29 30.72
CA LYS D 359 7.05 3.64 30.77
C LYS D 359 8.37 3.74 30.01
N GLU D 360 9.22 2.73 30.18
CA GLU D 360 10.53 2.74 29.53
C GLU D 360 10.43 2.83 28.02
N VAL D 361 9.44 2.16 27.45
CA VAL D 361 9.22 2.17 26.00
C VAL D 361 8.77 3.56 25.57
N VAL D 362 7.75 4.08 26.26
CA VAL D 362 7.22 5.40 26.00
C VAL D 362 8.34 6.43 25.96
N GLU D 363 9.15 6.43 26.99
CA GLU D 363 10.25 7.38 27.11
C GLU D 363 11.34 7.25 26.05
N LYS D 364 11.61 6.02 25.61
CA LYS D 364 12.59 5.83 24.55
C LYS D 364 12.01 6.35 23.22
N ILE D 365 10.70 6.22 23.07
CA ILE D 365 10.02 6.70 21.87
C ILE D 365 10.02 8.23 21.83
N TRP D 366 9.66 8.86 22.95
CA TRP D 366 9.60 10.31 23.05
C TRP D 366 10.96 10.93 22.84
N ASP D 367 12.00 10.33 23.40
CA ASP D 367 13.35 10.85 23.25
C ASP D 367 13.68 11.02 21.79
N TRP D 368 13.29 10.03 20.98
CA TRP D 368 13.55 10.04 19.55
C TRP D 368 12.61 11.00 18.80
N TRP D 369 11.31 10.76 18.91
CA TRP D 369 10.32 11.54 18.19
C TRP D 369 10.33 13.04 18.53
N MET D 370 10.57 13.36 19.79
CA MET D 370 10.60 14.76 20.22
C MET D 370 11.70 15.54 19.49
N GLU D 371 12.80 14.86 19.19
CA GLU D 371 13.93 15.48 18.51
C GLU D 371 13.93 15.30 17.00
N GLU D 372 13.50 14.14 16.53
CA GLU D 372 13.53 13.86 15.09
C GLU D 372 12.22 14.09 14.35
N GLY D 373 11.11 14.04 15.07
CA GLY D 373 9.81 14.26 14.46
C GLY D 373 9.69 15.65 13.86
N LYS D 374 9.02 15.76 12.73
CA LYS D 374 8.86 17.04 12.09
C LYS D 374 7.72 17.81 12.76
N ASN D 375 7.66 19.11 12.51
CA ASN D 375 6.60 19.92 13.08
C ASN D 375 5.26 19.34 12.62
N ARG D 376 4.34 19.16 13.56
CA ARG D 376 3.02 18.62 13.25
C ARG D 376 3.05 17.24 12.60
N GLU D 377 4.05 16.44 12.97
CA GLU D 377 4.16 15.08 12.45
C GLU D 377 3.81 14.08 13.55
N ARG D 378 2.76 13.30 13.33
CA ARG D 378 2.35 12.24 14.26
C ARG D 378 3.42 11.15 14.24
N LEU D 379 3.56 10.43 15.35
CA LEU D 379 4.53 9.34 15.45
C LEU D 379 4.41 8.38 14.27
N GLY D 380 3.18 8.06 13.88
CA GLY D 380 2.94 7.15 12.78
C GLY D 380 3.62 7.58 11.49
N GLU D 381 3.64 8.90 11.27
CA GLU D 381 4.23 9.48 10.08
C GLU D 381 5.76 9.53 10.17
N THR D 382 6.26 9.68 11.38
CA THR D 382 7.70 9.66 11.61
C THR D 382 8.18 8.25 11.30
N MET D 383 7.36 7.26 11.66
CA MET D 383 7.70 5.86 11.41
C MET D 383 7.80 5.61 9.90
N LYS D 384 6.83 6.13 9.15
CA LYS D 384 6.81 6.01 7.70
C LYS D 384 8.03 6.69 7.09
N ARG D 385 8.35 7.88 7.56
CA ARG D 385 9.46 8.65 7.00
C ARG D 385 10.84 8.14 7.37
N LEU D 386 11.05 7.84 8.65
CA LEU D 386 12.36 7.40 9.11
C LEU D 386 12.51 5.88 9.18
N SER D 387 11.42 5.17 9.00
CA SER D 387 11.37 3.71 9.00
C SER D 387 11.04 2.97 10.30
N PHE D 388 10.41 1.82 10.16
CA PHE D 388 10.10 1.00 11.32
C PHE D 388 11.41 0.53 11.93
N GLN D 389 12.43 0.39 11.10
CA GLN D 389 13.74 -0.05 11.58
C GLN D 389 14.32 0.94 12.59
N LYS D 390 14.11 2.22 12.33
CA LYS D 390 14.65 3.26 13.21
C LYS D 390 13.93 3.23 14.55
N LEU D 391 12.63 3.00 14.53
CA LEU D 391 11.86 2.91 15.76
C LEU D 391 12.36 1.74 16.60
N LEU D 392 12.65 0.61 15.95
CA LEU D 392 13.15 -0.57 16.65
C LEU D 392 14.50 -0.27 17.27
N GLU D 393 15.33 0.44 16.52
CA GLU D 393 16.65 0.79 17.00
C GLU D 393 16.62 1.70 18.24
N VAL D 394 15.81 2.76 18.20
CA VAL D 394 15.73 3.67 19.33
C VAL D 394 15.09 3.05 20.56
N THR D 395 14.23 2.05 20.36
CA THR D 395 13.59 1.37 21.49
C THR D 395 14.41 0.15 21.92
N GLU D 396 15.49 -0.11 21.19
CA GLU D 396 16.36 -1.24 21.49
C GLU D 396 15.62 -2.57 21.44
N ILE D 397 14.86 -2.76 20.38
CA ILE D 397 14.12 -4.00 20.19
C ILE D 397 14.64 -4.68 18.93
N ALA D 398 15.01 -5.94 19.06
CA ALA D 398 15.52 -6.71 17.93
C ALA D 398 14.37 -7.06 16.99
N PRO D 399 14.62 -7.02 15.67
CA PRO D 399 13.63 -7.33 14.63
C PRO D 399 13.13 -8.77 14.81
N VAL D 400 11.82 -8.93 14.71
CA VAL D 400 11.19 -10.22 14.94
C VAL D 400 10.10 -10.41 13.88
N PRO D 401 9.86 -11.65 13.43
CA PRO D 401 8.86 -11.84 12.36
C PRO D 401 7.47 -11.26 12.67
N GLN D 402 7.11 -11.16 13.95
CA GLN D 402 5.79 -10.62 14.26
C GLN D 402 5.68 -9.10 14.07
N HIS D 403 6.80 -8.46 13.77
CA HIS D 403 6.82 -7.01 13.54
C HIS D 403 6.26 -6.73 12.14
N VAL D 404 5.97 -7.79 11.42
CA VAL D 404 5.56 -7.64 10.05
C VAL D 404 4.37 -8.54 9.74
N LYS D 405 3.49 -8.06 8.87
CA LYS D 405 2.38 -8.88 8.43
C LYS D 405 2.91 -9.73 7.27
N GLU D 406 3.86 -9.17 6.53
CA GLU D 406 4.51 -9.86 5.43
C GLU D 406 5.85 -9.19 5.15
N PRO D 407 6.85 -9.96 4.68
CA PRO D 407 8.12 -9.29 4.39
C PRO D 407 7.93 -8.37 3.19
N ARG D 408 8.90 -7.49 2.97
CA ARG D 408 8.83 -6.54 1.87
C ARG D 408 8.78 -7.25 0.51
N THR D 409 8.20 -6.56 -0.45
CA THR D 409 8.11 -7.07 -1.82
C THR D 409 9.25 -6.46 -2.65
N ASN D 410 9.52 -5.18 -2.42
CA ASN D 410 10.59 -4.51 -3.17
C ASN D 410 11.98 -4.88 -2.67
N PRO D 411 12.98 -4.85 -3.57
CA PRO D 411 14.37 -5.22 -3.26
C PRO D 411 15.25 -4.01 -2.93
N TYR D 412 14.63 -2.86 -2.64
CA TYR D 412 15.37 -1.65 -2.34
C TYR D 412 15.90 -1.66 -0.91
N ILE D 413 16.72 -2.66 -0.62
CA ILE D 413 17.25 -2.92 0.72
C ILE D 413 18.48 -2.13 1.16
N PHE D 414 18.37 -1.47 2.30
CA PHE D 414 19.49 -0.74 2.87
C PHE D 414 20.31 -1.68 3.76
N PHE D 415 21.64 -1.58 3.66
CA PHE D 415 22.53 -2.39 4.47
C PHE D 415 23.37 -1.44 5.32
N LYS D 416 23.75 -1.89 6.50
CA LYS D 416 24.62 -1.08 7.35
C LYS D 416 26.03 -1.30 6.81
N GLU D 417 26.75 -0.20 6.61
CA GLU D 417 28.10 -0.27 6.03
C GLU D 417 29.02 -1.26 6.74
N GLU D 418 28.85 -1.37 8.06
CA GLU D 418 29.67 -2.27 8.87
C GLU D 418 29.44 -3.72 8.49
N GLU D 419 28.23 -4.04 8.03
CA GLU D 419 27.85 -5.40 7.66
C GLU D 419 28.51 -5.85 6.36
N VAL D 420 29.03 -4.90 5.58
CA VAL D 420 29.57 -5.24 4.28
C VAL D 420 31.07 -5.12 4.09
N PRO D 421 31.72 -6.23 3.71
CA PRO D 421 33.16 -6.37 3.46
C PRO D 421 33.71 -5.22 2.62
N GLY D 422 34.65 -4.47 3.19
CA GLY D 422 35.29 -3.37 2.50
C GLY D 422 34.63 -2.01 2.69
N GLY D 423 33.42 -1.99 3.25
CA GLY D 423 32.70 -0.74 3.43
C GLY D 423 32.27 -0.13 2.09
N TRP D 424 31.99 1.17 2.09
CA TRP D 424 31.51 1.87 0.90
C TRP D 424 32.53 2.75 0.19
N ASP D 425 33.71 2.92 0.79
CA ASP D 425 34.73 3.76 0.18
C ASP D 425 35.58 2.98 -0.80
N ARG D 426 35.28 3.09 -2.09
CA ARG D 426 36.05 2.38 -3.10
C ARG D 426 36.68 3.35 -4.09
N ASP D 427 37.78 2.91 -4.69
CA ASP D 427 38.48 3.75 -5.65
C ASP D 427 38.25 3.26 -7.07
N ILE D 428 37.69 4.15 -7.88
CA ILE D 428 37.39 3.87 -9.28
C ILE D 428 38.61 3.42 -10.08
N THR D 429 39.78 3.94 -9.73
CA THR D 429 41.00 3.61 -10.47
C THR D 429 41.40 2.15 -10.23
N GLU D 430 40.99 1.62 -9.09
CA GLU D 430 41.24 0.21 -8.77
C GLU D 430 40.33 -0.62 -9.66
N TYR D 431 39.06 -0.25 -9.67
CA TYR D 431 38.03 -0.92 -10.47
C TYR D 431 38.40 -0.84 -11.95
N ARG D 432 38.83 0.35 -12.36
CA ARG D 432 39.19 0.61 -13.76
C ARG D 432 40.33 -0.27 -14.25
N LYS D 433 41.07 -0.88 -13.31
CA LYS D 433 42.17 -1.76 -13.65
C LYS D 433 41.70 -3.07 -14.29
N ARG D 434 40.57 -3.59 -13.85
CA ARG D 434 40.04 -4.83 -14.41
C ARG D 434 38.88 -4.59 -15.38
N HIS D 435 38.34 -3.38 -15.41
CA HIS D 435 37.23 -3.05 -16.29
C HIS D 435 37.49 -1.75 -17.03
N LEU D 436 38.16 -1.85 -18.17
CA LEU D 436 38.47 -0.68 -18.98
C LEU D 436 37.23 0.03 -19.52
N ARG D 437 37.33 1.34 -19.64
CA ARG D 437 36.24 2.15 -20.18
C ARG D 437 36.01 1.76 -21.64
N ALA E 2 -22.14 41.04 37.51
CA ALA E 2 -22.29 40.48 38.85
C ALA E 2 -21.15 39.53 39.24
N PHE E 3 -19.91 39.96 38.99
CA PHE E 3 -18.74 39.13 39.29
C PHE E 3 -18.75 38.53 40.69
N ILE E 4 -18.35 37.25 40.76
CA ILE E 4 -18.24 36.52 42.02
C ILE E 4 -16.92 35.76 42.00
N SER E 5 -15.95 36.20 42.79
CA SER E 5 -14.66 35.53 42.81
C SER E 5 -14.79 34.16 43.48
N SER E 6 -13.89 33.25 43.14
CA SER E 6 -13.89 31.91 43.71
C SER E 6 -12.80 31.85 44.75
N GLY E 7 -12.12 32.99 44.94
CA GLY E 7 -11.01 33.10 45.87
C GLY E 7 -9.74 33.31 45.07
N TYR E 8 -9.87 33.22 43.75
CA TYR E 8 -8.74 33.41 42.86
C TYR E 8 -8.32 34.87 42.84
N ASN E 9 -7.02 35.11 43.04
CA ASN E 9 -6.53 36.48 43.04
C ASN E 9 -5.79 36.85 41.75
N PRO E 10 -6.47 37.55 40.84
CA PRO E 10 -5.88 37.98 39.57
C PRO E 10 -4.60 38.79 39.76
N GLU E 11 -4.50 39.46 40.90
CA GLU E 11 -3.32 40.27 41.21
C GLU E 11 -2.15 39.36 41.53
N LYS E 12 -2.48 38.21 42.11
CA LYS E 12 -1.49 37.21 42.47
C LYS E 12 -1.95 35.89 41.84
N PRO E 13 -1.80 35.78 40.51
CA PRO E 13 -2.21 34.61 39.73
C PRO E 13 -1.55 33.32 40.19
N MET E 14 -0.25 33.37 40.47
CA MET E 14 0.48 32.18 40.88
C MET E 14 0.41 31.87 42.37
N ALA E 15 -0.39 32.64 43.09
CA ALA E 15 -0.58 32.43 44.52
C ALA E 15 -1.66 31.38 44.77
N ASN E 16 -1.32 30.35 45.54
CA ASN E 16 -2.25 29.28 45.86
C ASN E 16 -2.64 28.46 44.64
N ARG E 17 -1.80 28.50 43.61
CA ARG E 17 -2.04 27.76 42.38
C ARG E 17 -1.76 26.27 42.55
N ILE E 18 -2.79 25.45 42.36
CA ILE E 18 -2.62 23.99 42.44
C ILE E 18 -2.56 23.44 41.02
N THR E 19 -1.51 22.68 40.71
CA THR E 19 -1.34 22.10 39.38
C THR E 19 -0.83 20.66 39.39
N ASP E 20 -0.96 19.99 38.24
CA ASP E 20 -0.48 18.62 38.04
C ASP E 20 -1.07 17.57 38.99
N ILE E 21 -2.35 17.71 39.31
CA ILE E 21 -3.02 16.77 40.19
C ILE E 21 -3.72 15.65 39.44
N GLY E 22 -3.94 15.84 38.14
CA GLY E 22 -4.60 14.83 37.32
C GLY E 22 -6.05 14.64 37.70
N PRO E 23 -6.64 13.50 37.32
CA PRO E 23 -8.04 13.24 37.68
C PRO E 23 -8.11 12.51 39.02
N ARG E 24 -9.32 12.24 39.48
CA ARG E 24 -9.49 11.48 40.73
C ARG E 24 -9.07 10.06 40.39
N LYS E 25 -8.35 9.40 41.29
CA LYS E 25 -7.92 8.02 41.07
C LYS E 25 -9.09 7.16 40.62
N PHE E 26 -8.85 6.35 39.60
CA PHE E 26 -9.88 5.51 38.97
C PHE E 26 -10.81 4.73 39.87
N ASP E 27 -10.27 4.13 40.94
CA ASP E 27 -11.06 3.30 41.85
C ASP E 27 -11.79 4.06 42.95
N GLU E 28 -11.56 5.36 43.04
CA GLU E 28 -12.20 6.17 44.07
C GLU E 28 -13.73 6.05 44.21
N PHE E 29 -14.45 5.99 43.09
CA PHE E 29 -15.90 5.92 43.14
C PHE E 29 -16.52 4.59 42.73
N PHE E 30 -15.77 3.51 42.91
CA PHE E 30 -16.26 2.18 42.58
C PHE E 30 -17.44 1.78 43.45
N PRO E 31 -18.40 1.04 42.88
CA PRO E 31 -19.47 0.57 43.76
C PRO E 31 -18.84 -0.50 44.65
N PRO E 32 -19.36 -0.69 45.87
CA PRO E 32 -18.74 -1.69 46.76
C PRO E 32 -18.54 -3.07 46.14
N VAL E 33 -19.55 -3.57 45.42
CA VAL E 33 -19.44 -4.88 44.79
C VAL E 33 -18.30 -4.92 43.77
N ILE E 34 -18.10 -3.80 43.07
CA ILE E 34 -17.05 -3.70 42.07
C ILE E 34 -15.68 -3.76 42.75
N ALA E 35 -15.46 -2.88 43.73
CA ALA E 35 -14.21 -2.82 44.47
C ALA E 35 -13.81 -4.14 45.09
N LYS E 36 -14.78 -4.83 45.68
CA LYS E 36 -14.51 -6.11 46.34
C LYS E 36 -14.13 -7.20 45.34
N ASN E 37 -14.84 -7.24 44.21
CA ASN E 37 -14.61 -8.27 43.21
C ASN E 37 -13.71 -7.88 42.05
N PHE E 38 -13.03 -6.75 42.20
CA PHE E 38 -12.11 -6.24 41.18
C PHE E 38 -11.12 -7.33 40.73
N GLY E 39 -11.13 -7.64 39.44
CA GLY E 39 -10.23 -8.61 38.84
C GLY E 39 -10.51 -10.06 39.19
N SER E 40 -11.71 -10.35 39.70
CA SER E 40 -12.06 -11.72 40.07
C SER E 40 -13.35 -12.20 39.42
N TRP E 41 -13.65 -11.66 38.25
CA TRP E 41 -14.85 -12.05 37.52
C TRP E 41 -14.65 -13.36 36.79
N LEU E 42 -15.70 -14.18 36.72
CA LEU E 42 -15.63 -15.48 36.08
C LEU E 42 -16.33 -15.48 34.72
N TYR E 43 -17.54 -14.95 34.66
CA TYR E 43 -18.29 -14.89 33.42
C TYR E 43 -19.37 -13.83 33.50
N HIS E 44 -20.09 -13.63 32.41
CA HIS E 44 -21.15 -12.63 32.38
C HIS E 44 -22.27 -13.13 31.49
N GLU E 45 -23.43 -12.49 31.58
CA GLU E 45 -24.57 -12.85 30.75
C GLU E 45 -25.26 -11.58 30.30
N ILE E 46 -25.87 -11.62 29.12
CA ILE E 46 -26.65 -10.49 28.64
C ILE E 46 -28.09 -10.93 28.89
N LEU E 47 -28.64 -10.50 30.02
CA LEU E 47 -30.00 -10.90 30.39
C LEU E 47 -31.02 -10.46 29.35
N GLU E 48 -30.79 -9.29 28.77
CA GLU E 48 -31.67 -8.75 27.73
C GLU E 48 -31.01 -7.49 27.19
N PRO E 49 -31.59 -6.90 26.12
CA PRO E 49 -30.96 -5.69 25.57
C PRO E 49 -30.81 -4.61 26.63
N GLY E 50 -29.58 -4.20 26.89
CA GLY E 50 -29.28 -3.15 27.85
C GLY E 50 -29.01 -3.65 29.26
N VAL E 51 -29.14 -4.96 29.47
CA VAL E 51 -28.94 -5.53 30.80
C VAL E 51 -27.90 -6.63 30.82
N LEU E 52 -26.92 -6.49 31.71
CA LEU E 52 -25.87 -7.48 31.85
C LEU E 52 -25.76 -7.98 33.29
N MET E 53 -25.14 -9.14 33.46
CA MET E 53 -24.87 -9.68 34.78
C MET E 53 -23.47 -10.26 34.81
N HIS E 54 -22.70 -9.89 35.82
CA HIS E 54 -21.34 -10.38 35.98
C HIS E 54 -21.24 -11.19 37.27
N VAL E 55 -20.67 -12.39 37.16
CA VAL E 55 -20.53 -13.27 38.31
C VAL E 55 -19.07 -13.38 38.73
N ALA E 56 -18.79 -13.04 39.98
CA ALA E 56 -17.45 -13.09 40.53
C ALA E 56 -17.12 -14.41 41.20
N GLU E 57 -15.84 -14.69 41.38
CA GLU E 57 -15.38 -15.92 42.03
C GLU E 57 -15.99 -16.10 43.41
N SER E 58 -16.32 -14.98 44.06
CA SER E 58 -16.91 -14.99 45.39
C SER E 58 -18.38 -15.43 45.34
N GLY E 59 -18.98 -15.35 44.15
CA GLY E 59 -20.37 -15.70 43.97
C GLY E 59 -21.18 -14.42 43.87
N ASP E 60 -20.54 -13.32 44.27
CA ASP E 60 -21.17 -12.01 44.22
C ASP E 60 -21.61 -11.70 42.79
N LYS E 61 -22.71 -10.96 42.65
CA LYS E 61 -23.22 -10.59 41.34
C LYS E 61 -23.42 -9.09 41.21
N VAL E 62 -23.23 -8.57 40.01
CA VAL E 62 -23.47 -7.17 39.72
C VAL E 62 -24.31 -7.11 38.45
N TYR E 63 -25.36 -6.29 38.48
CA TYR E 63 -26.24 -6.16 37.34
C TYR E 63 -26.05 -4.79 36.74
N THR E 64 -25.91 -4.74 35.41
CA THR E 64 -25.69 -3.49 34.70
C THR E 64 -26.83 -3.13 33.76
N VAL E 65 -27.30 -1.89 33.85
CA VAL E 65 -28.34 -1.38 32.96
C VAL E 65 -27.72 -0.26 32.14
N ARG E 66 -27.57 -0.51 30.84
CA ARG E 66 -26.98 0.48 29.93
C ARG E 66 -28.07 1.29 29.27
N VAL E 67 -27.88 2.61 29.28
CA VAL E 67 -28.87 3.54 28.78
C VAL E 67 -28.27 4.52 27.78
N GLY E 68 -29.02 4.79 26.70
CA GLY E 68 -28.60 5.72 25.68
C GLY E 68 -28.50 7.14 26.24
N ALA E 69 -27.72 7.98 25.56
CA ALA E 69 -27.53 9.37 25.96
C ALA E 69 -27.04 10.19 24.77
N ALA E 70 -27.44 11.46 24.72
CA ALA E 70 -27.06 12.34 23.62
C ALA E 70 -25.63 12.89 23.67
N ARG E 71 -24.88 12.47 24.68
CA ARG E 71 -23.50 12.87 24.84
C ARG E 71 -23.38 14.36 25.18
N LEU E 72 -23.99 15.21 24.37
CA LEU E 72 -24.08 16.64 24.67
C LEU E 72 -25.25 16.73 25.65
N MET E 73 -24.97 17.08 26.90
CA MET E 73 -26.01 17.12 27.92
C MET E 73 -25.87 18.24 28.94
N SER E 74 -26.99 18.60 29.55
CA SER E 74 -27.04 19.66 30.57
C SER E 74 -26.68 19.15 31.95
N ILE E 75 -26.37 20.06 32.87
CA ILE E 75 -26.07 19.67 34.24
C ILE E 75 -27.39 19.26 34.91
N THR E 76 -28.49 19.69 34.30
CA THR E 76 -29.83 19.34 34.78
C THR E 76 -30.04 17.84 34.57
N HIS E 77 -29.65 17.37 33.40
CA HIS E 77 -29.77 15.97 33.05
C HIS E 77 -28.80 15.15 33.90
N ILE E 78 -27.58 15.65 34.08
CA ILE E 78 -26.60 14.95 34.91
C ILE E 78 -27.16 14.80 36.32
N ARG E 79 -27.75 15.87 36.84
CA ARG E 79 -28.33 15.86 38.18
C ARG E 79 -29.46 14.84 38.29
N GLU E 80 -30.29 14.74 37.25
CA GLU E 80 -31.37 13.75 37.26
C GLU E 80 -30.79 12.33 37.36
N MET E 81 -29.71 12.07 36.64
CA MET E 81 -29.09 10.76 36.67
C MET E 81 -28.49 10.53 38.05
N CYS E 82 -28.02 11.60 38.67
CA CYS E 82 -27.44 11.51 40.01
C CYS E 82 -28.54 11.14 41.01
N ASP E 83 -29.75 11.64 40.76
CA ASP E 83 -30.90 11.33 41.61
C ASP E 83 -31.19 9.84 41.47
N ILE E 84 -31.30 9.38 40.23
CA ILE E 84 -31.56 7.97 39.94
C ILE E 84 -30.49 7.07 40.56
N ALA E 85 -29.23 7.52 40.49
CA ALA E 85 -28.12 6.77 41.04
C ALA E 85 -28.23 6.66 42.57
N ASP E 86 -28.67 7.74 43.19
CA ASP E 86 -28.84 7.80 44.65
C ASP E 86 -29.98 6.88 45.09
N LYS E 87 -31.02 6.83 44.28
CA LYS E 87 -32.18 6.02 44.59
C LYS E 87 -31.94 4.51 44.53
N TYR E 88 -31.31 4.02 43.46
CA TYR E 88 -31.10 2.59 43.29
C TYR E 88 -29.68 2.05 43.36
N CYS E 89 -28.69 2.89 43.08
CA CYS E 89 -27.32 2.41 42.99
C CYS E 89 -26.33 2.86 44.04
N GLY E 90 -26.82 3.33 45.18
CA GLY E 90 -25.95 3.79 46.25
C GLY E 90 -25.18 5.02 45.84
N GLY E 91 -25.68 5.73 44.83
CA GLY E 91 -25.06 6.95 44.34
C GLY E 91 -23.99 6.74 43.28
N HIS E 92 -23.84 5.51 42.81
CA HIS E 92 -22.84 5.16 41.80
C HIS E 92 -23.39 5.04 40.38
N LEU E 93 -22.56 5.42 39.40
CA LEU E 93 -22.90 5.30 37.97
C LEU E 93 -21.64 5.31 37.10
N ARG E 94 -21.81 5.02 35.81
CA ARG E 94 -20.69 4.89 34.88
C ARG E 94 -21.06 5.41 33.49
N PHE E 95 -20.04 5.86 32.75
CA PHE E 95 -20.21 6.25 31.35
C PHE E 95 -19.33 5.30 30.52
N THR E 96 -19.83 4.85 29.38
CA THR E 96 -19.10 3.92 28.53
C THR E 96 -18.17 4.63 27.54
N THR E 97 -17.47 3.84 26.74
CA THR E 97 -16.58 4.37 25.73
C THR E 97 -17.36 4.83 24.51
N ARG E 98 -18.67 4.54 24.48
CA ARG E 98 -19.54 5.01 23.39
C ARG E 98 -20.51 6.07 23.93
N ASN E 99 -20.19 6.58 25.11
CA ASN E 99 -20.99 7.63 25.78
C ASN E 99 -22.40 7.24 26.16
N ASN E 100 -22.57 5.98 26.52
CA ASN E 100 -23.84 5.50 27.03
C ASN E 100 -23.63 5.56 28.54
N VAL E 101 -24.70 5.44 29.31
CA VAL E 101 -24.59 5.48 30.76
C VAL E 101 -24.97 4.12 31.32
N GLU E 102 -24.22 3.67 32.33
CA GLU E 102 -24.51 2.39 32.97
C GLU E 102 -24.81 2.56 34.46
N PHE E 103 -25.90 1.95 34.90
CA PHE E 103 -26.32 1.97 36.30
C PHE E 103 -26.20 0.55 36.81
N MET E 104 -25.48 0.36 37.92
CA MET E 104 -25.28 -0.97 38.47
C MET E 104 -25.89 -1.21 39.85
N VAL E 105 -26.43 -2.41 40.03
CA VAL E 105 -27.04 -2.84 41.30
C VAL E 105 -26.52 -4.22 41.67
N ALA E 106 -26.69 -4.60 42.94
CA ALA E 106 -26.21 -5.89 43.42
C ALA E 106 -27.31 -6.92 43.68
N ASP E 107 -28.55 -6.61 43.30
CA ASP E 107 -29.66 -7.54 43.49
C ASP E 107 -30.74 -7.38 42.42
N GLU E 108 -31.50 -8.45 42.21
CA GLU E 108 -32.55 -8.49 41.18
C GLU E 108 -33.74 -7.56 41.38
N ALA E 109 -34.11 -7.31 42.63
CA ALA E 109 -35.27 -6.46 42.91
C ALA E 109 -34.94 -5.01 42.57
N SER E 110 -33.74 -4.58 42.94
CA SER E 110 -33.31 -3.23 42.64
C SER E 110 -33.24 -3.07 41.12
N LEU E 111 -32.80 -4.12 40.45
CA LEU E 111 -32.66 -4.14 39.00
C LEU E 111 -34.01 -3.92 38.33
N LYS E 112 -35.04 -4.59 38.84
CA LYS E 112 -36.39 -4.47 38.27
C LYS E 112 -36.97 -3.06 38.43
N ALA E 113 -36.72 -2.45 39.59
CA ALA E 113 -37.23 -1.11 39.87
C ALA E 113 -36.46 -0.05 39.09
N LEU E 114 -35.15 -0.27 38.97
CA LEU E 114 -34.27 0.64 38.23
C LEU E 114 -34.73 0.74 36.77
N LYS E 115 -34.89 -0.41 36.13
CA LYS E 115 -35.30 -0.45 34.73
C LYS E 115 -36.66 0.18 34.45
N GLU E 116 -37.66 -0.17 35.25
CA GLU E 116 -38.99 0.35 35.06
C GLU E 116 -39.02 1.88 35.19
N ASP E 117 -38.24 2.39 36.13
CA ASP E 117 -38.12 3.84 36.33
C ASP E 117 -37.50 4.50 35.09
N LEU E 118 -36.30 4.05 34.72
CA LEU E 118 -35.58 4.58 33.57
C LEU E 118 -36.43 4.59 32.30
N ALA E 119 -37.13 3.49 32.05
CA ALA E 119 -37.96 3.33 30.87
C ALA E 119 -39.18 4.26 30.80
N SER E 120 -39.55 4.82 31.95
CA SER E 120 -40.72 5.68 32.02
C SER E 120 -40.43 7.16 31.79
N ARG E 121 -39.19 7.58 32.02
CA ARG E 121 -38.83 8.99 31.88
C ARG E 121 -38.73 9.49 30.45
N LYS E 122 -39.30 10.68 30.21
CA LYS E 122 -39.29 11.28 28.90
C LYS E 122 -39.07 12.79 29.00
N PHE E 123 -38.59 13.38 27.91
CA PHE E 123 -38.41 14.82 27.82
C PHE E 123 -39.79 15.38 27.43
N ASP E 124 -40.02 16.66 27.67
CA ASP E 124 -41.30 17.29 27.35
C ASP E 124 -41.71 17.05 25.90
N GLY E 125 -40.72 17.07 25.00
CA GLY E 125 -40.94 16.87 23.58
C GLY E 125 -41.37 15.47 23.22
N GLY E 126 -41.26 14.54 24.17
CA GLY E 126 -41.65 13.16 23.95
C GLY E 126 -40.56 12.13 23.76
N SER E 127 -39.30 12.56 23.63
CA SER E 127 -38.20 11.61 23.44
C SER E 127 -37.82 10.92 24.76
N LEU E 128 -37.36 9.67 24.66
CA LEU E 128 -36.97 8.91 25.83
C LEU E 128 -35.70 9.48 26.45
N LYS E 129 -35.74 9.73 27.76
CA LYS E 129 -34.58 10.28 28.46
C LYS E 129 -33.48 9.23 28.66
N PHE E 130 -33.90 8.01 28.98
CA PHE E 130 -32.94 6.94 29.25
C PHE E 130 -33.32 5.63 28.60
N PRO E 131 -33.32 5.59 27.24
CA PRO E 131 -33.67 4.33 26.57
C PRO E 131 -32.64 3.26 26.91
N ILE E 132 -33.13 2.07 27.28
CA ILE E 132 -32.26 0.97 27.66
C ILE E 132 -31.83 0.17 26.42
N GLY E 133 -30.57 -0.23 26.38
CA GLY E 133 -30.06 -0.97 25.25
C GLY E 133 -28.58 -0.73 25.00
N GLY E 134 -28.13 -1.02 23.78
CA GLY E 134 -26.75 -0.84 23.36
C GLY E 134 -25.86 -2.04 23.61
N THR E 135 -26.45 -3.21 23.82
CA THR E 135 -25.68 -4.42 24.10
C THR E 135 -25.71 -5.43 22.95
N GLY E 136 -24.77 -6.37 22.98
CA GLY E 136 -24.66 -7.44 22.00
C GLY E 136 -24.71 -7.05 20.53
N ALA E 137 -25.31 -7.91 19.72
CA ALA E 137 -25.39 -7.72 18.27
C ALA E 137 -26.48 -6.78 17.80
N GLY E 138 -26.27 -5.49 18.04
CA GLY E 138 -27.19 -4.45 17.63
C GLY E 138 -26.44 -3.19 17.22
N VAL E 139 -27.12 -2.05 17.30
CA VAL E 139 -26.51 -0.76 16.97
C VAL E 139 -26.50 0.07 18.24
N SER E 140 -25.32 0.31 18.80
CA SER E 140 -25.20 1.10 20.03
C SER E 140 -25.12 2.60 19.72
N ASN E 141 -24.64 3.38 20.68
CA ASN E 141 -24.55 4.83 20.52
C ASN E 141 -23.61 5.19 19.37
N ILE E 142 -23.78 6.40 18.83
CA ILE E 142 -22.95 6.88 17.74
C ILE E 142 -21.83 7.76 18.26
N VAL E 143 -20.58 7.34 18.03
CA VAL E 143 -19.44 8.15 18.44
C VAL E 143 -19.41 9.34 17.49
N HIS E 144 -19.50 10.55 18.04
CA HIS E 144 -19.55 11.75 17.21
C HIS E 144 -18.75 12.94 17.71
N THR E 145 -18.88 14.05 16.99
CA THR E 145 -18.06 15.22 17.24
C THR E 145 -18.85 16.49 17.57
N GLN E 146 -18.22 17.65 17.33
CA GLN E 146 -18.81 18.95 17.65
C GLN E 146 -19.79 19.52 16.63
N GLY E 147 -19.51 19.35 15.34
CA GLY E 147 -20.35 19.91 14.29
C GLY E 147 -20.54 21.41 14.46
N TRP E 148 -21.71 21.90 14.10
CA TRP E 148 -22.01 23.33 14.17
C TRP E 148 -22.25 23.86 15.60
N VAL E 149 -22.08 22.98 16.58
CA VAL E 149 -22.28 23.37 17.98
C VAL E 149 -21.03 24.03 18.56
N HIS E 150 -19.87 23.77 17.99
CA HIS E 150 -18.65 24.35 18.56
C HIS E 150 -17.41 24.45 17.67
N CYS E 151 -17.37 23.74 16.55
CA CYS E 151 -16.19 23.75 15.69
C CYS E 151 -16.23 24.72 14.51
N HIS E 152 -15.04 25.17 14.11
CA HIS E 152 -14.91 26.10 12.99
C HIS E 152 -14.57 25.43 11.66
N THR E 153 -14.20 24.15 11.68
CA THR E 153 -13.86 23.44 10.44
C THR E 153 -14.87 22.41 9.95
N PRO E 154 -16.10 22.39 10.51
CA PRO E 154 -16.92 21.33 9.94
C PRO E 154 -17.53 21.60 8.56
N ALA E 155 -18.03 20.53 7.94
CA ALA E 155 -18.68 20.61 6.63
C ALA E 155 -20.10 20.06 6.78
N THR E 156 -20.49 19.80 8.04
CA THR E 156 -21.80 19.25 8.40
C THR E 156 -21.98 19.37 9.91
N ASP E 157 -23.15 18.99 10.43
CA ASP E 157 -23.41 19.01 11.87
C ASP E 157 -23.18 17.62 12.45
N ALA E 158 -23.14 17.52 13.77
CA ALA E 158 -22.95 16.22 14.43
C ALA E 158 -24.20 15.80 15.22
N SER E 159 -24.55 16.59 16.22
CA SER E 159 -25.71 16.30 17.08
C SER E 159 -27.00 16.04 16.30
N GLY E 160 -27.29 16.91 15.33
CA GLY E 160 -28.47 16.80 14.50
C GLY E 160 -28.53 15.46 13.78
N PRO E 161 -27.56 15.20 12.89
CA PRO E 161 -27.51 13.95 12.13
C PRO E 161 -27.52 12.70 13.02
N VAL E 162 -26.83 12.77 14.16
CA VAL E 162 -26.80 11.63 15.08
C VAL E 162 -28.21 11.33 15.60
N LYS E 163 -28.93 12.37 16.02
CA LYS E 163 -30.29 12.19 16.52
C LYS E 163 -31.16 11.62 15.41
N ALA E 164 -31.01 12.17 14.21
CA ALA E 164 -31.77 11.73 13.04
C ALA E 164 -31.47 10.28 12.69
N ILE E 165 -30.22 9.85 12.90
CA ILE E 165 -29.87 8.48 12.60
C ILE E 165 -30.38 7.52 13.66
N MET E 166 -30.14 7.86 14.93
CA MET E 166 -30.59 7.01 16.01
C MET E 166 -32.10 6.80 15.96
N ASP E 167 -32.85 7.83 15.58
CA ASP E 167 -34.31 7.69 15.47
C ASP E 167 -34.62 6.64 14.41
N GLU E 168 -33.87 6.68 13.32
CA GLU E 168 -34.09 5.76 12.21
C GLU E 168 -33.69 4.31 12.48
N VAL E 169 -32.68 4.09 13.30
CA VAL E 169 -32.22 2.73 13.60
C VAL E 169 -32.55 2.34 15.04
N PHE E 170 -33.36 3.15 15.72
CA PHE E 170 -33.69 2.93 17.13
C PHE E 170 -33.98 1.49 17.54
N GLU E 171 -34.83 0.81 16.78
CA GLU E 171 -35.17 -0.58 17.11
C GLU E 171 -33.93 -1.43 17.32
N ASP E 172 -32.86 -1.10 16.59
CA ASP E 172 -31.63 -1.87 16.71
C ASP E 172 -30.81 -1.49 17.92
N PHE E 173 -31.19 -0.40 18.58
CA PHE E 173 -30.50 0.01 19.80
C PHE E 173 -31.11 -0.81 20.94
N GLN E 174 -32.36 -1.19 20.76
CA GLN E 174 -33.10 -1.94 21.78
C GLN E 174 -33.26 -3.43 21.54
N SER E 175 -32.60 -3.94 20.51
CA SER E 175 -32.67 -5.36 20.21
C SER E 175 -31.32 -5.85 19.72
N MET E 176 -31.16 -7.17 19.67
CA MET E 176 -29.94 -7.79 19.22
C MET E 176 -30.22 -8.78 18.10
N ARG E 177 -30.62 -8.25 16.93
CA ARG E 177 -31.01 -9.05 15.79
C ARG E 177 -30.03 -9.13 14.61
N LEU E 178 -28.89 -8.44 14.72
CA LEU E 178 -27.92 -8.43 13.63
C LEU E 178 -26.94 -9.60 13.70
N PRO E 179 -26.18 -9.83 12.61
CA PRO E 179 -25.20 -10.91 12.61
C PRO E 179 -24.08 -10.59 13.60
N ALA E 180 -23.79 -9.30 13.74
CA ALA E 180 -22.77 -8.82 14.67
C ALA E 180 -23.04 -7.37 15.00
N PRO E 181 -22.42 -6.85 16.07
CA PRO E 181 -22.68 -5.45 16.39
C PRO E 181 -22.29 -4.54 15.25
N VAL E 182 -23.08 -3.49 15.04
CA VAL E 182 -22.80 -2.52 14.00
C VAL E 182 -22.47 -1.20 14.69
N ARG E 183 -21.26 -0.70 14.43
CA ARG E 183 -20.84 0.56 15.02
C ARG E 183 -20.98 1.68 14.02
N ILE E 184 -21.69 2.73 14.42
CA ILE E 184 -21.87 3.90 13.59
C ILE E 184 -21.17 5.07 14.26
N SER E 185 -20.34 5.76 13.48
CA SER E 185 -19.61 6.92 13.98
C SER E 185 -19.78 8.05 12.98
N LEU E 186 -19.59 9.28 13.45
CA LEU E 186 -19.77 10.44 12.59
C LEU E 186 -18.76 11.51 12.94
N ALA E 187 -18.24 12.19 11.92
CA ALA E 187 -17.27 13.26 12.12
C ALA E 187 -17.66 14.38 11.16
N CYS E 188 -17.47 15.64 11.56
CA CYS E 188 -17.87 16.78 10.71
C CYS E 188 -16.87 17.17 9.65
N CYS E 189 -15.65 16.66 9.73
CA CYS E 189 -14.65 16.93 8.71
C CYS E 189 -13.65 15.79 8.60
N ILE E 190 -12.81 15.84 7.57
CA ILE E 190 -11.83 14.78 7.34
C ILE E 190 -10.81 14.56 8.45
N ASN E 191 -10.82 15.43 9.46
CA ASN E 191 -9.95 15.25 10.62
C ASN E 191 -10.40 14.00 11.34
N MET E 192 -11.60 13.57 11.01
CA MET E 192 -12.18 12.34 11.54
C MET E 192 -11.98 12.13 13.02
N CYS E 193 -12.20 13.18 13.81
CA CYS E 193 -12.09 13.08 15.26
C CYS E 193 -13.06 11.94 15.59
N GLY E 194 -12.70 11.07 16.52
CA GLY E 194 -13.56 9.95 16.84
C GLY E 194 -13.17 8.62 16.21
N ALA E 195 -14.15 7.91 15.65
CA ALA E 195 -13.90 6.58 15.14
C ALA E 195 -14.45 6.24 13.75
N VAL E 196 -14.86 7.25 12.99
CA VAL E 196 -15.42 7.01 11.66
C VAL E 196 -14.57 6.14 10.74
N HIS E 197 -13.25 6.34 10.79
CA HIS E 197 -12.33 5.60 9.92
C HIS E 197 -12.14 4.14 10.32
N CYS E 198 -12.75 3.72 11.43
CA CYS E 198 -12.60 2.34 11.89
C CYS E 198 -13.94 1.76 12.37
N SER E 199 -15.04 2.21 11.75
CA SER E 199 -16.37 1.77 12.13
C SER E 199 -17.07 1.01 11.01
N ASP E 200 -18.07 0.23 11.40
CA ASP E 200 -18.84 -0.54 10.43
C ASP E 200 -19.50 0.41 9.45
N ILE E 201 -19.91 1.57 9.96
CA ILE E 201 -20.53 2.62 9.16
C ILE E 201 -20.03 3.96 9.67
N GLY E 202 -19.41 4.73 8.78
CA GLY E 202 -18.87 6.03 9.12
C GLY E 202 -19.45 7.11 8.23
N VAL E 203 -19.75 8.26 8.83
CA VAL E 203 -20.27 9.40 8.09
C VAL E 203 -19.28 10.53 8.33
N VAL E 204 -18.80 11.14 7.26
CA VAL E 204 -17.84 12.22 7.37
C VAL E 204 -18.20 13.41 6.47
N GLY E 205 -18.14 14.61 7.04
CA GLY E 205 -18.43 15.82 6.29
C GLY E 205 -17.32 16.13 5.31
N ILE E 206 -17.70 16.44 4.07
CA ILE E 206 -16.72 16.77 3.03
C ILE E 206 -17.03 18.07 2.30
N HIS E 207 -15.99 18.68 1.73
CA HIS E 207 -16.13 19.90 0.94
C HIS E 207 -15.94 19.49 -0.52
N ARG E 208 -16.47 20.29 -1.44
CA ARG E 208 -16.33 20.01 -2.88
C ARG E 208 -15.79 21.21 -3.66
N LYS E 209 -15.25 22.19 -2.94
CA LYS E 209 -14.72 23.39 -3.58
C LYS E 209 -13.43 23.82 -2.90
N PRO E 210 -12.47 24.34 -3.67
CA PRO E 210 -11.23 24.77 -3.02
C PRO E 210 -11.49 25.98 -2.14
N PRO E 211 -10.58 26.25 -1.19
CA PRO E 211 -10.74 27.38 -0.25
C PRO E 211 -10.68 28.73 -0.95
N MET E 212 -11.25 29.74 -0.31
CA MET E 212 -11.18 31.10 -0.81
C MET E 212 -9.92 31.68 -0.17
N ILE E 213 -9.31 32.68 -0.81
CA ILE E 213 -8.09 33.27 -0.26
C ILE E 213 -8.26 34.74 0.14
N ASP E 214 -8.15 35.02 1.44
CA ASP E 214 -8.27 36.38 1.94
C ASP E 214 -6.90 37.07 1.83
N HIS E 215 -6.53 37.44 0.61
CA HIS E 215 -5.23 38.03 0.33
C HIS E 215 -4.77 39.17 1.24
N GLU E 216 -5.68 40.01 1.68
CA GLU E 216 -5.31 41.11 2.56
C GLU E 216 -4.77 40.62 3.91
N TRP E 217 -5.21 39.43 4.33
CA TRP E 217 -4.83 38.90 5.63
C TRP E 217 -3.90 37.70 5.64
N THR E 218 -3.64 37.13 4.48
CA THR E 218 -2.77 35.96 4.36
C THR E 218 -1.45 36.10 5.13
N ASP E 219 -0.67 37.12 4.79
CA ASP E 219 0.63 37.34 5.40
C ASP E 219 0.55 37.93 6.81
N GLN E 220 -0.63 38.39 7.20
CA GLN E 220 -0.83 38.98 8.52
C GLN E 220 -1.29 37.97 9.58
N LEU E 221 -2.28 37.16 9.21
CA LEU E 221 -2.85 36.19 10.12
C LEU E 221 -2.19 34.81 10.11
N CYS E 222 -1.52 34.48 9.01
CA CYS E 222 -0.93 33.15 8.88
C CYS E 222 0.57 33.06 8.77
N GLU E 223 1.09 31.88 9.07
CA GLU E 223 2.50 31.54 8.90
C GLU E 223 2.50 30.75 7.59
N ILE E 224 2.63 31.49 6.49
CA ILE E 224 2.56 30.90 5.15
C ILE E 224 3.27 29.57 4.94
N PRO E 225 4.50 29.43 5.47
CA PRO E 225 5.16 28.13 5.27
C PRO E 225 4.39 26.96 5.90
N LEU E 226 3.68 27.21 7.00
CA LEU E 226 2.88 26.17 7.65
C LEU E 226 1.75 25.73 6.72
N ALA E 227 1.10 26.69 6.08
CA ALA E 227 0.00 26.40 5.17
C ALA E 227 0.49 25.59 3.98
N VAL E 228 1.69 25.92 3.51
CA VAL E 228 2.28 25.21 2.38
C VAL E 228 2.55 23.75 2.75
N ALA E 229 3.05 23.53 3.95
CA ALA E 229 3.36 22.19 4.45
C ALA E 229 2.13 21.40 4.89
N SER E 230 0.97 22.05 4.92
CA SER E 230 -0.26 21.41 5.38
C SER E 230 -1.08 20.74 4.27
N CYS E 231 -0.64 20.87 3.03
CA CYS E 231 -1.39 20.30 1.91
C CYS E 231 -0.87 18.91 1.52
N PRO E 232 -1.74 17.90 1.58
CA PRO E 232 -1.36 16.53 1.22
C PRO E 232 -1.05 16.37 -0.27
N THR E 233 -1.54 17.29 -1.09
CA THR E 233 -1.32 17.24 -2.54
C THR E 233 -0.38 18.33 -3.08
N ALA E 234 0.24 19.11 -2.19
CA ALA E 234 1.17 20.16 -2.59
C ALA E 234 0.59 21.21 -3.56
N ALA E 235 -0.71 21.46 -3.38
CA ALA E 235 -1.45 22.42 -4.19
C ALA E 235 -1.22 23.85 -3.69
N VAL E 236 -0.75 23.98 -2.45
CA VAL E 236 -0.53 25.29 -1.84
C VAL E 236 0.88 25.81 -2.07
N ARG E 237 0.98 27.05 -2.50
CA ARG E 237 2.29 27.67 -2.74
C ARG E 237 2.26 29.15 -2.42
N PRO E 238 3.41 29.68 -1.96
CA PRO E 238 3.47 31.11 -1.65
C PRO E 238 3.50 31.93 -2.94
N THR E 239 2.96 33.14 -2.88
CA THR E 239 2.94 34.01 -4.06
C THR E 239 2.87 35.49 -3.68
N LYS E 240 2.98 36.34 -4.70
CA LYS E 240 2.91 37.79 -4.52
C LYS E 240 1.79 38.34 -5.40
N LEU E 241 0.96 39.19 -4.84
CA LEU E 241 -0.15 39.74 -5.59
C LEU E 241 -0.29 41.23 -5.35
N GLU E 242 -0.54 41.98 -6.41
CA GLU E 242 -0.70 43.43 -6.31
C GLU E 242 -2.15 43.77 -5.98
N ILE E 243 -2.33 44.71 -5.05
CA ILE E 243 -3.67 45.13 -4.65
C ILE E 243 -3.68 46.63 -4.33
N GLY E 244 -4.40 47.40 -5.15
CA GLY E 244 -4.52 48.83 -4.96
C GLY E 244 -3.18 49.52 -4.76
N ASP E 245 -2.29 49.39 -5.73
CA ASP E 245 -0.97 50.02 -5.65
C ASP E 245 -0.15 49.37 -4.55
N LYS E 246 -0.60 48.22 -4.07
CA LYS E 246 0.09 47.52 -3.00
C LYS E 246 0.33 46.04 -3.32
N LYS E 247 1.59 45.63 -3.30
CA LYS E 247 1.95 44.23 -3.52
C LYS E 247 1.98 43.55 -2.15
N VAL E 248 1.43 42.34 -2.08
CA VAL E 248 1.40 41.60 -0.82
C VAL E 248 1.89 40.17 -0.97
N ASN E 249 2.39 39.61 0.13
CA ASN E 249 2.84 38.23 0.16
C ASN E 249 1.59 37.43 0.49
N THR E 250 1.20 36.54 -0.41
CA THR E 250 -0.02 35.76 -0.21
C THR E 250 0.14 34.28 -0.55
N ILE E 251 -0.97 33.62 -0.87
CA ILE E 251 -0.98 32.21 -1.19
C ILE E 251 -1.64 31.95 -2.52
N ALA E 252 -1.17 30.92 -3.20
CA ALA E 252 -1.77 30.48 -4.46
C ALA E 252 -2.11 29.00 -4.30
N ILE E 253 -3.27 28.61 -4.81
CA ILE E 253 -3.74 27.22 -4.74
C ILE E 253 -4.00 26.70 -6.14
N LYS E 254 -3.42 25.55 -6.47
CA LYS E 254 -3.65 24.93 -7.79
C LYS E 254 -4.96 24.15 -7.69
N ASN E 255 -6.05 24.78 -8.11
CA ASN E 255 -7.37 24.18 -7.99
C ASN E 255 -7.45 22.73 -8.46
N GLU E 256 -6.75 22.44 -9.55
CA GLU E 256 -6.76 21.10 -10.13
C GLU E 256 -6.05 20.07 -9.26
N ARG E 257 -5.28 20.54 -8.27
CA ARG E 257 -4.56 19.65 -7.37
C ARG E 257 -5.18 19.64 -5.97
N CYS E 258 -6.21 20.46 -5.77
CA CYS E 258 -6.89 20.56 -4.48
C CYS E 258 -8.05 19.57 -4.38
N MET E 259 -8.10 18.81 -3.28
CA MET E 259 -9.20 17.88 -3.04
C MET E 259 -10.01 18.28 -1.81
N TYR E 260 -9.99 19.59 -1.53
CA TYR E 260 -10.82 20.21 -0.50
C TYR E 260 -10.78 19.63 0.90
N CYS E 261 -9.63 19.09 1.29
CA CYS E 261 -9.50 18.49 2.62
C CYS E 261 -9.70 19.52 3.73
N GLY E 262 -9.44 20.79 3.41
CA GLY E 262 -9.59 21.91 4.33
C GLY E 262 -8.50 22.05 5.37
N ASN E 263 -7.42 21.30 5.22
CA ASN E 263 -6.34 21.35 6.20
C ASN E 263 -5.60 22.68 6.20
N CYS E 264 -5.54 23.35 5.05
CA CYS E 264 -4.84 24.62 4.98
C CYS E 264 -5.60 25.68 5.80
N TYR E 265 -6.93 25.54 5.88
CA TYR E 265 -7.75 26.45 6.67
C TYR E 265 -7.54 26.22 8.17
N THR E 266 -7.32 24.97 8.55
CA THR E 266 -7.06 24.63 9.92
C THR E 266 -5.83 25.43 10.38
N MET E 267 -4.84 25.51 9.49
CA MET E 267 -3.59 26.20 9.78
C MET E 267 -3.59 27.71 9.50
N CYS E 268 -4.42 28.16 8.58
CA CYS E 268 -4.45 29.57 8.20
C CYS E 268 -5.89 30.10 8.06
N PRO E 269 -6.29 30.99 8.98
CA PRO E 269 -7.63 31.60 9.06
C PRO E 269 -8.05 32.35 7.79
N ALA E 270 -7.07 32.70 6.96
CA ALA E 270 -7.34 33.42 5.72
C ALA E 270 -7.73 32.51 4.55
N LEU E 271 -7.93 31.23 4.83
CA LEU E 271 -8.26 30.25 3.79
C LEU E 271 -9.63 29.57 4.03
N PRO E 272 -10.66 30.35 4.39
CA PRO E 272 -12.00 29.77 4.66
C PRO E 272 -12.45 28.87 3.51
N ILE E 273 -13.12 27.77 3.85
CA ILE E 273 -13.53 26.79 2.85
C ILE E 273 -15.01 26.39 2.86
N SER E 274 -15.67 26.54 4.01
CA SER E 274 -17.07 26.09 4.12
C SER E 274 -17.99 26.63 3.02
N ASP E 275 -18.96 25.81 2.63
CA ASP E 275 -19.93 26.19 1.60
C ASP E 275 -21.24 25.43 1.80
N GLY E 276 -22.32 26.18 1.96
CA GLY E 276 -23.63 25.59 2.18
C GLY E 276 -24.05 24.56 1.14
N GLU E 277 -23.98 24.92 -0.12
CA GLU E 277 -24.39 24.03 -1.21
C GLU E 277 -23.31 23.01 -1.60
N GLY E 278 -22.05 23.39 -1.46
CA GLY E 278 -20.94 22.51 -1.81
C GLY E 278 -20.75 21.41 -0.78
N ASP E 279 -20.89 21.78 0.49
CA ASP E 279 -20.70 20.83 1.57
C ASP E 279 -21.73 19.71 1.62
N GLY E 280 -21.28 18.55 2.08
CA GLY E 280 -22.09 17.37 2.19
C GLY E 280 -21.43 16.35 3.09
N VAL E 281 -21.76 15.08 2.86
CA VAL E 281 -21.24 14.00 3.67
C VAL E 281 -20.91 12.80 2.78
N VAL E 282 -19.91 12.02 3.19
CA VAL E 282 -19.61 10.77 2.50
C VAL E 282 -19.94 9.68 3.49
N ILE E 283 -20.13 8.48 2.99
CA ILE E 283 -20.43 7.33 3.84
C ILE E 283 -19.33 6.31 3.61
N MET E 284 -18.75 5.83 4.69
CA MET E 284 -17.71 4.82 4.62
C MET E 284 -18.22 3.60 5.39
N VAL E 285 -17.90 2.40 4.91
CA VAL E 285 -18.34 1.19 5.60
C VAL E 285 -17.23 0.15 5.68
N GLY E 286 -17.40 -0.83 6.57
CA GLY E 286 -16.46 -1.94 6.63
C GLY E 286 -15.27 -1.88 7.55
N GLY E 287 -15.24 -0.94 8.47
CA GLY E 287 -14.14 -0.88 9.41
C GLY E 287 -14.45 -1.64 10.70
N LYS E 288 -13.42 -1.88 11.50
CA LYS E 288 -13.59 -2.55 12.79
C LYS E 288 -12.30 -2.50 13.59
N VAL E 289 -12.41 -2.38 14.91
CA VAL E 289 -11.24 -2.28 15.75
C VAL E 289 -10.85 -3.55 16.50
N SER E 290 -11.80 -4.45 16.66
CA SER E 290 -11.53 -5.71 17.37
C SER E 290 -10.62 -6.61 16.55
N ASN E 291 -9.89 -7.49 17.22
CA ASN E 291 -9.04 -8.46 16.54
C ASN E 291 -9.76 -9.79 16.38
N ARG E 292 -11.07 -9.80 16.66
CA ARG E 292 -11.87 -11.02 16.61
C ARG E 292 -12.07 -11.57 15.20
N ILE E 293 -11.54 -12.78 14.96
CA ILE E 293 -11.62 -13.47 13.66
C ILE E 293 -10.67 -12.85 12.63
N SER E 294 -10.99 -11.65 12.21
CA SER E 294 -10.14 -10.92 11.27
C SER E 294 -9.40 -9.79 11.99
N MET E 295 -8.34 -9.29 11.35
CA MET E 295 -7.60 -8.18 11.91
C MET E 295 -8.44 -6.90 11.79
N PRO E 296 -8.10 -5.86 12.57
CA PRO E 296 -8.87 -4.62 12.45
C PRO E 296 -8.85 -4.11 11.01
N LYS E 297 -9.90 -3.39 10.63
CA LYS E 297 -10.03 -2.85 9.28
C LYS E 297 -10.34 -1.36 9.29
N PHE E 298 -9.97 -0.69 8.21
CA PHE E 298 -10.31 0.72 8.00
C PHE E 298 -11.63 0.68 7.24
N SER E 299 -12.48 1.68 7.44
CA SER E 299 -13.72 1.77 6.69
C SER E 299 -13.38 2.32 5.30
N LYS E 300 -14.18 1.95 4.31
CA LYS E 300 -13.94 2.38 2.93
C LYS E 300 -15.06 3.26 2.39
N VAL E 301 -14.70 4.26 1.58
CA VAL E 301 -15.68 5.15 0.97
C VAL E 301 -16.56 4.40 -0.03
N VAL E 302 -17.87 4.39 0.20
CA VAL E 302 -18.82 3.74 -0.71
C VAL E 302 -19.84 4.71 -1.29
N VAL E 303 -19.98 5.88 -0.65
CA VAL E 303 -20.87 6.92 -1.15
C VAL E 303 -20.07 8.22 -1.16
N ALA E 304 -19.79 8.71 -2.36
CA ALA E 304 -18.96 9.91 -2.57
C ALA E 304 -19.59 11.22 -2.07
N TYR E 305 -20.91 11.31 -2.14
CA TYR E 305 -21.55 12.54 -1.71
C TYR E 305 -23.04 12.46 -1.45
N ILE E 306 -23.43 12.92 -0.26
CA ILE E 306 -24.82 13.04 0.12
C ILE E 306 -24.96 14.46 0.64
N PRO E 307 -25.87 15.24 0.07
CA PRO E 307 -25.99 16.64 0.53
C PRO E 307 -26.49 16.79 1.96
N ASN E 308 -26.15 17.92 2.58
CA ASN E 308 -26.65 18.22 3.92
C ASN E 308 -28.13 18.61 3.75
N GLU E 309 -29.00 18.01 4.56
CA GLU E 309 -30.43 18.31 4.50
C GLU E 309 -30.97 18.53 5.91
N PRO E 310 -30.54 19.61 6.58
CA PRO E 310 -31.07 19.81 7.93
C PRO E 310 -32.59 20.03 7.88
N PRO E 311 -33.29 19.62 8.94
CA PRO E 311 -32.64 19.11 10.15
C PRO E 311 -32.65 17.59 10.29
N ARG E 312 -33.29 16.89 9.36
CA ARG E 312 -33.38 15.43 9.49
C ARG E 312 -32.46 14.58 8.63
N TRP E 313 -31.78 15.21 7.65
CA TRP E 313 -30.86 14.48 6.77
C TRP E 313 -31.46 13.18 6.25
N PRO E 314 -32.66 13.26 5.65
CA PRO E 314 -33.35 12.07 5.14
C PRO E 314 -32.51 11.15 4.23
N SER E 315 -31.83 11.71 3.23
CA SER E 315 -31.02 10.88 2.34
C SER E 315 -29.98 10.09 3.11
N LEU E 316 -29.27 10.78 4.00
CA LEU E 316 -28.26 10.16 4.84
C LEU E 316 -28.88 8.97 5.60
N THR E 317 -29.88 9.24 6.43
CA THR E 317 -30.53 8.20 7.23
C THR E 317 -31.12 7.04 6.43
N LYS E 318 -31.80 7.35 5.34
CA LYS E 318 -32.40 6.32 4.49
C LYS E 318 -31.32 5.35 4.02
N THR E 319 -30.23 5.92 3.50
CA THR E 319 -29.11 5.15 2.99
C THR E 319 -28.47 4.26 4.07
N ILE E 320 -28.26 4.83 5.25
CA ILE E 320 -27.68 4.07 6.36
C ILE E 320 -28.54 2.86 6.75
N LYS E 321 -29.86 3.09 6.83
CA LYS E 321 -30.80 2.05 7.20
C LYS E 321 -30.80 0.91 6.18
N HIS E 322 -30.75 1.28 4.91
CA HIS E 322 -30.73 0.29 3.84
C HIS E 322 -29.46 -0.55 3.89
N ILE E 323 -28.32 0.07 4.16
CA ILE E 323 -27.06 -0.66 4.24
C ILE E 323 -27.13 -1.69 5.36
N ILE E 324 -27.67 -1.29 6.51
CA ILE E 324 -27.81 -2.21 7.64
C ILE E 324 -28.76 -3.35 7.28
N GLU E 325 -29.81 -3.02 6.53
CA GLU E 325 -30.79 -4.03 6.14
C GLU E 325 -30.14 -5.12 5.30
N VAL E 326 -29.44 -4.74 4.23
CA VAL E 326 -28.84 -5.77 3.37
C VAL E 326 -27.68 -6.51 4.03
N TYR E 327 -26.93 -5.83 4.87
CA TYR E 327 -25.89 -6.51 5.62
C TYR E 327 -26.55 -7.58 6.52
N SER E 328 -27.58 -7.18 7.27
CA SER E 328 -28.28 -8.06 8.19
C SER E 328 -28.91 -9.28 7.51
N ALA E 329 -29.47 -9.05 6.33
CA ALA E 329 -30.08 -10.13 5.56
C ALA E 329 -29.07 -11.08 4.92
N ASN E 330 -27.80 -10.68 4.84
CA ASN E 330 -26.81 -11.50 4.15
C ASN E 330 -25.63 -12.06 4.95
N ALA E 331 -25.15 -11.31 5.93
CA ALA E 331 -23.98 -11.76 6.67
C ALA E 331 -24.16 -12.98 7.58
N TYR E 332 -23.08 -13.72 7.80
CA TYR E 332 -23.10 -14.88 8.68
C TYR E 332 -23.05 -14.41 10.14
N LYS E 333 -23.37 -15.32 11.06
CA LYS E 333 -23.35 -14.97 12.48
C LYS E 333 -21.92 -14.59 12.86
N TYR E 334 -21.77 -13.55 13.67
CA TYR E 334 -20.47 -13.06 14.12
C TYR E 334 -19.71 -12.29 13.04
N GLU E 335 -20.25 -12.30 11.83
CA GLU E 335 -19.60 -11.64 10.70
C GLU E 335 -19.81 -10.13 10.66
N ARG E 336 -18.76 -9.38 10.91
CA ARG E 336 -18.83 -7.92 10.87
C ARG E 336 -19.10 -7.47 9.44
N LEU E 337 -19.67 -6.28 9.29
CA LEU E 337 -19.99 -5.75 7.96
C LEU E 337 -18.79 -5.76 7.01
N GLY E 338 -17.60 -5.41 7.52
CA GLY E 338 -16.40 -5.39 6.71
C GLY E 338 -15.97 -6.77 6.25
N GLU E 339 -16.12 -7.76 7.12
CA GLU E 339 -15.76 -9.13 6.81
C GLU E 339 -16.66 -9.67 5.71
N TRP E 340 -17.93 -9.32 5.80
CA TRP E 340 -18.94 -9.75 4.84
C TRP E 340 -18.66 -9.17 3.47
N ALA E 341 -18.50 -7.86 3.40
CA ALA E 341 -18.23 -7.16 2.14
C ALA E 341 -16.97 -7.72 1.47
N GLU E 342 -15.94 -8.00 2.26
CA GLU E 342 -14.69 -8.54 1.72
C GLU E 342 -14.84 -9.98 1.21
N ARG E 343 -15.56 -10.81 1.96
CA ARG E 343 -15.78 -12.19 1.57
C ARG E 343 -16.54 -12.33 0.25
N ILE E 344 -17.60 -11.55 0.08
CA ILE E 344 -18.42 -11.61 -1.13
C ILE E 344 -17.83 -10.83 -2.31
N GLY E 345 -16.87 -9.97 -2.01
CA GLY E 345 -16.27 -9.12 -3.02
C GLY E 345 -16.99 -7.78 -3.02
N TRP E 346 -16.23 -6.71 -3.07
CA TRP E 346 -16.86 -5.39 -3.05
C TRP E 346 -17.84 -5.16 -4.20
N GLU E 347 -17.65 -5.86 -5.32
CA GLU E 347 -18.56 -5.73 -6.47
C GLU E 347 -19.94 -6.32 -6.16
N ARG E 348 -19.98 -7.33 -5.29
CA ARG E 348 -21.24 -7.94 -4.90
C ARG E 348 -21.88 -7.08 -3.80
N PHE E 349 -21.03 -6.37 -3.05
CA PHE E 349 -21.55 -5.45 -2.04
C PHE E 349 -22.27 -4.30 -2.73
N PHE E 350 -21.71 -3.84 -3.85
CA PHE E 350 -22.32 -2.76 -4.60
C PHE E 350 -23.62 -3.19 -5.27
N SER E 351 -23.61 -4.37 -5.88
CA SER E 351 -24.82 -4.84 -6.55
C SER E 351 -25.97 -5.15 -5.56
N LEU E 352 -25.67 -5.79 -4.44
CA LEU E 352 -26.69 -6.11 -3.44
C LEU E 352 -27.29 -4.86 -2.79
N THR E 353 -26.45 -3.88 -2.50
CA THR E 353 -26.87 -2.63 -1.86
C THR E 353 -27.49 -1.67 -2.87
N GLY E 354 -27.15 -1.84 -4.15
CA GLY E 354 -27.65 -0.99 -5.21
C GLY E 354 -26.97 0.37 -5.22
N LEU E 355 -25.95 0.54 -4.39
CA LEU E 355 -25.21 1.80 -4.31
C LEU E 355 -24.52 2.03 -5.65
N GLU E 356 -24.50 3.28 -6.11
CA GLU E 356 -23.83 3.58 -7.39
C GLU E 356 -22.31 3.59 -7.22
N PHE E 357 -21.60 3.03 -8.18
CA PHE E 357 -20.14 3.05 -8.14
C PHE E 357 -19.65 4.16 -9.05
N SER E 358 -19.12 5.22 -8.47
CA SER E 358 -18.65 6.35 -9.27
C SER E 358 -17.12 6.42 -9.31
N HIS E 359 -16.60 7.23 -10.22
CA HIS E 359 -15.17 7.39 -10.37
C HIS E 359 -14.50 7.86 -9.10
N HIS E 360 -15.25 8.55 -8.23
CA HIS E 360 -14.72 9.04 -6.96
C HIS E 360 -14.19 7.95 -6.04
N LEU E 361 -14.80 6.76 -6.13
CA LEU E 361 -14.50 5.65 -5.22
C LEU E 361 -13.16 4.95 -5.46
N ILE E 362 -12.57 5.19 -6.62
CA ILE E 362 -11.29 4.59 -6.97
C ILE E 362 -10.14 5.39 -6.37
N ASP E 363 -9.38 4.78 -5.48
CA ASP E 363 -8.26 5.47 -4.83
C ASP E 363 -7.27 6.00 -5.87
N ASP E 364 -6.87 7.26 -5.70
CA ASP E 364 -5.89 7.88 -6.59
C ASP E 364 -4.81 8.62 -5.80
N PHE E 365 -4.73 8.33 -4.50
CA PHE E 365 -3.77 9.00 -3.62
C PHE E 365 -2.44 8.25 -3.46
N ARG E 366 -1.42 8.73 -4.17
CA ARG E 366 -0.06 8.18 -4.08
C ARG E 366 0.14 6.72 -4.49
N ASP E 367 1.30 6.17 -4.16
CA ASP E 367 1.66 4.79 -4.53
C ASP E 367 0.71 3.74 -3.97
N PRO E 368 0.19 3.95 -2.75
CA PRO E 368 -0.71 2.93 -2.20
C PRO E 368 -1.97 2.71 -3.04
N ALA E 369 -2.37 3.71 -3.80
CA ALA E 369 -3.61 3.60 -4.60
C ALA E 369 -3.61 2.37 -5.50
N TYR E 370 -2.47 2.05 -6.09
CA TYR E 370 -2.34 0.91 -6.99
C TYR E 370 -2.82 -0.39 -6.36
N TYR E 371 -2.49 -0.57 -5.08
CA TYR E 371 -2.82 -1.79 -4.35
C TYR E 371 -4.30 -1.97 -4.09
N THR E 372 -5.10 -0.94 -4.37
CA THR E 372 -6.54 -1.03 -4.18
C THR E 372 -7.24 -1.45 -5.47
N TRP E 373 -6.48 -1.42 -6.57
CA TRP E 373 -7.04 -1.80 -7.86
C TRP E 373 -7.07 -3.32 -7.94
N ARG E 374 -7.61 -3.86 -9.03
CA ARG E 374 -7.76 -5.31 -9.16
C ARG E 374 -6.74 -6.03 -10.04
N GLN E 375 -5.73 -6.62 -9.41
CA GLN E 375 -4.69 -7.34 -10.15
C GLN E 375 -4.96 -8.84 -10.19
N SER E 376 -6.08 -9.17 -10.83
CA SER E 376 -6.50 -10.56 -10.93
C SER E 376 -7.69 -10.62 -11.83
N THR E 377 -7.98 -11.81 -12.36
CA THR E 377 -9.15 -12.01 -13.20
C THR E 377 -10.29 -12.54 -12.32
N GLN E 378 -9.99 -12.74 -11.03
CA GLN E 378 -10.98 -13.19 -10.07
C GLN E 378 -11.98 -12.08 -9.75
N PHE E 379 -13.15 -12.13 -10.35
CA PHE E 379 -14.19 -11.13 -10.07
C PHE E 379 -15.54 -11.68 -10.52
N LYS E 380 -16.61 -11.23 -9.87
CA LYS E 380 -17.95 -11.66 -10.26
C LYS E 380 -18.55 -10.61 -11.19
N PHE E 381 -19.34 -11.06 -12.16
CA PHE E 381 -19.99 -10.14 -13.10
C PHE E 381 -21.14 -9.39 -12.42
N GLU F 3 -8.60 49.32 18.26
CA GLU F 3 -9.29 48.34 19.09
C GLU F 3 -8.96 48.57 20.57
N VAL F 4 -7.68 48.54 20.89
CA VAL F 4 -7.23 48.74 22.26
C VAL F 4 -6.25 49.91 22.34
N THR F 5 -6.38 50.73 23.36
CA THR F 5 -5.51 51.89 23.52
C THR F 5 -4.62 51.75 24.76
N TYR F 6 -3.41 52.31 24.67
CA TYR F 6 -2.46 52.25 25.77
C TYR F 6 -1.49 53.43 25.72
N LYS F 7 -1.38 54.15 26.83
CA LYS F 7 -0.50 55.32 26.94
C LYS F 7 -0.68 56.28 25.77
N GLY F 8 -1.93 56.48 25.35
CA GLY F 8 -2.25 57.39 24.27
C GLY F 8 -2.23 56.83 22.85
N LYS F 9 -1.70 55.62 22.68
CA LYS F 9 -1.63 55.00 21.36
C LYS F 9 -2.64 53.86 21.21
N SER F 10 -2.97 53.53 19.96
CA SER F 10 -3.94 52.48 19.67
C SER F 10 -3.31 51.20 19.09
N PHE F 11 -3.93 50.06 19.40
CA PHE F 11 -3.48 48.75 18.91
C PHE F 11 -4.66 47.95 18.36
N GLU F 12 -4.51 47.43 17.14
CA GLU F 12 -5.53 46.60 16.50
C GLU F 12 -5.29 45.15 16.95
N VAL F 13 -6.25 44.59 17.65
CA VAL F 13 -6.12 43.26 18.24
C VAL F 13 -7.37 42.39 18.00
N ASP F 14 -7.23 41.08 18.25
CA ASP F 14 -8.37 40.17 18.12
C ASP F 14 -8.97 39.84 19.49
N GLU F 15 -10.03 39.03 19.50
CA GLU F 15 -10.70 38.65 20.74
C GLU F 15 -9.74 38.01 21.76
N ASP F 16 -8.68 37.40 21.24
CA ASP F 16 -7.70 36.72 22.08
C ASP F 16 -6.60 37.66 22.60
N GLY F 17 -6.60 38.90 22.12
CA GLY F 17 -5.61 39.88 22.55
C GLY F 17 -4.32 39.79 21.78
N PHE F 18 -4.38 39.22 20.57
CA PHE F 18 -3.21 39.09 19.72
C PHE F 18 -3.21 40.21 18.69
N LEU F 19 -2.04 40.75 18.39
CA LEU F 19 -1.89 41.78 17.39
C LEU F 19 -2.23 41.19 16.03
N LEU F 20 -2.97 41.94 15.21
CA LEU F 20 -3.34 41.48 13.88
C LEU F 20 -2.14 41.59 12.94
N ARG F 21 -1.21 42.48 13.27
CA ARG F 21 -0.03 42.71 12.43
C ARG F 21 1.27 42.79 13.21
N PHE F 22 2.23 41.94 12.83
CA PHE F 22 3.55 41.93 13.45
C PHE F 22 4.18 43.32 13.41
N ASP F 23 3.96 44.01 12.30
CA ASP F 23 4.51 45.33 12.08
C ASP F 23 3.98 46.40 13.05
N ASP F 24 2.79 46.17 13.59
CA ASP F 24 2.18 47.11 14.53
C ASP F 24 2.78 46.98 15.93
N TRP F 25 3.73 46.06 16.08
CA TRP F 25 4.36 45.81 17.38
C TRP F 25 5.36 46.89 17.77
N CYS F 26 5.41 47.20 19.06
CA CYS F 26 6.39 48.13 19.61
C CYS F 26 6.67 47.73 21.05
N PRO F 27 7.81 48.19 21.60
CA PRO F 27 8.15 47.82 22.98
C PRO F 27 7.04 48.11 23.99
N GLU F 28 6.19 49.08 23.67
CA GLU F 28 5.09 49.46 24.56
C GLU F 28 4.01 48.39 24.62
N TRP F 29 3.86 47.63 23.54
CA TRP F 29 2.87 46.55 23.49
C TRP F 29 3.19 45.54 24.59
N VAL F 30 4.47 45.29 24.80
CA VAL F 30 4.92 44.36 25.83
C VAL F 30 4.46 44.79 27.22
N GLU F 31 4.59 46.09 27.51
CA GLU F 31 4.20 46.64 28.80
C GLU F 31 2.71 46.55 29.02
N TYR F 32 1.95 46.81 27.97
CA TYR F 32 0.50 46.78 28.04
C TYR F 32 -0.06 45.37 28.26
N VAL F 33 0.55 44.38 27.63
CA VAL F 33 0.10 42.99 27.69
C VAL F 33 0.55 42.18 28.91
N LYS F 34 1.76 42.43 29.38
CA LYS F 34 2.35 41.66 30.49
C LYS F 34 1.45 41.23 31.65
N GLU F 35 0.75 42.18 32.27
CA GLU F 35 -0.12 41.84 33.39
C GLU F 35 -1.12 40.76 33.02
N SER F 36 -1.76 40.93 31.87
CA SER F 36 -2.74 39.95 31.41
C SER F 36 -2.12 38.58 31.24
N GLU F 37 -0.79 38.53 31.14
CA GLU F 37 -0.08 37.26 30.97
C GLU F 37 0.69 36.83 32.21
N GLY F 38 0.27 37.33 33.38
CA GLY F 38 0.87 37.00 34.66
C GLY F 38 2.29 37.47 34.86
N ILE F 39 2.66 38.57 34.21
CA ILE F 39 4.01 39.13 34.33
C ILE F 39 3.96 40.58 34.82
N SER F 40 4.76 40.89 35.83
CA SER F 40 4.82 42.24 36.38
C SER F 40 6.04 43.01 35.86
N ASP F 41 7.19 42.34 35.86
CA ASP F 41 8.42 42.96 35.36
C ASP F 41 9.06 42.15 34.23
N ILE F 42 9.40 42.84 33.15
CA ILE F 42 10.04 42.22 32.00
C ILE F 42 11.55 42.16 32.21
N SER F 43 12.05 41.01 32.65
CA SER F 43 13.48 40.83 32.89
C SER F 43 14.24 40.64 31.58
N PRO F 44 15.57 40.44 31.66
CA PRO F 44 16.39 40.24 30.46
C PRO F 44 16.15 38.86 29.86
N ASP F 45 15.71 37.92 30.70
CA ASP F 45 15.41 36.57 30.23
C ASP F 45 14.12 36.61 29.42
N HIS F 46 13.20 37.48 29.82
CA HIS F 46 11.96 37.67 29.09
C HIS F 46 12.32 38.21 27.71
N GLN F 47 13.09 39.29 27.70
CA GLN F 47 13.52 39.95 26.48
C GLN F 47 14.26 39.02 25.53
N LYS F 48 15.07 38.12 26.10
CA LYS F 48 15.84 37.18 25.31
C LYS F 48 14.91 36.28 24.50
N ILE F 49 13.88 35.78 25.17
CA ILE F 49 12.89 34.92 24.54
C ILE F 49 12.12 35.70 23.48
N ILE F 50 11.70 36.91 23.82
CA ILE F 50 10.94 37.76 22.90
C ILE F 50 11.78 38.07 21.65
N ASP F 51 13.05 38.41 21.89
CA ASP F 51 13.96 38.73 20.79
C ASP F 51 14.11 37.54 19.84
N PHE F 52 14.31 36.35 20.42
CA PHE F 52 14.48 35.15 19.62
C PHE F 52 13.29 34.89 18.71
N LEU F 53 12.10 34.90 19.28
CA LEU F 53 10.88 34.69 18.51
C LEU F 53 10.81 35.65 17.33
N GLN F 54 11.08 36.92 17.60
CA GLN F 54 11.05 37.94 16.56
C GLN F 54 12.10 37.70 15.47
N ASP F 55 13.33 37.36 15.88
CA ASP F 55 14.39 37.07 14.91
C ASP F 55 13.99 35.89 14.04
N TYR F 56 13.60 34.79 14.69
CA TYR F 56 13.17 33.57 13.99
C TYR F 56 12.02 33.83 13.02
N TYR F 57 11.02 34.58 13.46
CA TYR F 57 9.87 34.89 12.61
C TYR F 57 10.27 35.73 11.40
N LYS F 58 11.04 36.79 11.63
CA LYS F 58 11.47 37.66 10.52
C LYS F 58 12.26 36.85 9.49
N LYS F 59 13.06 35.92 9.97
CA LYS F 59 13.91 35.10 9.13
C LYS F 59 13.22 33.92 8.46
N ASN F 60 12.29 33.27 9.18
CA ASN F 60 11.64 32.07 8.68
C ASN F 60 10.16 32.13 8.31
N GLY F 61 9.45 33.17 8.72
CA GLY F 61 8.03 33.29 8.39
C GLY F 61 7.15 32.38 9.23
N ILE F 62 7.76 31.73 10.23
CA ILE F 62 7.04 30.84 11.13
C ILE F 62 7.56 31.01 12.55
N ALA F 63 6.76 30.59 13.52
CA ALA F 63 7.18 30.62 14.91
C ALA F 63 8.07 29.39 15.13
N PRO F 64 9.10 29.51 15.96
CA PRO F 64 9.90 28.29 16.08
C PRO F 64 9.22 27.21 16.91
N MET F 65 9.58 25.95 16.67
CA MET F 65 9.06 24.84 17.44
C MET F 65 9.59 25.02 18.86
N VAL F 66 8.84 24.52 19.85
CA VAL F 66 9.22 24.63 21.25
C VAL F 66 10.65 24.15 21.53
N ARG F 67 11.04 23.06 20.90
CA ARG F 67 12.36 22.49 21.11
C ARG F 67 13.45 23.39 20.54
N ILE F 68 13.07 24.18 19.53
CA ILE F 68 14.00 25.09 18.89
C ILE F 68 14.16 26.33 19.76
N LEU F 69 13.05 26.76 20.36
CA LEU F 69 13.07 27.91 21.25
C LEU F 69 13.97 27.59 22.42
N SER F 70 13.78 26.41 22.99
CA SER F 70 14.56 25.96 24.13
C SER F 70 16.05 25.83 23.81
N LYS F 71 16.37 25.20 22.68
CA LYS F 71 17.76 25.00 22.28
C LYS F 71 18.52 26.30 22.04
N ASN F 72 17.94 27.18 21.23
CA ASN F 72 18.56 28.45 20.89
C ASN F 72 18.61 29.39 22.10
N THR F 73 17.53 29.35 22.89
CA THR F 73 17.38 30.20 24.06
C THR F 73 18.13 29.71 25.30
N GLY F 74 18.31 28.39 25.39
CA GLY F 74 18.98 27.79 26.52
C GLY F 74 18.02 27.57 27.66
N PHE F 75 16.79 28.08 27.50
CA PHE F 75 15.77 27.95 28.53
C PHE F 75 14.97 26.66 28.36
N LYS F 76 15.06 25.77 29.33
CA LYS F 76 14.28 24.54 29.30
C LYS F 76 12.81 24.94 29.41
N LEU F 77 11.92 24.03 29.03
CA LEU F 77 10.48 24.32 29.07
C LEU F 77 9.99 24.81 30.43
N LYS F 78 10.49 24.20 31.50
CA LYS F 78 10.12 24.60 32.85
C LYS F 78 10.44 26.10 33.04
N GLU F 79 11.66 26.47 32.66
CA GLU F 79 12.11 27.87 32.77
C GLU F 79 11.23 28.79 31.95
N VAL F 80 10.88 28.36 30.74
CA VAL F 80 10.02 29.16 29.88
C VAL F 80 8.68 29.47 30.55
N TYR F 81 8.11 28.47 31.22
CA TYR F 81 6.83 28.65 31.89
C TYR F 81 6.92 29.53 33.13
N GLU F 82 8.11 29.57 33.75
CA GLU F 82 8.34 30.42 34.91
C GLU F 82 8.34 31.88 34.47
N LEU F 83 8.89 32.14 33.28
CA LEU F 83 8.93 33.47 32.71
C LEU F 83 7.56 33.84 32.14
N PHE F 84 6.99 32.93 31.36
CA PHE F 84 5.69 33.13 30.74
C PHE F 84 4.72 32.04 31.21
N PRO F 85 3.94 32.33 32.25
CA PRO F 85 2.96 31.45 32.92
C PRO F 85 1.98 30.75 31.99
N SER F 86 1.52 31.44 30.95
CA SER F 86 0.56 30.88 30.00
C SER F 86 1.24 30.10 28.86
N GLY F 87 2.57 30.04 28.91
CA GLY F 87 3.35 29.30 27.94
C GLY F 87 3.97 30.12 26.82
N PRO F 88 4.73 29.46 25.94
CA PRO F 88 5.42 30.05 24.79
C PRO F 88 4.47 30.53 23.70
N GLY F 89 3.30 29.90 23.62
CA GLY F 89 2.31 30.28 22.62
C GLY F 89 1.46 31.47 23.03
N LYS F 90 0.54 31.24 23.96
CA LYS F 90 -0.35 32.29 24.44
C LYS F 90 0.40 33.44 25.12
N GLY F 91 1.52 33.13 25.76
CA GLY F 91 2.31 34.13 26.44
C GLY F 91 3.36 34.83 25.60
N ALA F 92 4.49 34.15 25.36
CA ALA F 92 5.59 34.74 24.60
C ALA F 92 5.26 35.16 23.17
N CYS F 93 4.51 34.33 22.45
CA CYS F 93 4.16 34.69 21.08
C CYS F 93 3.28 35.93 21.04
N LYS F 94 2.32 36.01 21.95
CA LYS F 94 1.42 37.17 22.01
C LYS F 94 2.21 38.44 22.29
N MET F 95 3.04 38.38 23.33
CA MET F 95 3.87 39.51 23.74
C MET F 95 4.93 39.86 22.70
N ALA F 96 5.36 38.88 21.91
CA ALA F 96 6.36 39.10 20.87
C ALA F 96 5.74 39.65 19.58
N GLY F 97 4.43 39.58 19.47
CA GLY F 97 3.71 40.09 18.30
C GLY F 97 3.59 39.13 17.12
N LEU F 98 3.87 37.85 17.34
CA LEU F 98 3.76 36.84 16.29
C LEU F 98 2.30 36.46 16.03
N PRO F 99 2.02 35.83 14.87
CA PRO F 99 0.61 35.48 14.63
C PRO F 99 0.13 34.45 15.64
N LYS F 100 -1.17 34.46 15.92
CA LYS F 100 -1.76 33.54 16.88
C LYS F 100 -1.53 32.08 16.46
N PRO F 101 -1.18 31.21 17.41
CA PRO F 101 -0.96 29.80 17.11
C PRO F 101 -2.24 29.16 16.57
N THR F 102 -2.09 28.32 15.55
CA THR F 102 -3.24 27.66 14.93
C THR F 102 -3.09 26.14 14.96
N GLY F 103 -4.14 25.44 14.55
CA GLY F 103 -4.16 24.00 14.57
C GLY F 103 -5.06 23.56 15.70
N CYS F 104 -5.00 22.28 16.06
CA CYS F 104 -5.83 21.78 17.15
C CYS F 104 -5.12 21.99 18.48
N VAL F 105 -5.16 23.25 18.92
CA VAL F 105 -4.51 23.70 20.14
C VAL F 105 -5.39 23.44 21.36
FE1 SF4 G . -2.20 -22.31 -20.08
FE2 SF4 G . -3.19 -21.17 -22.24
FE3 SF4 G . -4.83 -21.55 -20.01
FE4 SF4 G . -4.06 -23.60 -21.55
S1 SF4 G . -5.39 -21.85 -22.23
S2 SF4 G . -3.95 -23.56 -19.28
S3 SF4 G . -1.90 -23.09 -22.22
S4 SF4 G . -3.01 -20.16 -20.18
FE1 SF4 H . -12.92 -21.38 -9.00
FE2 SF4 H . -15.45 -20.93 -9.96
FE3 SF4 H . -15.12 -22.03 -7.59
FE4 SF4 H . -14.50 -23.46 -9.81
S1 SF4 H . -16.60 -22.76 -9.17
S2 SF4 H . -13.27 -23.39 -7.89
S3 SF4 H . -13.66 -21.76 -11.13
S4 SF4 H . -14.48 -19.90 -8.17
C1 SH0 I . 2.74 -22.05 -17.27
C2 SH0 I . 3.28 -20.95 -16.42
C3 SH0 I . 2.20 -20.80 -15.44
C4 SH0 I . 1.63 -22.18 -15.36
C5 SH0 I . 0.19 -22.32 -14.99
C6 SH0 I . -1.85 -24.94 -15.86
C7 SH0 I . -2.15 -25.08 -14.42
C8 SH0 I . -1.55 -23.85 -13.87
C9 SH0 I . -0.41 -23.66 -14.81
C10 SH0 I . -1.94 -26.20 -16.68
C11 SH0 I . -1.42 -26.44 -17.91
C12 SH0 I . -1.91 -27.53 -18.81
O12 SH0 I . 6.40 -19.08 -16.28
C13 SH0 I . -0.61 -27.86 -19.52
O13 SH0 I . 0.98 -19.88 -11.52
C14 SH0 I . 0.12 -26.57 -19.37
C15 SH0 I . 1.27 -26.24 -20.24
C16 SH0 I . 2.09 -25.18 -20.11
C17 SH0 I . 3.09 -24.78 -21.15
O17 SH0 I . -3.57 -28.20 -13.22
C18 SH0 I . 4.14 -24.12 -20.26
O18 SH0 I . -1.74 -22.74 -9.64
C19 SH0 I . 3.28 -23.70 -19.09
O1L SH0 I . -2.87 -28.62 -21.53
O1M SH0 I . 1.67 -29.91 -15.71
O1Q SH0 I . 4.35 -23.45 -23.25
O1R SH0 I . 7.06 -26.46 -17.52
C20 SH0 I . 3.67 -22.83 -18.13
N21 SH0 I . 1.95 -22.84 -16.50
N22 SH0 I . -0.68 -24.28 -15.98
O22 SH0 I . 5.66 -20.80 -15.20
N23 SH0 I . -0.34 -25.85 -18.43
O23 SH0 I . 2.96 -18.96 -11.19
N24 SH0 I . 2.14 -24.38 -19.06
O27 SH0 I . -1.49 -27.48 -13.36
O28 SH0 I . -1.65 -24.92 -9.43
C2A SH0 I . 4.23 -19.85 -16.85
C2B SH0 I . 5.52 -19.93 -16.06
O2L SH0 I . -4.65 -28.58 -20.24
O2M SH0 I . 2.61 -29.86 -17.65
O2Q SH0 I . 2.57 -22.32 -23.87
O2R SH0 I . 8.12 -26.07 -19.39
C31 SH0 I . 2.11 -19.75 -14.34
C32 SH0 I . 2.74 -20.34 -13.08
C33 SH0 I . 2.18 -19.68 -11.84
C41 SH0 I . -1.74 -23.24 -12.50
C42 SH0 I . -0.90 -24.00 -11.48
C43 SH0 I . -1.48 -23.89 -10.09
C51 SH0 I . 0.17 -28.98 -18.82
C52 SH0 I . 0.61 -28.58 -17.41
C53 SH0 I . 1.70 -29.51 -16.88
C61 SH0 I . 5.07 -25.22 -19.75
C62 SH0 I . 6.20 -24.71 -18.87
C63 SH0 I . 7.19 -25.83 -18.58
C7A SH0 I . -3.26 -25.92 -13.80
C7B SH0 I . -2.72 -27.29 -13.44
C81 SH0 I . -2.93 -26.98 -19.81
C82 SH0 I . -3.52 -28.14 -20.58
C86 SH0 I . 2.32 -23.83 -22.08
C87 SH0 I . 3.14 -23.16 -23.14
CMA SH0 I . -2.47 -28.74 -18.05
CMB SH0 I . 3.64 -26.02 -21.89
FE1 SF4 J . 20.92 -7.51 -17.16
FE2 SF4 J . 18.23 -8.22 -16.89
FE3 SF4 J . 19.58 -7.16 -14.81
FE4 SF4 J . 20.27 -9.57 -15.65
S1 SF4 J . 18.22 -9.01 -14.72
S2 SF4 J . 21.73 -7.92 -15.04
S3 SF4 J . 19.90 -9.43 -17.93
S4 SF4 J . 19.12 -6.11 -16.80
FE1 SF4 K . 22.00 4.95 -7.96
FE2 SF4 K . 19.98 5.82 -6.41
FE3 SF4 K . 21.94 4.30 -5.26
FE4 SF4 K . 20.07 3.21 -7.05
S1 SF4 K . 19.68 4.05 -4.95
S2 SF4 K . 22.37 2.88 -7.03
S3 SF4 K . 19.76 4.95 -8.53
S4 SF4 K . 22.19 6.40 -6.20
FE SRM L . 15.04 -7.04 -19.61
CHA SRM L . 16.56 -4.17 -19.62
CHB SRM L . 17.62 -8.71 -20.53
CHC SRM L . 13.04 -9.55 -20.58
CHD SRM L . 12.81 -6.06 -17.16
NA SRM L . 16.81 -6.49 -20.04
C1A SRM L . 17.27 -5.22 -20.06
C2A SRM L . 18.68 -5.13 -20.67
CMA SRM L . 18.56 -4.66 -22.11
CDA SRM L . 19.74 -4.39 -19.83
CEA SRM L . 20.39 -3.18 -20.49
O3A SRM L . 20.87 -3.24 -21.64
O4A SRM L . 20.46 -2.12 -19.81
C3A SRM L . 19.09 -6.59 -20.64
CAA SRM L . 19.76 -7.01 -21.95
CBA SRM L . 20.45 -8.35 -21.83
CCA SRM L . 21.50 -8.56 -22.90
O1A SRM L . 22.69 -8.41 -22.57
O2A SRM L . 21.15 -8.86 -24.06
C4A SRM L . 17.77 -7.26 -20.39
NB SRM L . 15.27 -8.67 -20.55
C1B SRM L . 16.44 -9.24 -20.85
C2B SRM L . 16.33 -10.62 -21.47
CMB SRM L . 17.32 -10.77 -22.64
CDB SRM L . 16.62 -11.61 -20.34
CEB SRM L . 16.80 -13.03 -20.87
O3B SRM L . 17.95 -13.53 -20.88
O4B SRM L . 15.78 -13.66 -21.24
C3B SRM L . 14.86 -10.62 -21.88
CAB SRM L . 14.65 -10.20 -23.33
CBB SRM L . 14.98 -11.29 -24.37
CCB SRM L . 13.95 -11.31 -25.49
O1B SRM L . 14.00 -10.45 -26.39
O2B SRM L . 13.08 -12.20 -25.48
C4B SRM L . 14.32 -9.53 -20.98
NC SRM L . 13.16 -7.72 -18.96
C1C SRM L . 12.53 -8.85 -19.37
C2C SRM L . 11.21 -9.10 -18.72
CDC SRM L . 10.28 -10.28 -18.86
CEC SRM L . 9.49 -10.31 -20.15
O3C SRM L . 9.66 -9.43 -21.01
O4C SRM L . 8.68 -11.26 -20.30
C3C SRM L . 11.17 -8.05 -17.66
CAC SRM L . 10.15 -7.85 -16.54
CBC SRM L . 8.80 -7.30 -17.04
CCC SRM L . 8.96 -5.85 -17.44
O1C SRM L . 8.93 -5.56 -18.66
O2C SRM L . 9.15 -4.99 -16.56
C4C SRM L . 12.40 -7.26 -17.94
ND SRM L . 14.72 -5.28 -18.52
C1D SRM L . 13.76 -5.03 -17.62
C2D SRM L . 13.92 -3.71 -16.95
CAD SRM L . 13.03 -3.10 -15.90
CBD SRM L . 11.84 -2.42 -16.60
CCD SRM L . 11.03 -1.68 -15.55
O1D SRM L . 10.02 -1.04 -15.91
O2D SRM L . 11.42 -1.71 -14.36
C3D SRM L . 15.04 -3.09 -17.68
CDD SRM L . 15.66 -1.74 -17.36
CED SRM L . 15.26 -0.68 -18.35
O3D SRM L . 15.98 0.35 -18.37
O4D SRM L . 14.26 -0.84 -19.09
C4D SRM L . 15.51 -4.20 -18.57
S SO3 M . 14.30 -5.95 -21.64
O1 SO3 M . 12.89 -6.17 -21.84
O2 SO3 M . 14.90 -6.36 -22.98
O3 SO3 M . 14.33 -4.43 -21.84
FE1 SF4 N . -13.03 -4.72 26.55
FE2 SF4 N . -11.19 -4.40 28.34
FE3 SF4 N . -11.14 -6.66 26.69
FE4 SF4 N . -12.92 -6.46 28.68
S1 SF4 N . -10.64 -6.55 28.94
S2 SF4 N . -13.40 -6.96 26.46
S3 SF4 N . -13.43 -4.21 28.73
S4 SF4 N . -10.80 -4.47 26.05
FE1 SF4 O . -9.09 -17.10 18.24
FE2 SF4 O . -7.15 -18.64 19.51
FE3 SF4 O . -8.78 -19.63 17.57
FE4 SF4 O . -9.76 -19.02 19.97
S1 SF4 O . -8.23 -20.67 19.55
S2 SF4 O . -10.81 -18.63 17.96
S3 SF4 O . -8.57 -17.11 20.47
S4 SF4 O . -7.20 -18.00 17.28
C1 SH0 P . -16.18 -1.61 22.96
C2 SH0 P . -15.75 -0.97 21.68
C3 SH0 P . -15.29 -2.14 20.91
C4 SH0 P . -16.13 -3.23 21.45
C5 SH0 P . -15.56 -4.60 21.46
C6 SH0 P . -16.46 -7.17 23.56
C7 SH0 P . -16.70 -7.97 22.33
C8 SH0 P . -16.16 -7.09 21.27
C9 SH0 P . -16.41 -5.75 21.86
C10 SH0 P . -17.29 -7.51 24.76
C11 SH0 P . -17.51 -6.77 25.87
C12 SH0 P . -17.99 -7.35 27.18
O12 SH0 P . -15.87 2.39 20.27
C13 SH0 P . -18.80 -6.19 27.69
O13 SH0 P . -14.63 -4.03 17.26
C14 SH0 P . -18.15 -5.05 26.95
C15 SH0 P . -18.26 -3.66 27.42
C16 SH0 P . -17.87 -2.56 26.76
C17 SH0 P . -17.87 -1.19 27.37
O17 SH0 P . -18.80 -10.89 22.61
C18 SH0 P . -18.06 -0.35 26.11
O18 SH0 P . -16.05 -8.25 17.06
C19 SH0 P . -17.52 -1.27 25.06
O1L SH0 P . -17.84 -7.68 30.24
O1M SH0 P . -22.39 -6.37 24.38
O1Q SH0 P . -16.97 1.20 28.48
O1R SH0 P . -22.05 0.28 23.70
C20 SH0 P . -17.18 -0.90 23.80
N21 SH0 P . -16.56 -2.88 22.68
N22 SH0 P . -16.49 -5.86 23.20
O22 SH0 P . -17.13 0.61 20.00
N23 SH0 P . -17.49 -5.44 25.93
O23 SH0 P . -15.14 -2.17 16.18
N24 SH0 P . -17.47 -2.53 25.49
O27 SH0 P . -19.26 -8.81 22.07
O28 SH0 P . -18.02 -9.04 17.54
C2A SH0 P . -15.29 0.47 21.52
C2B SH0 P . -16.16 1.20 20.52
O2L SH0 P . -17.09 -9.57 29.39
O2M SH0 P . -22.52 -5.06 26.11
O2Q SH0 P . -15.02 0.42 29.11
O2R SH0 P . -21.83 1.87 25.20
C31 SH0 P . -14.60 -2.11 19.55
C32 SH0 P . -15.68 -2.27 18.49
C33 SH0 P . -15.10 -2.87 17.23
C41 SH0 P . -15.87 -7.44 19.82
C42 SH0 P . -17.16 -7.39 19.02
C43 SH0 P . -17.07 -8.29 17.79
C51 SH0 P . -20.26 -6.29 27.25
C52 SH0 P . -20.44 -6.18 25.74
C53 SH0 P . -21.87 -5.85 25.38
C61 SH0 P . -19.57 -0.25 25.85
C62 SH0 P . -19.89 0.61 24.61
C63 SH0 P . -21.36 0.93 24.51
C7A SH0 P . -16.96 -9.46 22.24
C7B SH0 P . -18.44 -9.73 22.30
C81 SH0 P . -16.79 -7.60 28.11
C82 SH0 P . -17.27 -8.34 29.33
C86 SH0 P . -16.49 -1.09 28.03
C87 SH0 P . -16.14 0.28 28.58
CMA SH0 P . -18.84 -8.61 26.99
CMB SH0 P . -19.03 -1.02 28.35
FE1 SF4 Q . -13.96 19.93 14.15
FE2 SF4 Q . -13.17 17.24 14.67
FE3 SF4 Q . -13.38 18.18 12.12
FE4 SF4 Q . -15.58 17.94 13.59
S1 SF4 Q . -14.24 16.20 12.92
S2 SF4 Q . -15.12 19.70 12.18
S3 SF4 Q . -14.84 18.46 15.71
S4 SF4 Q . -11.91 18.93 13.70
FE1 SF4 R . -5.96 23.21 1.20
FE2 SF4 R . -4.45 21.39 -0.16
FE3 SF4 R . -6.94 21.97 -1.03
FE4 SF4 R . -6.58 20.57 1.31
S1 SF4 R . -6.05 19.85 -0.81
S2 SF4 R . -8.07 22.30 0.95
S3 SF4 R . -4.66 21.56 2.13
S4 SF4 R . -5.19 23.42 -0.95
FE SRM S . -9.95 16.10 17.37
CHA SRM S . -8.40 18.63 16.09
CHB SRM S . -12.52 17.78 18.27
CHC SRM S . -10.76 13.65 19.50
CHD SRM S . -8.50 13.86 15.20
NA SRM S . -10.35 17.95 17.23
C1A SRM S . -9.55 18.91 16.72
C2A SRM S . -10.09 20.31 16.96
CMA SRM S . -9.34 20.92 18.14
CDA SRM S . -10.20 21.23 15.74
CEA SRM S . -9.42 22.55 15.80
O3A SRM S . -9.52 23.31 16.81
O4A SRM S . -8.70 22.86 14.82
C3A SRM S . -11.52 19.98 17.36
CAA SRM S . -11.95 20.80 18.59
CBA SRM S . -13.45 20.71 18.81
CCA SRM S . -13.95 21.85 19.67
O1A SRM S . -14.53 22.79 19.09
O2A SRM S . -13.77 21.81 20.91
C4A SRM S . -11.44 18.50 17.62
NB SRM S . -11.25 15.87 18.75
C1B SRM S . -12.29 16.68 18.98
C2B SRM S . -13.23 16.19 20.05
CMB SRM S . -13.64 17.32 20.99
CDB SRM S . -14.44 15.61 19.32
CEB SRM S . -15.60 15.31 20.24
O3B SRM S . -16.62 16.02 20.19
O4B SRM S . -15.51 14.32 21.01
C3B SRM S . -12.38 15.09 20.70
CAB SRM S . -11.63 15.57 21.95
CBB SRM S . -12.50 15.72 23.20
CCB SRM S . -11.77 15.22 24.43
O1B SRM S . -10.87 15.92 24.94
O2B SRM S . -12.10 14.11 24.92
C4B SRM S . -11.37 14.84 19.61
NC SRM S . -9.66 14.02 17.37
C1C SRM S . -10.19 13.13 18.24
C2C SRM S . -9.82 11.72 17.98
CDC SRM S . -10.27 10.47 18.70
CEC SRM S . -9.65 10.23 20.06
O3C SRM S . -8.83 11.05 20.53
O4C SRM S . -9.98 9.18 20.67
C3C SRM S . -9.14 11.80 16.66
CAC SRM S . -8.65 10.67 15.76
CBC SRM S . -7.39 9.99 16.29
CCC SRM S . -6.20 10.90 16.14
O1C SRM S . -5.69 11.39 17.16
O2C SRM S . -5.76 11.14 15.01
C4C SRM S . -9.10 13.25 16.41
ND SRM S . -8.56 16.26 15.82
C1D SRM S . -8.05 15.27 15.06
C2D SRM S . -7.17 15.74 13.96
CAD SRM S . -6.40 14.92 12.95
CBD SRM S . -5.10 14.45 13.58
CCD SRM S . -4.27 13.72 12.54
O1D SRM S . -3.12 13.30 12.83
O2D SRM S . -4.77 13.56 11.41
C3D SRM S . -7.09 17.20 14.21
CDD SRM S . -6.35 18.20 13.36
CED SRM S . -5.05 18.68 13.97
O3D SRM S . -4.60 19.77 13.56
O4D SRM S . -4.50 17.97 14.83
C4D SRM S . -8.07 17.39 15.32
S SO3 T . -8.24 16.67 18.99
O1 SO3 T . -7.66 15.47 19.52
O2 SO3 T . -8.65 17.44 20.25
O3 SO3 T . -6.97 17.43 18.65
#